data_5CY9
# 
_entry.id   5CY9 
# 
_audit_conform.dict_name       mmcif_pdbx.dic 
_audit_conform.dict_version    5.380 
_audit_conform.dict_location   http://mmcif.pdb.org/dictionaries/ascii/mmcif_pdbx.dic 
# 
loop_
_database_2.database_id 
_database_2.database_code 
_database_2.pdbx_database_accession 
_database_2.pdbx_DOI 
PDB   5CY9         pdb_00005cy9 10.2210/pdb5cy9/pdb 
WWPDB D_1000212364 ?            ?                   
# 
loop_
_pdbx_database_related.db_name 
_pdbx_database_related.details 
_pdbx_database_related.db_id 
_pdbx_database_related.content_type 
PDB . 5CP5 unspecified 
PDB . 5CPE unspecified 
PDB . 5COI unspecified 
PDB . 5CQT unspecified 
PDB . 5CRM unspecified 
PDB . 5CRZ unspecified 
PDB . 5CS8 unspecified 
PDB . 5CTL unspecified 
PDB . 5D0C unspecified 
# 
_pdbx_database_status.status_code                     REL 
_pdbx_database_status.status_code_sf                  REL 
_pdbx_database_status.status_code_mr                  ? 
_pdbx_database_status.entry_id                        5CY9 
_pdbx_database_status.recvd_initial_deposition_date   2015-07-30 
_pdbx_database_status.SG_entry                        N 
_pdbx_database_status.deposit_site                    RCSB 
_pdbx_database_status.process_site                    PDBJ 
_pdbx_database_status.status_code_cs                  ? 
_pdbx_database_status.methods_development_category    ? 
_pdbx_database_status.pdb_format_compatible           Y 
_pdbx_database_status.status_code_nmr_data            ? 
# 
loop_
_audit_author.name 
_audit_author.pdbx_ordinal 
'Zhang, Y.' 1 
'Song, M.'  2 
'Liu, Z.'   3 
'Xue, X.'   4 
'Xu, Y.'    5 
# 
_citation.abstract                  ? 
_citation.abstract_id_CAS           ? 
_citation.book_id_ISBN              ? 
_citation.book_publisher            ? 
_citation.book_publisher_city       ? 
_citation.book_title                ? 
_citation.coordinate_linkage        ? 
_citation.country                   US 
_citation.database_id_Medline       ? 
_citation.details                   ? 
_citation.id                        primary 
_citation.journal_abbrev            J.Med.Chem. 
_citation.journal_id_ASTM           JMCMAR 
_citation.journal_id_CSD            0151 
_citation.journal_id_ISSN           0022-2623 
_citation.journal_full              ? 
_citation.journal_issue             ? 
_citation.journal_volume            59 
_citation.language                  ? 
_citation.page_first                1565 
_citation.page_last                 1579 
_citation.title                     
;Discovery of Benzo[cd]indol-2(1H)-ones as Potent and Specific BET Bromodomain Inhibitors: Structure-Based Virtual Screening, Optimization, and Biological Evaluation
;
_citation.year                      2016 
_citation.database_id_CSD           ? 
_citation.pdbx_database_id_DOI      10.1021/acs.jmedchem.5b01511 
_citation.pdbx_database_id_PubMed   26731490 
_citation.unpublished_flag          ? 
# 
loop_
_citation_author.citation_id 
_citation_author.name 
_citation_author.ordinal 
_citation_author.identifier_ORCID 
primary 'Xue, X.'   1  ? 
primary 'Zhang, Y.' 2  ? 
primary 'Liu, Z.'   3  ? 
primary 'Song, M.'  4  ? 
primary 'Xing, Y.'  5  ? 
primary 'Xiang, Q.' 6  ? 
primary 'Wang, Z.'  7  ? 
primary 'Tu, Z.'    8  ? 
primary 'Zhou, Y.'  9  ? 
primary 'Ding, K.'  10 ? 
primary 'Xu, Y.'    11 ? 
# 
_cell.entry_id           5CY9 
_cell.length_a           54.050 
_cell.length_b           54.050 
_cell.length_c           50.690 
_cell.angle_alpha        90.00 
_cell.angle_beta         90.00 
_cell.angle_gamma        120.00 
_cell.Z_PDB              3 
_cell.pdbx_unique_axis   ? 
# 
_symmetry.entry_id                         5CY9 
_symmetry.space_group_name_H-M             'P 31' 
_symmetry.pdbx_full_space_group_name_H-M   ? 
_symmetry.cell_setting                     ? 
_symmetry.Int_Tables_number                144 
# 
loop_
_entity.id 
_entity.type 
_entity.src_method 
_entity.pdbx_description 
_entity.formula_weight 
_entity.pdbx_number_of_molecules 
_entity.pdbx_ec 
_entity.pdbx_mutation 
_entity.pdbx_fragment 
_entity.details 
1 polymer     man 'Bromodomain-containing protein 4'                                     16767.326 1   ? ? 
'N-TERMINAL BROMODOMAIN, UNP RESIDUES 44-168' ? 
2 non-polymer syn GLYCEROL                                                               92.094    1   ? ? ? ? 
3 non-polymer syn 'N-(1-ethyl-2-oxo-1,2-dihydrobenzo[cd]indol-6-yl)butane-1-sulfonamide' 332.417   1   ? ? ? ? 
4 non-polymer syn 1,2-ETHANEDIOL                                                         62.068    3   ? ? ? ? 
5 water       nat water                                                                  18.015    150 ? ? ? ? 
# 
_entity_name_com.entity_id   1 
_entity_name_com.name        'Protein HUNK1' 
# 
_entity_poly.entity_id                      1 
_entity_poly.type                           'polypeptide(L)' 
_entity_poly.nstd_linkage                   no 
_entity_poly.nstd_monomer                   no 
_entity_poly.pdbx_seq_one_letter_code       
;MKKGHHHHHHLVPRGSNPPPPETSNPNKPKRQTNQLQYLLRVVLKTLWKHQFAWPFQQPVDAVKLNLPDYYKIIKTPMDM
GTIKKRLENNYYWNAQECIQDFNTMFTNCYIYNKPGDDIVLMAEALEKLFLQKINELPTEE
;
_entity_poly.pdbx_seq_one_letter_code_can   
;MKKGHHHHHHLVPRGSNPPPPETSNPNKPKRQTNQLQYLLRVVLKTLWKHQFAWPFQQPVDAVKLNLPDYYKIIKTPMDM
GTIKKRLENNYYWNAQECIQDFNTMFTNCYIYNKPGDDIVLMAEALEKLFLQKINELPTEE
;
_entity_poly.pdbx_strand_id                 A 
_entity_poly.pdbx_target_identifier         ? 
# 
loop_
_entity_poly_seq.entity_id 
_entity_poly_seq.num 
_entity_poly_seq.mon_id 
_entity_poly_seq.hetero 
1 1   MET n 
1 2   LYS n 
1 3   LYS n 
1 4   GLY n 
1 5   HIS n 
1 6   HIS n 
1 7   HIS n 
1 8   HIS n 
1 9   HIS n 
1 10  HIS n 
1 11  LEU n 
1 12  VAL n 
1 13  PRO n 
1 14  ARG n 
1 15  GLY n 
1 16  SER n 
1 17  ASN n 
1 18  PRO n 
1 19  PRO n 
1 20  PRO n 
1 21  PRO n 
1 22  GLU n 
1 23  THR n 
1 24  SER n 
1 25  ASN n 
1 26  PRO n 
1 27  ASN n 
1 28  LYS n 
1 29  PRO n 
1 30  LYS n 
1 31  ARG n 
1 32  GLN n 
1 33  THR n 
1 34  ASN n 
1 35  GLN n 
1 36  LEU n 
1 37  GLN n 
1 38  TYR n 
1 39  LEU n 
1 40  LEU n 
1 41  ARG n 
1 42  VAL n 
1 43  VAL n 
1 44  LEU n 
1 45  LYS n 
1 46  THR n 
1 47  LEU n 
1 48  TRP n 
1 49  LYS n 
1 50  HIS n 
1 51  GLN n 
1 52  PHE n 
1 53  ALA n 
1 54  TRP n 
1 55  PRO n 
1 56  PHE n 
1 57  GLN n 
1 58  GLN n 
1 59  PRO n 
1 60  VAL n 
1 61  ASP n 
1 62  ALA n 
1 63  VAL n 
1 64  LYS n 
1 65  LEU n 
1 66  ASN n 
1 67  LEU n 
1 68  PRO n 
1 69  ASP n 
1 70  TYR n 
1 71  TYR n 
1 72  LYS n 
1 73  ILE n 
1 74  ILE n 
1 75  LYS n 
1 76  THR n 
1 77  PRO n 
1 78  MET n 
1 79  ASP n 
1 80  MET n 
1 81  GLY n 
1 82  THR n 
1 83  ILE n 
1 84  LYS n 
1 85  LYS n 
1 86  ARG n 
1 87  LEU n 
1 88  GLU n 
1 89  ASN n 
1 90  ASN n 
1 91  TYR n 
1 92  TYR n 
1 93  TRP n 
1 94  ASN n 
1 95  ALA n 
1 96  GLN n 
1 97  GLU n 
1 98  CYS n 
1 99  ILE n 
1 100 GLN n 
1 101 ASP n 
1 102 PHE n 
1 103 ASN n 
1 104 THR n 
1 105 MET n 
1 106 PHE n 
1 107 THR n 
1 108 ASN n 
1 109 CYS n 
1 110 TYR n 
1 111 ILE n 
1 112 TYR n 
1 113 ASN n 
1 114 LYS n 
1 115 PRO n 
1 116 GLY n 
1 117 ASP n 
1 118 ASP n 
1 119 ILE n 
1 120 VAL n 
1 121 LEU n 
1 122 MET n 
1 123 ALA n 
1 124 GLU n 
1 125 ALA n 
1 126 LEU n 
1 127 GLU n 
1 128 LYS n 
1 129 LEU n 
1 130 PHE n 
1 131 LEU n 
1 132 GLN n 
1 133 LYS n 
1 134 ILE n 
1 135 ASN n 
1 136 GLU n 
1 137 LEU n 
1 138 PRO n 
1 139 THR n 
1 140 GLU n 
1 141 GLU n 
# 
_entity_src_gen.entity_id                          1 
_entity_src_gen.pdbx_src_id                        1 
_entity_src_gen.pdbx_alt_source_flag               sample 
_entity_src_gen.pdbx_seq_type                      'Biological sequence' 
_entity_src_gen.pdbx_beg_seq_num                   1 
_entity_src_gen.pdbx_end_seq_num                   141 
_entity_src_gen.gene_src_common_name               Human 
_entity_src_gen.gene_src_genus                     ? 
_entity_src_gen.pdbx_gene_src_gene                 'BRD4, HUNK1' 
_entity_src_gen.gene_src_species                   ? 
_entity_src_gen.gene_src_strain                    ? 
_entity_src_gen.gene_src_tissue                    ? 
_entity_src_gen.gene_src_tissue_fraction           ? 
_entity_src_gen.gene_src_details                   ? 
_entity_src_gen.pdbx_gene_src_fragment             ? 
_entity_src_gen.pdbx_gene_src_scientific_name      'Homo sapiens' 
_entity_src_gen.pdbx_gene_src_ncbi_taxonomy_id     9606 
_entity_src_gen.pdbx_gene_src_variant              ? 
_entity_src_gen.pdbx_gene_src_cell_line            ? 
_entity_src_gen.pdbx_gene_src_atcc                 ? 
_entity_src_gen.pdbx_gene_src_organ                ? 
_entity_src_gen.pdbx_gene_src_organelle            ? 
_entity_src_gen.pdbx_gene_src_cell                 ? 
_entity_src_gen.pdbx_gene_src_cellular_location    ? 
_entity_src_gen.host_org_common_name               ? 
_entity_src_gen.pdbx_host_org_scientific_name      'Escherichia coli BL21(DE3)' 
_entity_src_gen.pdbx_host_org_ncbi_taxonomy_id     469008 
_entity_src_gen.host_org_genus                     ? 
_entity_src_gen.pdbx_host_org_gene                 ? 
_entity_src_gen.pdbx_host_org_organ                ? 
_entity_src_gen.host_org_species                   ? 
_entity_src_gen.pdbx_host_org_tissue               ? 
_entity_src_gen.pdbx_host_org_tissue_fraction      ? 
_entity_src_gen.pdbx_host_org_strain               'BL21(DE3)' 
_entity_src_gen.pdbx_host_org_variant              ? 
_entity_src_gen.pdbx_host_org_cell_line            ? 
_entity_src_gen.pdbx_host_org_atcc                 ? 
_entity_src_gen.pdbx_host_org_culture_collection   ? 
_entity_src_gen.pdbx_host_org_cell                 ? 
_entity_src_gen.pdbx_host_org_organelle            ? 
_entity_src_gen.pdbx_host_org_cellular_location    ? 
_entity_src_gen.pdbx_host_org_vector_type          plasmid 
_entity_src_gen.pdbx_host_org_vector               ? 
_entity_src_gen.host_org_details                   ? 
_entity_src_gen.expression_system_id               ? 
_entity_src_gen.plasmid_name                       pET24a 
_entity_src_gen.plasmid_details                    ? 
_entity_src_gen.pdbx_description                   ? 
# 
_struct_ref.db_code                    BRD4_HUMAN 
_struct_ref.db_name                    UNP 
_struct_ref.details                    ? 
_struct_ref.entity_id                  1 
_struct_ref.id                         1 
_struct_ref.seq_align                  ? 
_struct_ref.seq_dif                    ? 
_struct_ref.pdbx_db_accession          O60885 
_struct_ref.pdbx_db_isoform            ? 
_struct_ref.pdbx_seq_one_letter_code   
;NPPPPETSNPNKPKRQTNQLQYLLRVVLKTLWKHQFAWPFQQPVDAVKLNLPDYYKIIKTPMDMGTIKKRLENNYYWNAQ
ECIQDFNTMFTNCYIYNKPGDDIVLMAEALEKLFLQKINELPTEE
;
_struct_ref.pdbx_align_begin           44 
_struct_ref.pdbx_align_end             ? 
# 
_struct_ref_seq.align_id                      1 
_struct_ref_seq.ref_id                        1 
_struct_ref_seq.pdbx_PDB_id_code              5CY9 
_struct_ref_seq.pdbx_strand_id                A 
_struct_ref_seq.seq_align_beg                 17 
_struct_ref_seq.pdbx_seq_align_beg_ins_code   ? 
_struct_ref_seq.seq_align_end                 141 
_struct_ref_seq.pdbx_seq_align_end_ins_code   ? 
_struct_ref_seq.pdbx_db_accession             O60885 
_struct_ref_seq.db_align_beg                  44 
_struct_ref_seq.pdbx_db_align_beg_ins_code    ? 
_struct_ref_seq.db_align_end                  168 
_struct_ref_seq.pdbx_db_align_end_ins_code    ? 
_struct_ref_seq.pdbx_auth_seq_align_beg       44 
_struct_ref_seq.pdbx_auth_seq_align_end       168 
# 
loop_
_struct_ref_seq_dif.align_id 
_struct_ref_seq_dif.pdbx_pdb_id_code 
_struct_ref_seq_dif.mon_id 
_struct_ref_seq_dif.pdbx_pdb_strand_id 
_struct_ref_seq_dif.seq_num 
_struct_ref_seq_dif.pdbx_pdb_ins_code 
_struct_ref_seq_dif.pdbx_seq_db_name 
_struct_ref_seq_dif.pdbx_seq_db_accession_code 
_struct_ref_seq_dif.db_mon_id 
_struct_ref_seq_dif.pdbx_seq_db_seq_num 
_struct_ref_seq_dif.details 
_struct_ref_seq_dif.pdbx_auth_seq_num 
_struct_ref_seq_dif.pdbx_ordinal 
1 5CY9 MET A 1  ? UNP O60885 ? ? 'initiating methionine' 28 1  
1 5CY9 LYS A 2  ? UNP O60885 ? ? 'expression tag'        29 2  
1 5CY9 LYS A 3  ? UNP O60885 ? ? 'expression tag'        30 3  
1 5CY9 GLY A 4  ? UNP O60885 ? ? 'expression tag'        31 4  
1 5CY9 HIS A 5  ? UNP O60885 ? ? 'expression tag'        32 5  
1 5CY9 HIS A 6  ? UNP O60885 ? ? 'expression tag'        33 6  
1 5CY9 HIS A 7  ? UNP O60885 ? ? 'expression tag'        34 7  
1 5CY9 HIS A 8  ? UNP O60885 ? ? 'expression tag'        35 8  
1 5CY9 HIS A 9  ? UNP O60885 ? ? 'expression tag'        36 9  
1 5CY9 HIS A 10 ? UNP O60885 ? ? 'expression tag'        37 10 
1 5CY9 LEU A 11 ? UNP O60885 ? ? 'expression tag'        38 11 
1 5CY9 VAL A 12 ? UNP O60885 ? ? 'expression tag'        39 12 
1 5CY9 PRO A 13 ? UNP O60885 ? ? 'expression tag'        40 13 
1 5CY9 ARG A 14 ? UNP O60885 ? ? 'expression tag'        41 14 
1 5CY9 GLY A 15 ? UNP O60885 ? ? 'expression tag'        42 15 
1 5CY9 SER A 16 ? UNP O60885 ? ? 'expression tag'        43 16 
# 
loop_
_chem_comp.id 
_chem_comp.type 
_chem_comp.mon_nstd_flag 
_chem_comp.name 
_chem_comp.pdbx_synonyms 
_chem_comp.formula 
_chem_comp.formula_weight 
ALA 'L-peptide linking' y ALANINE                                                                ?                               
'C3 H7 N O2'      89.093  
ARG 'L-peptide linking' y ARGININE                                                               ?                               
'C6 H15 N4 O2 1'  175.209 
ASN 'L-peptide linking' y ASPARAGINE                                                             ?                               
'C4 H8 N2 O3'     132.118 
ASP 'L-peptide linking' y 'ASPARTIC ACID'                                                        ?                               
'C4 H7 N O4'      133.103 
CYS 'L-peptide linking' y CYSTEINE                                                               ?                               
'C3 H7 N O2 S'    121.158 
E0A non-polymer         . 'N-(1-ethyl-2-oxo-1,2-dihydrobenzo[cd]indol-6-yl)butane-1-sulfonamide' ?                               
'C17 H20 N2 O3 S' 332.417 
EDO non-polymer         . 1,2-ETHANEDIOL                                                         'ETHYLENE GLYCOL'               
'C2 H6 O2'        62.068  
GLN 'L-peptide linking' y GLUTAMINE                                                              ?                               
'C5 H10 N2 O3'    146.144 
GLU 'L-peptide linking' y 'GLUTAMIC ACID'                                                        ?                               
'C5 H9 N O4'      147.129 
GLY 'peptide linking'   y GLYCINE                                                                ?                               
'C2 H5 N O2'      75.067  
GOL non-polymer         . GLYCEROL                                                               'GLYCERIN; PROPANE-1,2,3-TRIOL' 
'C3 H8 O3'        92.094  
HIS 'L-peptide linking' y HISTIDINE                                                              ?                               
'C6 H10 N3 O2 1'  156.162 
HOH non-polymer         . WATER                                                                  ?                               
'H2 O'            18.015  
ILE 'L-peptide linking' y ISOLEUCINE                                                             ?                               
'C6 H13 N O2'     131.173 
LEU 'L-peptide linking' y LEUCINE                                                                ?                               
'C6 H13 N O2'     131.173 
LYS 'L-peptide linking' y LYSINE                                                                 ?                               
'C6 H15 N2 O2 1'  147.195 
MET 'L-peptide linking' y METHIONINE                                                             ?                               
'C5 H11 N O2 S'   149.211 
PHE 'L-peptide linking' y PHENYLALANINE                                                          ?                               
'C9 H11 N O2'     165.189 
PRO 'L-peptide linking' y PROLINE                                                                ?                               
'C5 H9 N O2'      115.130 
SER 'L-peptide linking' y SERINE                                                                 ?                               
'C3 H7 N O3'      105.093 
THR 'L-peptide linking' y THREONINE                                                              ?                               
'C4 H9 N O3'      119.119 
TRP 'L-peptide linking' y TRYPTOPHAN                                                             ?                               
'C11 H12 N2 O2'   204.225 
TYR 'L-peptide linking' y TYROSINE                                                               ?                               
'C9 H11 N O3'     181.189 
VAL 'L-peptide linking' y VALINE                                                                 ?                               
'C5 H11 N O2'     117.146 
# 
_exptl.absorpt_coefficient_mu     ? 
_exptl.absorpt_correction_T_max   ? 
_exptl.absorpt_correction_T_min   ? 
_exptl.absorpt_correction_type    ? 
_exptl.absorpt_process_details    ? 
_exptl.entry_id                   5CY9 
_exptl.crystals_number            1 
_exptl.details                    ? 
_exptl.method                     'X-RAY DIFFRACTION' 
_exptl.method_details             ? 
# 
_exptl_crystal.colour                      ? 
_exptl_crystal.density_diffrn              ? 
_exptl_crystal.density_Matthews            2.57 
_exptl_crystal.density_method              ? 
_exptl_crystal.density_percent_sol         52.13 
_exptl_crystal.description                 'THE ENTRY CONTAINS FRIEDEL PAIRS IN F_PLUS/MINUS COLUMNS.' 
_exptl_crystal.F_000                       ? 
_exptl_crystal.id                          1 
_exptl_crystal.preparation                 ? 
_exptl_crystal.size_max                    ? 
_exptl_crystal.size_mid                    ? 
_exptl_crystal.size_min                    ? 
_exptl_crystal.size_rad                    ? 
_exptl_crystal.colour_lustre               ? 
_exptl_crystal.colour_modifier             ? 
_exptl_crystal.colour_primary              ? 
_exptl_crystal.density_meas                ? 
_exptl_crystal.density_meas_esd            ? 
_exptl_crystal.density_meas_gt             ? 
_exptl_crystal.density_meas_lt             ? 
_exptl_crystal.density_meas_temp           ? 
_exptl_crystal.density_meas_temp_esd       ? 
_exptl_crystal.density_meas_temp_gt        ? 
_exptl_crystal.density_meas_temp_lt        ? 
_exptl_crystal.pdbx_crystal_image_url      ? 
_exptl_crystal.pdbx_crystal_image_format   ? 
_exptl_crystal.pdbx_mosaicity              ? 
_exptl_crystal.pdbx_mosaicity_esd          ? 
# 
_exptl_crystal_grow.apparatus       ? 
_exptl_crystal_grow.atmosphere      ? 
_exptl_crystal_grow.crystal_id      1 
_exptl_crystal_grow.details         ? 
_exptl_crystal_grow.method          'VAPOR DIFFUSION, SITTING DROP' 
_exptl_crystal_grow.method_ref      ? 
_exptl_crystal_grow.pH              7.8 
_exptl_crystal_grow.pressure        ? 
_exptl_crystal_grow.pressure_esd    ? 
_exptl_crystal_grow.seeding         ? 
_exptl_crystal_grow.seeding_ref     ? 
_exptl_crystal_grow.temp            277 
_exptl_crystal_grow.temp_details    ? 
_exptl_crystal_grow.temp_esd        ? 
_exptl_crystal_grow.time            ? 
_exptl_crystal_grow.pdbx_details    '20% PEG3350, 0.2M NaCl, 0.1M HEPES, 10% EtGhly,pH 7.8' 
_exptl_crystal_grow.pdbx_pH_range   ? 
# 
_diffrn.ambient_environment    ? 
_diffrn.ambient_temp           100 
_diffrn.ambient_temp_details   ? 
_diffrn.ambient_temp_esd       ? 
_diffrn.crystal_id             1 
_diffrn.crystal_support        ? 
_diffrn.crystal_treatment      ? 
_diffrn.details                ? 
_diffrn.id                     1 
_diffrn.ambient_pressure       ? 
_diffrn.ambient_pressure_esd   ? 
_diffrn.ambient_pressure_gt    ? 
_diffrn.ambient_pressure_lt    ? 
_diffrn.ambient_temp_gt        ? 
_diffrn.ambient_temp_lt        ? 
# 
_diffrn_detector.details                      ? 
_diffrn_detector.detector                     PIXEL 
_diffrn_detector.diffrn_id                    1 
_diffrn_detector.type                         'PSI PILATUS 6M' 
_diffrn_detector.area_resol_mean              ? 
_diffrn_detector.dtime                        ? 
_diffrn_detector.pdbx_frames_total            ? 
_diffrn_detector.pdbx_collection_time_total   ? 
_diffrn_detector.pdbx_collection_date         2015-06-22 
# 
_diffrn_radiation.collimation                      ? 
_diffrn_radiation.diffrn_id                        1 
_diffrn_radiation.filter_edge                      ? 
_diffrn_radiation.inhomogeneity                    ? 
_diffrn_radiation.monochromator                    ? 
_diffrn_radiation.polarisn_norm                    ? 
_diffrn_radiation.polarisn_ratio                   ? 
_diffrn_radiation.probe                            ? 
_diffrn_radiation.type                             ? 
_diffrn_radiation.xray_symbol                      ? 
_diffrn_radiation.wavelength_id                    1 
_diffrn_radiation.pdbx_monochromatic_or_laue_m_l   M 
_diffrn_radiation.pdbx_wavelength_list             ? 
_diffrn_radiation.pdbx_wavelength                  ? 
_diffrn_radiation.pdbx_diffrn_protocol             'SINGLE WAVELENGTH' 
_diffrn_radiation.pdbx_analyzer                    ? 
_diffrn_radiation.pdbx_scattering_type             x-ray 
# 
_diffrn_radiation_wavelength.id           1 
_diffrn_radiation_wavelength.wavelength   0.97852 
_diffrn_radiation_wavelength.wt           1.0 
# 
_diffrn_source.current                     ? 
_diffrn_source.details                     ? 
_diffrn_source.diffrn_id                   1 
_diffrn_source.power                       ? 
_diffrn_source.size                        ? 
_diffrn_source.source                      SYNCHROTRON 
_diffrn_source.target                      ? 
_diffrn_source.type                        OTHER 
_diffrn_source.voltage                     ? 
_diffrn_source.take-off_angle              ? 
_diffrn_source.pdbx_wavelength_list        0.97852 
_diffrn_source.pdbx_wavelength             ? 
_diffrn_source.pdbx_synchrotron_beamline   ? 
_diffrn_source.pdbx_synchrotron_site       ? 
# 
_reflns.B_iso_Wilson_estimate            ? 
_reflns.entry_id                         5CY9 
_reflns.data_reduction_details           ? 
_reflns.data_reduction_method            ? 
_reflns.d_resolution_high                1.550 
_reflns.d_resolution_low                 46.810 
_reflns.details                          ? 
_reflns.limit_h_max                      ? 
_reflns.limit_h_min                      ? 
_reflns.limit_k_max                      ? 
_reflns.limit_k_min                      ? 
_reflns.limit_l_max                      ? 
_reflns.limit_l_min                      ? 
_reflns.number_all                       ? 
_reflns.number_obs                       21754 
_reflns.observed_criterion               ? 
_reflns.observed_criterion_F_max         ? 
_reflns.observed_criterion_F_min         ? 
_reflns.observed_criterion_I_max         ? 
_reflns.observed_criterion_I_min         ? 
_reflns.observed_criterion_sigma_F       ? 
_reflns.observed_criterion_sigma_I       ? 
_reflns.percent_possible_obs             90.500 
_reflns.R_free_details                   ? 
_reflns.Rmerge_F_all                     ? 
_reflns.Rmerge_F_obs                     ? 
_reflns.Friedel_coverage                 ? 
_reflns.number_gt                        ? 
_reflns.threshold_expression             ? 
_reflns.pdbx_redundancy                  7.800 
_reflns.pdbx_Rmerge_I_obs                0.064 
_reflns.pdbx_Rmerge_I_all                ? 
_reflns.pdbx_Rsym_value                  ? 
_reflns.pdbx_netI_over_av_sigmaI         ? 
_reflns.pdbx_netI_over_sigmaI            14.700 
_reflns.pdbx_res_netI_over_av_sigmaI_2   ? 
_reflns.pdbx_res_netI_over_sigmaI_2      ? 
_reflns.pdbx_chi_squared                 ? 
_reflns.pdbx_scaling_rejects             80 
_reflns.pdbx_d_res_high_opt              ? 
_reflns.pdbx_d_res_low_opt               ? 
_reflns.pdbx_d_res_opt_method            ? 
_reflns.phase_calculation_details        ? 
_reflns.pdbx_Rrim_I_all                  ? 
_reflns.pdbx_Rpim_I_all                  0.023 
_reflns.pdbx_d_opt                       ? 
_reflns.pdbx_number_measured_all         169111 
_reflns.pdbx_diffrn_id                   1 
_reflns.pdbx_ordinal                     1 
_reflns.pdbx_CC_half                     0.999 
_reflns.pdbx_R_split                     ? 
# 
loop_
_reflns_shell.d_res_high 
_reflns_shell.d_res_low 
_reflns_shell.meanI_over_sigI_all 
_reflns_shell.meanI_over_sigI_obs 
_reflns_shell.number_measured_all 
_reflns_shell.number_measured_obs 
_reflns_shell.number_possible 
_reflns_shell.number_unique_all 
_reflns_shell.number_unique_obs 
_reflns_shell.percent_possible_all 
_reflns_shell.percent_possible_obs 
_reflns_shell.Rmerge_F_all 
_reflns_shell.Rmerge_F_obs 
_reflns_shell.Rmerge_I_all 
_reflns_shell.Rmerge_I_obs 
_reflns_shell.meanI_over_sigI_gt 
_reflns_shell.meanI_over_uI_all 
_reflns_shell.meanI_over_uI_gt 
_reflns_shell.number_measured_gt 
_reflns_shell.number_unique_gt 
_reflns_shell.percent_possible_gt 
_reflns_shell.Rmerge_F_gt 
_reflns_shell.Rmerge_I_gt 
_reflns_shell.pdbx_redundancy 
_reflns_shell.pdbx_Rsym_value 
_reflns_shell.pdbx_chi_squared 
_reflns_shell.pdbx_netI_over_sigmaI_all 
_reflns_shell.pdbx_netI_over_sigmaI_obs 
_reflns_shell.pdbx_Rrim_I_all 
_reflns_shell.pdbx_Rpim_I_all 
_reflns_shell.pdbx_rejects 
_reflns_shell.pdbx_ordinal 
_reflns_shell.pdbx_diffrn_id 
_reflns_shell.pdbx_CC_half 
_reflns_shell.pdbx_R_split 
1.550 1.580  ? 3.200  6538 ? ? 1109 ? 95.200 ? ? ? ? 0.356 ? ? ? ? ? ? ? ? 5.900  ? ? ? ? ? 0.155 0 1 1 0.934 ? 
8.490 46.810 ? 33.600 1565 ? ? 148  ? 99.800 ? ? ? ? 0.058 ? ? ? ? ? ? ? ? 10.600 ? ? ? ? ? 0.018 0 2 1 0.995 ? 
# 
_refine.pdbx_refine_id                           'X-RAY DIFFRACTION' 
_refine.entry_id                                 5CY9 
_refine.pdbx_diffrn_id                           1 
_refine.pdbx_TLS_residual_ADP_flag               ? 
_refine.ls_number_reflns_obs                     20541 
_refine.ls_number_reflns_all                     ? 
_refine.pdbx_ls_sigma_I                          ? 
_refine.pdbx_ls_sigma_F                          ? 
_refine.pdbx_data_cutoff_high_absF               ? 
_refine.pdbx_data_cutoff_low_absF                ? 
_refine.pdbx_data_cutoff_high_rms_absF           ? 
_refine.ls_d_res_low                             46.81 
_refine.ls_d_res_high                            1.55 
_refine.ls_percent_reflns_obs                    90.52 
_refine.ls_R_factor_obs                          0.16501 
_refine.ls_R_factor_all                          ? 
_refine.ls_R_factor_R_work                       0.16317 
_refine.ls_R_factor_R_free                       0.19788 
_refine.ls_R_factor_R_free_error                 ? 
_refine.ls_R_factor_R_free_error_details         ? 
_refine.ls_percent_reflns_R_free                 5.5 
_refine.ls_number_reflns_R_free                  1192 
_refine.ls_number_parameters                     ? 
_refine.ls_number_restraints                     ? 
_refine.occupancy_min                            ? 
_refine.occupancy_max                            ? 
_refine.correlation_coeff_Fo_to_Fc               0.970 
_refine.correlation_coeff_Fo_to_Fc_free          0.956 
_refine.B_iso_mean                               19.902 
_refine.aniso_B[1][1]                            -0.33 
_refine.aniso_B[2][2]                            -0.33 
_refine.aniso_B[3][3]                            1.08 
_refine.aniso_B[1][2]                            -0.17 
_refine.aniso_B[1][3]                            0.00 
_refine.aniso_B[2][3]                            -0.00 
_refine.solvent_model_details                    MASK 
_refine.solvent_model_param_ksol                 ? 
_refine.solvent_model_param_bsol                 ? 
_refine.pdbx_solvent_vdw_probe_radii             1.20 
_refine.pdbx_solvent_ion_probe_radii             0.80 
_refine.pdbx_solvent_shrinkage_radii             0.80 
_refine.pdbx_ls_cross_valid_method               THROUGHOUT 
_refine.details                                  'HYDROGENS HAVE BEEN ADDED IN THE RIDING POSITIONS' 
_refine.pdbx_starting_model                      3MXF 
_refine.pdbx_method_to_determine_struct          'MOLECULAR REPLACEMENT' 
_refine.pdbx_isotropic_thermal_model             ? 
_refine.pdbx_stereochemistry_target_values       'MAXIMUM LIKELIHOOD' 
_refine.pdbx_stereochem_target_val_spec_case     ? 
_refine.pdbx_R_Free_selection_details            RANDOM 
_refine.pdbx_overall_ESU_R                       0.077 
_refine.pdbx_overall_ESU_R_Free                  0.081 
_refine.overall_SU_ML                            0.050 
_refine.pdbx_overall_phase_error                 ? 
_refine.overall_SU_B                             1.391 
_refine.overall_SU_R_Cruickshank_DPI             ? 
_refine.pdbx_overall_SU_R_free_Cruickshank_DPI   ? 
_refine.pdbx_overall_SU_R_Blow_DPI               ? 
_refine.pdbx_overall_SU_R_free_Blow_DPI          ? 
# 
_refine_hist.pdbx_refine_id                   'X-RAY DIFFRACTION' 
_refine_hist.cycle_id                         LAST 
_refine_hist.pdbx_number_atoms_protein        1091 
_refine_hist.pdbx_number_atoms_nucleic_acid   0 
_refine_hist.pdbx_number_atoms_ligand         41 
_refine_hist.number_atoms_solvent             150 
_refine_hist.number_atoms_total               1282 
_refine_hist.d_res_high                       1.55 
_refine_hist.d_res_low                        46.81 
# 
loop_
_refine_ls_restr.type 
_refine_ls_restr.dev_ideal 
_refine_ls_restr.dev_ideal_target 
_refine_ls_restr.weight 
_refine_ls_restr.number 
_refine_ls_restr.pdbx_refine_id 
_refine_ls_restr.pdbx_restraint_function 
r_bond_refined_d             0.011  0.020  ? 1169 'X-RAY DIFFRACTION' ? 
r_bond_other_d               0.004  0.020  ? 1125 'X-RAY DIFFRACTION' ? 
r_angle_refined_deg          1.512  2.000  ? 1588 'X-RAY DIFFRACTION' ? 
r_angle_other_deg            1.087  3.006  ? 2598 'X-RAY DIFFRACTION' ? 
r_dihedral_angle_1_deg       5.012  5.000  ? 132  'X-RAY DIFFRACTION' ? 
r_dihedral_angle_2_deg       36.061 25.536 ? 56   'X-RAY DIFFRACTION' ? 
r_dihedral_angle_3_deg       11.307 15.000 ? 201  'X-RAY DIFFRACTION' ? 
r_dihedral_angle_4_deg       17.072 15.000 ? 4    'X-RAY DIFFRACTION' ? 
r_chiral_restr               0.074  0.200  ? 166  'X-RAY DIFFRACTION' ? 
r_gen_planes_refined         0.008  0.021  ? 1289 'X-RAY DIFFRACTION' ? 
r_gen_planes_other           0.002  0.020  ? 263  'X-RAY DIFFRACTION' ? 
r_nbd_refined                ?      ?      ? ?    'X-RAY DIFFRACTION' ? 
r_nbd_other                  ?      ?      ? ?    'X-RAY DIFFRACTION' ? 
r_nbtor_refined              ?      ?      ? ?    'X-RAY DIFFRACTION' ? 
r_nbtor_other                ?      ?      ? ?    'X-RAY DIFFRACTION' ? 
r_xyhbond_nbd_refined        ?      ?      ? ?    'X-RAY DIFFRACTION' ? 
r_xyhbond_nbd_other          ?      ?      ? ?    'X-RAY DIFFRACTION' ? 
r_metal_ion_refined          ?      ?      ? ?    'X-RAY DIFFRACTION' ? 
r_metal_ion_other            ?      ?      ? ?    'X-RAY DIFFRACTION' ? 
r_symmetry_vdw_refined       ?      ?      ? ?    'X-RAY DIFFRACTION' ? 
r_symmetry_vdw_other         ?      ?      ? ?    'X-RAY DIFFRACTION' ? 
r_symmetry_hbond_refined     ?      ?      ? ?    'X-RAY DIFFRACTION' ? 
r_symmetry_hbond_other       ?      ?      ? ?    'X-RAY DIFFRACTION' ? 
r_symmetry_metal_ion_refined ?      ?      ? ?    'X-RAY DIFFRACTION' ? 
r_symmetry_metal_ion_other   ?      ?      ? ?    'X-RAY DIFFRACTION' ? 
r_mcbond_it                  1.213  1.699  ? 525  'X-RAY DIFFRACTION' ? 
r_mcbond_other               1.213  1.692  ? 524  'X-RAY DIFFRACTION' ? 
r_mcangle_it                 1.939  2.540  ? 655  'X-RAY DIFFRACTION' ? 
r_mcangle_other              1.937  2.548  ? 656  'X-RAY DIFFRACTION' ? 
r_scbond_it                  2.072  1.992  ? 644  'X-RAY DIFFRACTION' ? 
r_scbond_other               2.072  1.992  ? 644  'X-RAY DIFFRACTION' ? 
r_scangle_it                 ?      ?      ? ?    'X-RAY DIFFRACTION' ? 
r_scangle_other              3.355  2.867  ? 933  'X-RAY DIFFRACTION' ? 
r_long_range_B_refined       5.075  14.831 ? 1515 'X-RAY DIFFRACTION' ? 
r_long_range_B_other         5.073  14.859 ? 1516 'X-RAY DIFFRACTION' ? 
r_rigid_bond_restr           ?      ?      ? ?    'X-RAY DIFFRACTION' ? 
r_sphericity_free            ?      ?      ? ?    'X-RAY DIFFRACTION' ? 
r_sphericity_bonded          ?      ?      ? ?    'X-RAY DIFFRACTION' ? 
# 
_refine_ls_shell.pdbx_refine_id                   'X-RAY DIFFRACTION' 
_refine_ls_shell.pdbx_total_number_of_bins_used   20 
_refine_ls_shell.d_res_high                       1.550 
_refine_ls_shell.d_res_low                        1.590 
_refine_ls_shell.number_reflns_R_work             1601 
_refine_ls_shell.R_factor_R_work                  0.242 
_refine_ls_shell.percent_reflns_obs               95.34 
_refine_ls_shell.R_factor_R_free                  0.235 
_refine_ls_shell.R_factor_R_free_error            ? 
_refine_ls_shell.percent_reflns_R_free            ? 
_refine_ls_shell.number_reflns_R_free             75 
_refine_ls_shell.number_reflns_all                ? 
_refine_ls_shell.R_factor_all                     ? 
_refine_ls_shell.R_factor_obs                     ? 
_refine_ls_shell.number_reflns_obs                ? 
# 
_struct.entry_id                     5CY9 
_struct.title                        
'Crystal Structure of the first bromodomain of human BRD4 in complex with benzo[cd]indol-2(1H)-one ligand' 
_struct.pdbx_model_details           ? 
_struct.pdbx_formula_weight          ? 
_struct.pdbx_formula_weight_method   ? 
_struct.pdbx_model_type_details      ? 
_struct.pdbx_CASP_flag               ? 
# 
_struct_keywords.entry_id        5CY9 
_struct_keywords.text            
'BRD4, Bromodomain, Four Alpha Helices, BROMODOMAIN BINDING INHIBITOR, SIGNALING PROTEIN-INHIBITOR complex' 
_struct_keywords.pdbx_keywords   'SIGNALING PROTEIN/INHIBITOR' 
# 
loop_
_struct_asym.id 
_struct_asym.pdbx_blank_PDB_chainid_flag 
_struct_asym.pdbx_modified 
_struct_asym.entity_id 
_struct_asym.details 
A N N 1 ? 
B N N 2 ? 
C N N 3 ? 
D N N 4 ? 
E N N 4 ? 
F N N 4 ? 
G N N 5 ? 
# 
loop_
_struct_conf.conf_type_id 
_struct_conf.id 
_struct_conf.pdbx_PDB_helix_id 
_struct_conf.beg_label_comp_id 
_struct_conf.beg_label_asym_id 
_struct_conf.beg_label_seq_id 
_struct_conf.pdbx_beg_PDB_ins_code 
_struct_conf.end_label_comp_id 
_struct_conf.end_label_asym_id 
_struct_conf.end_label_seq_id 
_struct_conf.pdbx_end_PDB_ins_code 
_struct_conf.beg_auth_comp_id 
_struct_conf.beg_auth_asym_id 
_struct_conf.beg_auth_seq_id 
_struct_conf.end_auth_comp_id 
_struct_conf.end_auth_asym_id 
_struct_conf.end_auth_seq_id 
_struct_conf.pdbx_PDB_helix_class 
_struct_conf.details 
_struct_conf.pdbx_PDB_helix_length 
HELX_P HELX_P1 AA1 THR A 33  ? VAL A 42  ? THR A 60  VAL A 69  1 ? 10 
HELX_P HELX_P2 AA2 VAL A 42  ? LYS A 49  ? VAL A 69  LYS A 76  1 ? 8  
HELX_P HELX_P3 AA3 ALA A 53  ? GLN A 57  ? ALA A 80  GLN A 84  5 ? 5  
HELX_P HELX_P4 AA4 ASP A 69  ? ILE A 74  ? ASP A 96  ILE A 101 1 ? 6  
HELX_P HELX_P5 AA5 ASP A 79  ? ASN A 89  ? ASP A 106 ASN A 116 1 ? 11 
HELX_P HELX_P6 AA6 ASN A 94  ? ASN A 113 ? ASN A 121 ASN A 140 1 ? 20 
HELX_P HELX_P7 AA7 ASP A 117 ? GLU A 136 ? ASP A 144 GLU A 163 1 ? 20 
# 
_struct_conf_type.id          HELX_P 
_struct_conf_type.criteria    ? 
_struct_conf_type.reference   ? 
# 
loop_
_struct_site.id 
_struct_site.pdbx_evidence_code 
_struct_site.pdbx_auth_asym_id 
_struct_site.pdbx_auth_comp_id 
_struct_site.pdbx_auth_seq_id 
_struct_site.pdbx_auth_ins_code 
_struct_site.pdbx_num_residues 
_struct_site.details 
AC1 Software A GOL 201 ? 9  'binding site for residue GOL A 201' 
AC2 Software A E0A 202 ? 11 'binding site for residue E0A A 202' 
AC3 Software A EDO 203 ? 5  'binding site for residue EDO A 203' 
AC4 Software A EDO 204 ? 5  'binding site for residue EDO A 204' 
AC5 Software A EDO 205 ? 1  'binding site for residue EDO A 205' 
# 
loop_
_struct_site_gen.id 
_struct_site_gen.site_id 
_struct_site_gen.pdbx_num_res 
_struct_site_gen.label_comp_id 
_struct_site_gen.label_asym_id 
_struct_site_gen.label_seq_id 
_struct_site_gen.pdbx_auth_ins_code 
_struct_site_gen.auth_comp_id 
_struct_site_gen.auth_asym_id 
_struct_site_gen.auth_seq_id 
_struct_site_gen.label_atom_id 
_struct_site_gen.label_alt_id 
_struct_site_gen.symmetry 
_struct_site_gen.details 
1  AC1 9  ASN A 25  ? ASN A 52  . ? 3_554 ? 
2  AC1 9  GLN A 58  ? GLN A 85  . ? 1_555 ? 
3  AC1 9  PRO A 59  ? PRO A 86  . ? 1_555 ? 
4  AC1 9  VAL A 60  ? VAL A 87  . ? 1_555 ? 
5  AC1 9  ASP A 61  ? ASP A 88  . ? 1_555 ? 
6  AC1 9  TRP A 93  ? TRP A 120 . ? 3_554 ? 
7  AC1 9  HOH G .   ? HOH A 311 . ? 1_555 ? 
8  AC1 9  HOH G .   ? HOH A 352 . ? 1_555 ? 
9  AC1 9  HOH G .   ? HOH A 361 . ? 1_555 ? 
10 AC2 11 PRO A 29  ? PRO A 56  . ? 3_554 ? 
11 AC2 11 TRP A 54  ? TRP A 81  . ? 1_555 ? 
12 AC2 11 PHE A 56  ? PHE A 83  . ? 1_555 ? 
13 AC2 11 VAL A 60  ? VAL A 87  . ? 1_555 ? 
14 AC2 11 LEU A 65  ? LEU A 92  . ? 1_555 ? 
15 AC2 11 ASN A 113 ? ASN A 140 . ? 1_555 ? 
16 AC2 11 ASP A 118 ? ASP A 145 . ? 1_555 ? 
17 AC2 11 MET A 122 ? MET A 149 . ? 1_555 ? 
18 AC2 11 HOH G .   ? HOH A 305 . ? 1_555 ? 
19 AC2 11 HOH G .   ? HOH A 316 . ? 3_554 ? 
20 AC2 11 HOH G .   ? HOH A 385 . ? 1_555 ? 
21 AC3 5  ARG A 14  ? ARG A 41  . ? 1_555 ? 
22 AC3 5  ALA A 62  ? ALA A 89  . ? 1_555 ? 
23 AC3 5  LEU A 67  ? LEU A 94  . ? 1_555 ? 
24 AC3 5  TYR A 70  ? TYR A 97  . ? 1_555 ? 
25 AC3 5  HOH G .   ? HOH A 388 . ? 1_555 ? 
26 AC4 5  SER A 24  ? SER A 51  . ? 1_555 ? 
27 AC4 5  ASN A 25  ? ASN A 52  . ? 1_555 ? 
28 AC4 5  LYS A 30  ? LYS A 57  . ? 1_555 ? 
29 AC4 5  ASN A 89  ? ASN A 116 . ? 1_555 ? 
30 AC4 5  HOH G .   ? HOH A 306 . ? 1_555 ? 
31 AC5 1  LYS A 84  ? LYS A 111 . ? 1_555 ? 
# 
_atom_sites.entry_id                    5CY9 
_atom_sites.fract_transf_matrix[1][1]   0.00467920 
_atom_sites.fract_transf_matrix[1][2]   0.00588190 
_atom_sites.fract_transf_matrix[1][3]   0.01999844 
_atom_sites.fract_transf_matrix[2][1]   -0.01118274 
_atom_sites.fract_transf_matrix[2][2]   0.01555701 
_atom_sites.fract_transf_matrix[2][3]   0.00945232 
_atom_sites.fract_transf_matrix[3][1]   -0.01275274 
_atom_sites.fract_transf_matrix[3][2]   -0.01336904 
_atom_sites.fract_transf_matrix[3][3]   0.00691594 
_atom_sites.fract_transf_vector[1]      -0.132717 
_atom_sites.fract_transf_vector[2]      0.230491 
_atom_sites.fract_transf_vector[3]      0.012689 
# 
loop_
_atom_type.symbol 
C 
N 
O 
S 
# 
loop_
_atom_site.group_PDB 
_atom_site.id 
_atom_site.type_symbol 
_atom_site.label_atom_id 
_atom_site.label_alt_id 
_atom_site.label_comp_id 
_atom_site.label_asym_id 
_atom_site.label_entity_id 
_atom_site.label_seq_id 
_atom_site.pdbx_PDB_ins_code 
_atom_site.Cartn_x 
_atom_site.Cartn_y 
_atom_site.Cartn_z 
_atom_site.occupancy 
_atom_site.B_iso_or_equiv 
_atom_site.pdbx_formal_charge 
_atom_site.auth_seq_id 
_atom_site.auth_comp_id 
_atom_site.auth_asym_id 
_atom_site.auth_atom_id 
_atom_site.pdbx_PDB_model_num 
ATOM   1    N N   . HIS A 1 10  ? 5.963   9.914   31.741  1.00 24.39 ? 37  HIS A N   1 
ATOM   2    C CA  . HIS A 1 10  ? 4.721   9.093   31.475  1.00 23.38 ? 37  HIS A CA  1 
ATOM   3    C C   . HIS A 1 10  ? 4.945   8.099   30.353  1.00 22.36 ? 37  HIS A C   1 
ATOM   4    O O   . HIS A 1 10  ? 4.162   8.008   29.393  1.00 23.03 ? 37  HIS A O   1 
ATOM   5    C CB  . HIS A 1 10  ? 3.513   9.964   31.147  1.00 23.86 ? 37  HIS A CB  1 
ATOM   6    C CG  . HIS A 1 10  ? 2.988   10.727  32.315  1.00 24.90 ? 37  HIS A CG  1 
ATOM   7    N ND1 . HIS A 1 10  ? 1.765   11.362  32.290  1.00 25.65 ? 37  HIS A ND1 1 
ATOM   8    C CD2 . HIS A 1 10  ? 3.488   10.910  33.558  1.00 25.19 ? 37  HIS A CD2 1 
ATOM   9    C CE1 . HIS A 1 10  ? 1.556   11.937  33.460  1.00 24.11 ? 37  HIS A CE1 1 
ATOM   10   N NE2 . HIS A 1 10  ? 2.581   11.675  34.247  1.00 24.03 ? 37  HIS A NE2 1 
ATOM   11   N N   . LEU A 1 11  ? 5.995   7.322   30.516  1.00 21.67 ? 38  LEU A N   1 
ATOM   12   C CA  . LEU A 1 11  ? 6.341   6.316   29.511  1.00 22.43 ? 38  LEU A CA  1 
ATOM   13   C C   . LEU A 1 11  ? 5.338   5.171   29.614  1.00 21.54 ? 38  LEU A C   1 
ATOM   14   O O   . LEU A 1 11  ? 4.853   4.837   30.708  1.00 17.88 ? 38  LEU A O   1 
ATOM   15   C CB  . LEU A 1 11  ? 7.770   5.810   29.694  1.00 24.44 ? 38  LEU A CB  1 
ATOM   16   C CG  . LEU A 1 11  ? 8.871   6.871   29.578  1.00 26.10 ? 38  LEU A CG  1 
ATOM   17   C CD1 . LEU A 1 11  ? 10.210  6.261   29.930  1.00 27.67 ? 38  LEU A CD1 1 
ATOM   18   C CD2 . LEU A 1 11  ? 8.923   7.527   28.196  1.00 26.70 ? 38  LEU A CD2 1 
ATOM   19   N N   . VAL A 1 12  ? 5.006   4.617   28.458  1.00 21.80 ? 39  VAL A N   1 
ATOM   20   C CA  . VAL A 1 12  ? 4.102   3.481   28.347  1.00 23.05 ? 39  VAL A CA  1 
ATOM   21   C C   . VAL A 1 12  ? 4.739   2.485   27.384  1.00 24.92 ? 39  VAL A C   1 
ATOM   22   O O   . VAL A 1 12  ? 5.534   2.889   26.524  1.00 24.01 ? 39  VAL A O   1 
ATOM   23   C CB  . VAL A 1 12  ? 2.700   3.884   27.842  1.00 25.23 ? 39  VAL A CB  1 
ATOM   24   C CG1 . VAL A 1 12  ? 2.076   4.908   28.783  1.00 25.00 ? 39  VAL A CG1 1 
ATOM   25   C CG2 . VAL A 1 12  ? 2.747   4.407   26.404  1.00 27.29 ? 39  VAL A CG2 1 
ATOM   26   N N   . PRO A 1 13  ? 4.408   1.187   27.520  1.00 25.06 ? 40  PRO A N   1 
ATOM   27   C CA  . PRO A 1 13  ? 4.978   0.228   26.561  1.00 26.25 ? 40  PRO A CA  1 
ATOM   28   C C   . PRO A 1 13  ? 4.363   0.441   25.171  1.00 27.32 ? 40  PRO A C   1 
ATOM   29   O O   . PRO A 1 13  ? 3.127   0.415   25.004  1.00 30.00 ? 40  PRO A O   1 
ATOM   30   C CB  . PRO A 1 13  ? 4.605   -1.130  27.149  1.00 26.97 ? 40  PRO A CB  1 
ATOM   31   C CG  . PRO A 1 13  ? 3.445   -0.870  28.057  1.00 26.14 ? 40  PRO A CG  1 
ATOM   32   C CD  . PRO A 1 13  ? 3.562   0.537   28.539  1.00 26.30 ? 40  PRO A CD  1 
ATOM   33   N N   . ARG A 1 14  ? 5.228   0.686   24.200  1.00 27.39 ? 41  ARG A N   1 
ATOM   34   C CA  . ARG A 1 14  ? 4.815   0.912   22.807  1.00 31.29 ? 41  ARG A CA  1 
ATOM   35   C C   . ARG A 1 14  ? 4.768   -0.401  22.021  1.00 27.98 ? 41  ARG A C   1 
ATOM   36   O O   . ARG A 1 14  ? 4.104   -0.498  20.989  1.00 26.26 ? 41  ARG A O   1 
ATOM   37   C CB  . ARG A 1 14  ? 5.785   1.879   22.126  1.00 36.70 ? 41  ARG A CB  1 
ATOM   38   C CG  . ARG A 1 14  ? 5.907   3.256   22.783  1.00 42.97 ? 41  ARG A CG  1 
ATOM   39   C CD  . ARG A 1 14  ? 4.918   4.285   22.238  1.00 49.21 ? 41  ARG A CD  1 
ATOM   40   N NE  . ARG A 1 14  ? 3.573   4.184   22.832  1.00 55.15 ? 41  ARG A NE  1 
ATOM   41   C CZ  . ARG A 1 14  ? 2.549   5.012   22.568  1.00 61.00 ? 41  ARG A CZ  1 
ATOM   42   N NH1 . ARG A 1 14  ? 1.371   4.824   23.172  1.00 62.50 ? 41  ARG A NH1 1 
ATOM   43   N NH2 . ARG A 1 14  ? 2.679   6.025   21.701  1.00 58.96 ? 41  ARG A NH2 1 
ATOM   44   N N   . GLY A 1 15  ? 5.470   -1.415  22.503  1.00 25.61 ? 42  GLY A N   1 
ATOM   45   C CA  . GLY A 1 15  ? 5.591   -2.659  21.768  1.00 25.56 ? 42  GLY A CA  1 
ATOM   46   C C   . GLY A 1 15  ? 6.490   -2.493  20.556  1.00 24.42 ? 42  GLY A C   1 
ATOM   47   O O   . GLY A 1 15  ? 7.337   -1.583  20.481  1.00 21.68 ? 42  GLY A O   1 
ATOM   48   N N   . SER A 1 16  ? 6.316   -3.418  19.621  1.00 24.65 ? 43  SER A N   1 
ATOM   49   C CA  . SER A 1 16  ? 7.132   -3.474  18.416  1.00 23.88 ? 43  SER A CA  1 
ATOM   50   C C   . SER A 1 16  ? 6.261   -3.295  17.183  1.00 20.04 ? 43  SER A C   1 
ATOM   51   O O   . SER A 1 16  ? 5.081   -3.567  17.204  1.00 19.54 ? 43  SER A O   1 
ATOM   52   C CB  . SER A 1 16  ? 7.850   -4.820  18.326  1.00 25.92 ? 43  SER A CB  1 
ATOM   53   O OG  . SER A 1 16  ? 8.890   -4.904  19.299  1.00 32.62 ? 43  SER A OG  1 
ATOM   54   N N   . ASN A 1 17  ? 6.872   -2.819  16.108  1.00 18.38 ? 44  ASN A N   1 
ATOM   55   C CA  . ASN A 1 17  ? 6.260   -2.943  14.796  1.00 17.11 ? 44  ASN A CA  1 
ATOM   56   C C   . ASN A 1 17  ? 6.370   -4.394  14.357  1.00 18.01 ? 44  ASN A C   1 
ATOM   57   O O   . ASN A 1 17  ? 7.379   -5.043  14.621  1.00 18.66 ? 44  ASN A O   1 
ATOM   58   C CB  . ASN A 1 17  ? 6.990   -2.094  13.767  1.00 16.09 ? 44  ASN A CB  1 
ATOM   59   C CG  . ASN A 1 17  ? 6.895   -0.628  14.063  1.00 14.71 ? 44  ASN A CG  1 
ATOM   60   O OD1 . ASN A 1 17  ? 5.811   -0.091  14.184  1.00 15.47 ? 44  ASN A OD1 1 
ATOM   61   N ND2 . ASN A 1 17  ? 8.019   0.011   14.177  1.00 14.23 ? 44  ASN A ND2 1 
ATOM   62   N N   . PRO A 1 18  ? 5.370   -4.896  13.636  1.00 18.99 ? 45  PRO A N   1 
ATOM   63   C CA  . PRO A 1 18  ? 5.529   -6.242  13.092  1.00 20.82 ? 45  PRO A CA  1 
ATOM   64   C C   . PRO A 1 18  ? 6.637   -6.261  12.041  1.00 21.40 ? 45  PRO A C   1 
ATOM   65   O O   . PRO A 1 18  ? 7.062   -5.198  11.561  1.00 20.31 ? 45  PRO A O   1 
ATOM   66   C CB  . PRO A 1 18  ? 4.184   -6.499  12.432  1.00 21.07 ? 45  PRO A CB  1 
ATOM   67   C CG  . PRO A 1 18  ? 3.738   -5.143  11.998  1.00 21.59 ? 45  PRO A CG  1 
ATOM   68   C CD  . PRO A 1 18  ? 4.196   -4.206  13.073  1.00 19.88 ? 45  PRO A CD  1 
ATOM   69   N N   . PRO A 1 19  ? 7.116   -7.462  11.678  1.00 21.62 ? 46  PRO A N   1 
ATOM   70   C CA  . PRO A 1 19  ? 8.012   -7.475  10.528  1.00 23.16 ? 46  PRO A CA  1 
ATOM   71   C C   . PRO A 1 19  ? 7.272   -6.896  9.310   1.00 22.00 ? 46  PRO A C   1 
ATOM   72   O O   . PRO A 1 19  ? 6.051   -7.056  9.219   1.00 23.26 ? 46  PRO A O   1 
ATOM   73   C CB  . PRO A 1 19  ? 8.333   -8.969  10.339  1.00 23.18 ? 46  PRO A CB  1 
ATOM   74   C CG  . PRO A 1 19  ? 8.006   -9.609  11.647  1.00 24.12 ? 46  PRO A CG  1 
ATOM   75   C CD  . PRO A 1 19  ? 6.876   -8.806  12.227  1.00 23.31 ? 46  PRO A CD  1 
ATOM   76   N N   . PRO A 1 20  ? 8.011   -6.262  8.395   1.00 24.05 ? 47  PRO A N   1 
ATOM   77   C CA  . PRO A 1 20  ? 7.346   -5.751  7.195   1.00 24.27 ? 47  PRO A CA  1 
ATOM   78   C C   . PRO A 1 20  ? 6.704   -6.895  6.424   1.00 22.82 ? 47  PRO A C   1 
ATOM   79   O O   . PRO A 1 20  ? 7.191   -8.040  6.505   1.00 24.85 ? 47  PRO A O   1 
ATOM   80   C CB  . PRO A 1 20  ? 8.491   -5.127  6.405   1.00 24.93 ? 47  PRO A CB  1 
ATOM   81   C CG  . PRO A 1 20  ? 9.710   -5.828  6.864   1.00 26.06 ? 47  PRO A CG  1 
ATOM   82   C CD  . PRO A 1 20  ? 9.467   -6.049  8.333   1.00 24.53 ? 47  PRO A CD  1 
ATOM   83   N N   . PRO A 1 21  ? 5.602   -6.625  5.710   1.00 20.31 ? 48  PRO A N   1 
ATOM   84   C CA  . PRO A 1 21  ? 5.017   -7.719  4.938   1.00 19.26 ? 48  PRO A CA  1 
ATOM   85   C C   . PRO A 1 21  ? 6.059   -8.373  4.015   1.00 18.27 ? 48  PRO A C   1 
ATOM   86   O O   . PRO A 1 21  ? 7.001   -7.697  3.555   1.00 17.79 ? 48  PRO A O   1 
ATOM   87   C CB  . PRO A 1 21  ? 3.907   -7.031  4.138   1.00 19.60 ? 48  PRO A CB  1 
ATOM   88   C CG  . PRO A 1 21  ? 3.597   -5.778  4.888   1.00 19.22 ? 48  PRO A CG  1 
ATOM   89   C CD  . PRO A 1 21  ? 4.882   -5.345  5.486   1.00 18.30 ? 48  PRO A CD  1 
ATOM   90   N N   . GLU A 1 22  ? 5.922   -9.679  3.799   1.00 17.82 ? 49  GLU A N   1 
ATOM   91   C CA  . GLU A 1 22  ? 6.837   -10.371 2.921   1.00 18.17 ? 49  GLU A CA  1 
ATOM   92   C C   . GLU A 1 22  ? 6.716   -9.796  1.514   1.00 15.61 ? 49  GLU A C   1 
ATOM   93   O O   . GLU A 1 22  ? 5.618   -9.553  1.061   1.00 15.45 ? 49  GLU A O   1 
ATOM   94   C CB  . GLU A 1 22  ? 6.541   -11.879 2.860   1.00 20.27 ? 49  GLU A CB  1 
ATOM   95   C CG  . GLU A 1 22  ? 7.584   -12.637 2.047   1.00 23.17 ? 49  GLU A CG  1 
ATOM   96   C CD  . GLU A 1 22  ? 9.027   -12.377 2.504   1.00 25.05 ? 49  GLU A CD  1 
ATOM   97   O OE1 . GLU A 1 22  ? 9.376   -12.973 3.552   1.00 30.63 ? 49  GLU A OE1 1 
ATOM   98   O OE2 . GLU A 1 22  ? 9.805   -11.586 1.864   1.00 23.49 ? 49  GLU A OE2 1 
ATOM   99   N N   . THR A 1 23  ? 7.842   -9.608  0.850   1.00 14.54 ? 50  THR A N   1 
ATOM   100  C CA  . THR A 1 23  ? 7.871   -9.077  -0.514  1.00 14.99 ? 50  THR A CA  1 
ATOM   101  C C   . THR A 1 23  ? 8.535   -10.001 -1.525  1.00 15.80 ? 50  THR A C   1 
ATOM   102  O O   . THR A 1 23  ? 8.494   -9.707  -2.717  1.00 15.47 ? 50  THR A O   1 
ATOM   103  C CB  . THR A 1 23  ? 8.618   -7.727  -0.574  1.00 16.49 ? 50  THR A CB  1 
ATOM   104  O OG1 . THR A 1 23  ? 9.938   -7.878  -0.032  1.00 17.64 ? 50  THR A OG1 1 
ATOM   105  C CG2 . THR A 1 23  ? 7.865   -6.664  0.182   1.00 17.20 ? 50  THR A CG2 1 
ATOM   106  N N   . SER A 1 24  ? 9.134   -11.094 -1.046  1.00 17.28 ? 51  SER A N   1 
ATOM   107  C CA  . SER A 1 24  ? 9.877   -12.025 -1.882  1.00 18.36 ? 51  SER A CA  1 
ATOM   108  C C   . SER A 1 24  ? 9.289   -13.421 -1.736  1.00 17.78 ? 51  SER A C   1 
ATOM   109  O O   . SER A 1 24  ? 9.030   -13.865 -0.624  1.00 18.35 ? 51  SER A O   1 
ATOM   110  C CB  . SER A 1 24  ? 11.311  -12.058 -1.376  1.00 21.22 ? 51  SER A CB  1 
ATOM   111  O OG  . SER A 1 24  ? 12.170  -12.737 -2.272  1.00 27.15 ? 51  SER A OG  1 
ATOM   112  N N   . ASN A 1 25  ? 9.055   -14.091 -2.854  1.00 17.17 ? 52  ASN A N   1 
ATOM   113  C CA  . ASN A 1 25  ? 8.663   -15.517 -2.856  1.00 16.85 ? 52  ASN A CA  1 
ATOM   114  C C   . ASN A 1 25  ? 9.530   -16.139 -3.947  1.00 16.89 ? 52  ASN A C   1 
ATOM   115  O O   . ASN A 1 25  ? 9.084   -16.320 -5.082  1.00 16.82 ? 52  ASN A O   1 
ATOM   116  C CB  . ASN A 1 25  ? 7.173   -15.659 -3.110  1.00 16.81 ? 52  ASN A CB  1 
ATOM   117  C CG  . ASN A 1 25  ? 6.712   -17.092 -3.060  1.00 17.46 ? 52  ASN A CG  1 
ATOM   118  O OD1 . ASN A 1 25  ? 7.537   -18.006 -2.970  1.00 18.80 ? 52  ASN A OD1 1 
ATOM   119  N ND2 . ASN A 1 25  ? 5.426   -17.298 -3.143  1.00 16.84 ? 52  ASN A ND2 1 
ATOM   120  N N   . PRO A 1 26  ? 10.808  -16.410 -3.618  1.00 18.61 ? 53  PRO A N   1 
ATOM   121  C CA  . PRO A 1 26  ? 11.745  -16.724 -4.684  1.00 18.59 ? 53  PRO A CA  1 
ATOM   122  C C   . PRO A 1 26  ? 11.401  -18.014 -5.451  1.00 16.04 ? 53  PRO A C   1 
ATOM   123  O O   . PRO A 1 26  ? 11.729  -18.109 -6.631  1.00 17.99 ? 53  PRO A O   1 
ATOM   124  C CB  . PRO A 1 26  ? 13.095  -16.858 -3.961  1.00 21.29 ? 53  PRO A CB  1 
ATOM   125  C CG  . PRO A 1 26  ? 12.795  -16.866 -2.511  1.00 22.46 ? 53  PRO A CG  1 
ATOM   126  C CD  . PRO A 1 26  ? 11.494  -16.157 -2.344  1.00 21.58 ? 53  PRO A CD  1 
ATOM   127  N N   . ASN A 1 27  ? 10.692  -18.938 -4.815  1.00 15.97 ? 54  ASN A N   1 
ATOM   128  C CA  . ASN A 1 27  ? 10.325  -20.204 -5.490  1.00 14.60 ? 54  ASN A CA  1 
ATOM   129  C C   . ASN A 1 27  ? 8.959   -20.248 -6.149  1.00 15.55 ? 54  ASN A C   1 
ATOM   130  O O   . ASN A 1 27  ? 8.551   -21.262 -6.718  1.00 15.51 ? 54  ASN A O   1 
ATOM   131  C CB  . ASN A 1 27  ? 10.530  -21.356 -4.524  1.00 14.41 ? 54  ASN A CB  1 
ATOM   132  C CG  . ASN A 1 27  ? 11.978  -21.469 -4.097  1.00 13.77 ? 54  ASN A CG  1 
ATOM   133  O OD1 . ASN A 1 27  ? 12.894  -21.134 -4.844  1.00 14.06 ? 54  ASN A OD1 1 
ATOM   134  N ND2 . ASN A 1 27  ? 12.193  -21.958 -2.922  1.00 12.37 ? 54  ASN A ND2 1 
ATOM   135  N N   . LYS A 1 28  ? 8.262   -19.116 -6.146  1.00 15.39 ? 55  LYS A N   1 
ATOM   136  C CA  . LYS A 1 28  ? 7.063   -18.978 -6.915  1.00 15.39 ? 55  LYS A CA  1 
ATOM   137  C C   . LYS A 1 28  ? 7.438   -18.916 -8.389  1.00 16.09 ? 55  LYS A C   1 
ATOM   138  O O   . LYS A 1 28  ? 8.293   -18.118 -8.772  1.00 16.72 ? 55  LYS A O   1 
ATOM   139  C CB  . LYS A 1 28  ? 6.308   -17.699 -6.554  1.00 15.20 ? 55  LYS A CB  1 
ATOM   140  C CG  . LYS A 1 28  ? 5.108   -17.416 -7.421  1.00 15.19 ? 55  LYS A CG  1 
ATOM   141  C CD  . LYS A 1 28  ? 4.593   -16.002 -7.165  1.00 14.85 ? 55  LYS A CD  1 
ATOM   142  C CE  . LYS A 1 28  ? 3.642   -15.569 -8.256  1.00 15.69 ? 55  LYS A CE  1 
ATOM   143  N NZ  . LYS A 1 28  ? 4.369   -15.240 -9.518  1.00 15.89 ? 55  LYS A NZ  1 
ATOM   144  N N   . PRO A 1 29  ? 6.773   -19.741 -9.213  1.00 17.36 ? 56  PRO A N   1 
ATOM   145  C CA  . PRO A 1 29  ? 7.035   -19.616 -10.622 1.00 17.23 ? 56  PRO A CA  1 
ATOM   146  C C   . PRO A 1 29  ? 6.622   -18.256 -11.192 1.00 18.63 ? 56  PRO A C   1 
ATOM   147  O O   . PRO A 1 29  ? 5.566   -17.706 -10.824 1.00 17.50 ? 56  PRO A O   1 
ATOM   148  C CB  . PRO A 1 29  ? 6.182   -20.744 -11.238 1.00 18.75 ? 56  PRO A CB  1 
ATOM   149  C CG  . PRO A 1 29  ? 5.071   -20.942 -10.292 1.00 18.73 ? 56  PRO A CG  1 
ATOM   150  C CD  . PRO A 1 29  ? 5.674   -20.681 -8.948  1.00 17.96 ? 56  PRO A CD  1 
ATOM   151  N N   . LYS A 1 30  ? 7.440   -17.757 -12.107 1.00 20.10 ? 57  LYS A N   1 
ATOM   152  C CA  . LYS A 1 30  ? 7.224   -16.441 -12.690 1.00 23.02 ? 57  LYS A CA  1 
ATOM   153  C C   . LYS A 1 30  ? 6.086   -16.468 -13.718 1.00 25.12 ? 57  LYS A C   1 
ATOM   154  O O   . LYS A 1 30  ? 5.977   -17.385 -14.538 1.00 26.39 ? 57  LYS A O   1 
ATOM   155  C CB  . LYS A 1 30  ? 8.512   -15.880 -13.319 1.00 24.43 ? 57  LYS A CB  1 
ATOM   156  C CG  . LYS A 1 30  ? 9.719   -15.739 -12.384 1.00 27.30 ? 57  LYS A CG  1 
ATOM   157  C CD  . LYS A 1 30  ? 9.528   -14.768 -11.222 1.00 28.27 ? 57  LYS A CD  1 
ATOM   158  C CE  . LYS A 1 30  ? 10.861  -14.535 -10.512 1.00 31.15 ? 57  LYS A CE  1 
ATOM   159  N NZ  . LYS A 1 30  ? 10.781  -13.938 -9.143  1.00 33.36 ? 57  LYS A NZ  1 
ATOM   160  N N   . ARG A 1 31  ? 5.217   -15.475 -13.637 1.00 23.73 ? 58  ARG A N   1 
ATOM   161  C CA  . ARG A 1 31  ? 4.169   -15.262 -14.625 1.00 25.08 ? 58  ARG A CA  1 
ATOM   162  C C   . ARG A 1 31  ? 3.858   -13.774 -14.673 1.00 25.44 ? 58  ARG A C   1 
ATOM   163  O O   . ARG A 1 31  ? 3.347   -13.186 -13.713 1.00 22.75 ? 58  ARG A O   1 
ATOM   164  C CB  . ARG A 1 31  ? 2.901   -16.049 -14.313 1.00 26.93 ? 58  ARG A CB  1 
ATOM   165  C CG  . ARG A 1 31  ? 1.904   -16.055 -15.475 1.00 31.91 ? 58  ARG A CG  1 
ATOM   166  C CD  . ARG A 1 31  ? 0.687   -16.920 -15.200 1.00 34.45 ? 58  ARG A CD  1 
ATOM   167  N NE  . ARG A 1 31  ? -0.224  -16.265 -14.259 1.00 37.09 ? 58  ARG A NE  1 
ATOM   168  C CZ  . ARG A 1 31  ? -1.371  -15.646 -14.557 1.00 36.83 ? 58  ARG A CZ  1 
ATOM   169  N NH1 . ARG A 1 31  ? -1.840  -15.585 -15.810 1.00 39.29 ? 58  ARG A NH1 1 
ATOM   170  N NH2 . ARG A 1 31  ? -2.078  -15.083 -13.572 1.00 36.76 ? 58  ARG A NH2 1 
ATOM   171  N N   . GLN A 1 32  ? 4.187   -13.170 -15.804 1.00 26.80 ? 59  GLN A N   1 
ATOM   172  C CA  . GLN A 1 32  ? 3.813   -11.801 -16.079 1.00 29.17 ? 59  GLN A CA  1 
ATOM   173  C C   . GLN A 1 32  ? 2.436   -11.856 -16.712 1.00 26.95 ? 59  GLN A C   1 
ATOM   174  O O   . GLN A 1 32  ? 2.099   -12.826 -17.423 1.00 27.07 ? 59  GLN A O   1 
ATOM   175  C CB  . GLN A 1 32  ? 4.820   -11.143 -17.021 1.00 34.50 ? 59  GLN A CB  1 
ATOM   176  C CG  . GLN A 1 32  ? 6.164   -10.853 -16.363 1.00 41.01 ? 59  GLN A CG  1 
ATOM   177  C CD  . GLN A 1 32  ? 7.351   -11.089 -17.286 1.00 49.45 ? 59  GLN A CD  1 
ATOM   178  O OE1 . GLN A 1 32  ? 7.458   -10.473 -18.359 1.00 56.09 ? 59  GLN A OE1 1 
ATOM   179  N NE2 . GLN A 1 32  ? 8.254   -11.985 -16.879 1.00 51.88 ? 59  GLN A NE2 1 
ATOM   180  N N   . THR A 1 33  ? 1.623   -10.850 -16.426 1.00 21.94 ? 60  THR A N   1 
ATOM   181  C CA  . THR A 1 33  ? 0.350   -10.668 -17.127 1.00 21.04 ? 60  THR A CA  1 
ATOM   182  C C   . THR A 1 33  ? 0.266   -9.203  -17.548 1.00 21.02 ? 60  THR A C   1 
ATOM   183  O O   . THR A 1 33  ? 0.980   -8.331  -17.015 1.00 21.33 ? 60  THR A O   1 
ATOM   184  C CB  . THR A 1 33  ? -0.859  -11.004 -16.253 1.00 21.96 ? 60  THR A CB  1 
ATOM   185  O OG1 . THR A 1 33  ? -1.056  -9.979  -15.258 1.00 21.42 ? 60  THR A OG1 1 
ATOM   186  C CG2 . THR A 1 33  ? -0.705  -12.382 -15.577 1.00 23.46 ? 60  THR A CG2 1 
ATOM   187  N N   . ASN A 1 34  ? -0.566  -8.921  -18.529 1.00 21.29 ? 61  ASN A N   1 
ATOM   188  C CA  . ASN A 1 34  ? -0.696  -7.527  -18.966 1.00 22.52 ? 61  ASN A CA  1 
ATOM   189  C C   . ASN A 1 34  ? -1.196  -6.614  -17.849 1.00 19.34 ? 61  ASN A C   1 
ATOM   190  O O   . ASN A 1 34  ? -0.748  -5.472  -17.754 1.00 18.35 ? 61  ASN A O   1 
ATOM   191  C CB  . ASN A 1 34  ? -1.558  -7.385  -20.236 1.00 25.87 ? 61  ASN A CB  1 
ATOM   192  C CG  . ASN A 1 34  ? -2.944  -7.972  -20.097 1.00 30.98 ? 61  ASN A CG  1 
ATOM   193  O OD1 . ASN A 1 34  ? -3.159  -8.987  -19.409 1.00 37.73 ? 61  ASN A OD1 1 
ATOM   194  N ND2 . ASN A 1 34  ? -3.904  -7.350  -20.774 1.00 33.54 ? 61  ASN A ND2 1 
ATOM   195  N N   . GLN A 1 35  ? -2.085  -7.130  -16.995 1.00 19.21 ? 62  GLN A N   1 
ATOM   196  C CA  . GLN A 1 35  ? -2.614  -6.357  -15.872 1.00 19.02 ? 62  GLN A CA  1 
ATOM   197  C C   . GLN A 1 35  ? -1.542  -6.072  -14.805 1.00 16.85 ? 62  GLN A C   1 
ATOM   198  O O   . GLN A 1 35  ? -1.428  -4.938  -14.337 1.00 15.21 ? 62  GLN A O   1 
ATOM   199  C CB  . GLN A 1 35  ? -3.856  -7.001  -15.258 1.00 21.71 ? 62  GLN A CB  1 
ATOM   200  C CG  . GLN A 1 35  ? -5.070  -6.921  -16.189 1.00 24.54 ? 62  GLN A CG  1 
ATOM   201  C CD  . GLN A 1 35  ? -6.378  -7.279  -15.508 1.00 29.38 ? 62  GLN A CD  1 
ATOM   202  O OE1 . GLN A 1 35  ? -6.396  -7.830  -14.418 1.00 33.95 ? 62  GLN A OE1 1 
ATOM   203  N NE2 . GLN A 1 35  ? -7.491  -6.975  -16.171 1.00 31.62 ? 62  GLN A NE2 1 
ATOM   204  N N   . LEU A 1 36  ? -0.739  -7.078  -14.466 1.00 16.44 ? 63  LEU A N   1 
ATOM   205  C CA  . LEU A 1 36  ? 0.370   -6.856  -13.528 1.00 16.70 ? 63  LEU A CA  1 
ATOM   206  C C   . LEU A 1 36  ? 1.386   -5.890  -14.104 1.00 16.08 ? 63  LEU A C   1 
ATOM   207  O O   . LEU A 1 36  ? 1.928   -5.066  -13.375 1.00 15.30 ? 63  LEU A O   1 
ATOM   208  C CB  . LEU A 1 36  ? 1.054   -8.183  -13.131 1.00 17.02 ? 63  LEU A CB  1 
ATOM   209  C CG  . LEU A 1 36  ? 0.288   -9.073  -12.165 1.00 17.60 ? 63  LEU A CG  1 
ATOM   210  C CD1 . LEU A 1 36  ? 0.881   -10.485 -12.132 1.00 17.93 ? 63  LEU A CD1 1 
ATOM   211  C CD2 . LEU A 1 36  ? 0.216   -8.460  -10.774 1.00 17.02 ? 63  LEU A CD2 1 
ATOM   212  N N   . GLN A 1 37  ? 1.658   -5.993  -15.409 1.00 16.97 ? 64  GLN A N   1 
ATOM   213  C CA  . GLN A 1 37  ? 2.544   -5.045  -16.060 1.00 18.40 ? 64  GLN A CA  1 
ATOM   214  C C   . GLN A 1 37  ? 2.006   -3.631  -15.978 1.00 16.42 ? 64  GLN A C   1 
ATOM   215  O O   . GLN A 1 37  ? 2.768   -2.693  -15.706 1.00 15.51 ? 64  GLN A O   1 
ATOM   216  C CB  . GLN A 1 37  ? 2.782   -5.422  -17.530 1.00 21.83 ? 64  GLN A CB  1 
ATOM   217  C CG  . GLN A 1 37  ? 3.681   -6.643  -17.714 1.00 26.61 ? 64  GLN A CG  1 
ATOM   218  C CD  . GLN A 1 37  ? 5.152   -6.404  -17.367 1.00 30.58 ? 64  GLN A CD  1 
ATOM   219  O OE1 . GLN A 1 37  ? 5.937   -7.366  -17.334 1.00 39.70 ? 64  GLN A OE1 1 
ATOM   220  N NE2 . GLN A 1 37  ? 5.540   -5.137  -17.094 1.00 29.61 ? 64  GLN A NE2 1 
ATOM   221  N N   . TYR A 1 38  ? 0.703   -3.483  -16.204 1.00 15.52 ? 65  TYR A N   1 
ATOM   222  C CA  . TYR A 1 38  ? 0.053   -2.174  -16.090 1.00 15.64 ? 65  TYR A CA  1 
ATOM   223  C C   . TYR A 1 38  ? 0.131   -1.626  -14.653 1.00 15.44 ? 65  TYR A C   1 
ATOM   224  O O   . TYR A 1 38  ? 0.442   -0.446  -14.401 1.00 14.96 ? 65  TYR A O   1 
ATOM   225  C CB  . TYR A 1 38  ? -1.378  -2.269  -16.590 1.00 15.85 ? 65  TYR A CB  1 
ATOM   226  C CG  . TYR A 1 38  ? -2.131  -0.969  -16.566 1.00 16.10 ? 65  TYR A CG  1 
ATOM   227  C CD1 . TYR A 1 38  ? -1.996  -0.051  -17.601 1.00 17.25 ? 65  TYR A CD1 1 
ATOM   228  C CD2 . TYR A 1 38  ? -3.009  -0.668  -15.519 1.00 15.86 ? 65  TYR A CD2 1 
ATOM   229  C CE1 . TYR A 1 38  ? -2.708  1.129   -17.586 1.00 17.08 ? 65  TYR A CE1 1 
ATOM   230  C CE2 . TYR A 1 38  ? -3.730  0.509   -15.500 1.00 16.28 ? 65  TYR A CE2 1 
ATOM   231  C CZ  . TYR A 1 38  ? -3.580  1.412   -16.531 1.00 16.55 ? 65  TYR A CZ  1 
ATOM   232  O OH  . TYR A 1 38  ? -4.289  2.593   -16.512 1.00 18.24 ? 65  TYR A OH  1 
ATOM   233  N N   . LEU A 1 39  ? -0.117  -2.498  -13.694 1.00 14.53 ? 66  LEU A N   1 
ATOM   234  C CA  . LEU A 1 39  ? -0.021  -2.047  -12.303 1.00 14.63 ? 66  LEU A CA  1 
ATOM   235  C C   . LEU A 1 39  ? 1.351   -1.559  -11.925 1.00 13.81 ? 66  LEU A C   1 
ATOM   236  O O   . LEU A 1 39  ? 1.487   -0.573  -11.199 1.00 14.12 ? 66  LEU A O   1 
ATOM   237  C CB  . LEU A 1 39  ? -0.467  -3.172  -11.352 1.00 14.69 ? 66  LEU A CB  1 
ATOM   238  C CG  . LEU A 1 39  ? -1.974  -3.365  -11.312 1.00 16.48 ? 66  LEU A CG  1 
ATOM   239  C CD1 . LEU A 1 39  ? -2.363  -4.764  -10.848 1.00 17.80 ? 66  LEU A CD1 1 
ATOM   240  C CD2 . LEU A 1 39  ? -2.650  -2.342  -10.420 1.00 18.28 ? 66  LEU A CD2 1 
ATOM   241  N N   . LEU A 1 40  ? 2.388   -2.201  -12.431 1.00 13.67 ? 67  LEU A N   1 
ATOM   242  C CA  . LEU A 1 40  ? 3.734   -1.827  -12.087 1.00 14.36 ? 67  LEU A CA  1 
ATOM   243  C C   . LEU A 1 40  ? 4.176   -0.570  -12.835 1.00 15.33 ? 67  LEU A C   1 
ATOM   244  O O   . LEU A 1 40  ? 4.593   0.414   -12.235 1.00 16.24 ? 67  LEU A O   1 
ATOM   245  C CB  . LEU A 1 40  ? 4.677   -2.986  -12.359 1.00 16.17 ? 67  LEU A CB  1 
ATOM   246  C CG  . LEU A 1 40  ? 6.160   -2.662  -12.147 1.00 17.01 ? 67  LEU A CG  1 
ATOM   247  C CD1 . LEU A 1 40  ? 6.424   -2.101  -10.757 1.00 17.82 ? 67  LEU A CD1 1 
ATOM   248  C CD2 . LEU A 1 40  ? 6.931   -3.932  -12.460 1.00 18.63 ? 67  LEU A CD2 1 
ATOM   249  N N   . ARG A 1 41  ? 3.975   -0.597  -14.144 1.00 15.84 ? 68  ARG A N   1 
ATOM   250  C CA  . ARG A 1 41  ? 4.544   0.426   -15.009 1.00 18.09 ? 68  ARG A CA  1 
ATOM   251  C C   . ARG A 1 41  ? 3.753   1.658   -15.143 1.00 17.36 ? 68  ARG A C   1 
ATOM   252  O O   . ARG A 1 41  ? 4.327   2.666   -15.561 1.00 19.13 ? 68  ARG A O   1 
ATOM   253  C CB  . ARG A 1 41  ? 4.765   -0.134  -16.409 1.00 19.53 ? 68  ARG A CB  1 
ATOM   254  C CG  . ARG A 1 41  ? 5.764   -1.265  -16.442 1.00 21.29 ? 68  ARG A CG  1 
ATOM   255  C CD  . ARG A 1 41  ? 7.090   -0.881  -15.811 1.00 24.15 ? 68  ARG A CD  1 
ATOM   256  N NE  . ARG A 1 41  ? 7.977   -2.047  -15.795 1.00 27.38 ? 68  ARG A NE  1 
ATOM   257  C CZ  . ARG A 1 41  ? 8.933   -2.314  -14.894 1.00 28.87 ? 68  ARG A CZ  1 
ATOM   258  N NH1 . ARG A 1 41  ? 9.626   -3.440  -15.039 1.00 29.24 ? 68  ARG A NH1 1 
ATOM   259  N NH2 . ARG A 1 41  ? 9.195   -1.505  -13.852 1.00 30.81 ? 68  ARG A NH2 1 
ATOM   260  N N   . VAL A 1 42  ? 2.459   1.592   -14.831 1.00 16.09 ? 69  VAL A N   1 
ATOM   261  C CA  . VAL A 1 42  ? 1.572   2.735   -14.937 1.00 16.52 ? 69  VAL A CA  1 
ATOM   262  C C   . VAL A 1 42  ? 1.025   3.129   -13.563 1.00 15.80 ? 69  VAL A C   1 
ATOM   263  O O   . VAL A 1 42  ? 1.269   4.257   -13.099 1.00 16.53 ? 69  VAL A O   1 
ATOM   264  C CB  . VAL A 1 42  ? 0.406   2.478   -15.929 1.00 17.43 ? 69  VAL A CB  1 
ATOM   265  C CG1 . VAL A 1 42  ? -0.577  3.638   -15.943 1.00 18.38 ? 69  VAL A CG1 1 
ATOM   266  C CG2 . VAL A 1 42  ? 0.946   2.223   -17.334 1.00 18.07 ? 69  VAL A CG2 1 
ATOM   267  N N   . VAL A 1 43  ? 0.299   2.224   -12.912 1.00 14.74 ? 70  VAL A N   1 
ATOM   268  C CA  . VAL A 1 43  ? -0.456  2.598   -11.727 1.00 14.37 ? 70  VAL A CA  1 
ATOM   269  C C   . VAL A 1 43  ? 0.488   2.942   -10.566 1.00 14.68 ? 70  VAL A C   1 
ATOM   270  O O   . VAL A 1 43  ? 0.419   4.024   -9.978  1.00 13.97 ? 70  VAL A O   1 
ATOM   271  C CB  . VAL A 1 43  ? -1.438  1.498   -11.297 1.00 14.56 ? 70  VAL A CB  1 
ATOM   272  C CG1 . VAL A 1 43  ? -2.238  1.911   -10.049 1.00 15.07 ? 70  VAL A CG1 1 
ATOM   273  C CG2 . VAL A 1 43  ? -2.365  1.121   -12.455 1.00 15.17 ? 70  VAL A CG2 1 
ATOM   274  N N   . LEU A 1 44  ? 1.351   1.991   -10.219 1.00 14.79 ? 71  LEU A N   1 
ATOM   275  C CA  . LEU A 1 44  ? 2.312   2.240   -9.157  1.00 14.98 ? 71  LEU A CA  1 
ATOM   276  C C   . LEU A 1 44  ? 3.201   3.437   -9.465  1.00 14.84 ? 71  LEU A C   1 
ATOM   277  O O   . LEU A 1 44  ? 3.421   4.286   -8.612  1.00 13.77 ? 71  LEU A O   1 
ATOM   278  C CB  . LEU A 1 44  ? 3.127   0.991   -8.889  1.00 16.63 ? 71  LEU A CB  1 
ATOM   279  C CG  . LEU A 1 44  ? 4.200   1.183   -7.826  1.00 17.54 ? 71  LEU A CG  1 
ATOM   280  C CD1 . LEU A 1 44  ? 3.567   1.368   -6.448  1.00 18.14 ? 71  LEU A CD1 1 
ATOM   281  C CD2 . LEU A 1 44  ? 5.140   0.005   -7.933  1.00 20.85 ? 71  LEU A CD2 1 
ATOM   282  N N   . LYS A 1 45  ? 3.692   3.541   -10.700 1.00 14.72 ? 72  LYS A N   1 
ATOM   283  C CA  . LYS A 1 45  ? 4.540   4.686   -11.051 1.00 15.69 ? 72  LYS A CA  1 
ATOM   284  C C   . LYS A 1 45  ? 3.848   6.023   -10.832 1.00 14.23 ? 72  LYS A C   1 
ATOM   285  O O   . LYS A 1 45  ? 4.443   6.936   -10.280 1.00 14.57 ? 72  LYS A O   1 
ATOM   286  C CB  . LYS A 1 45  ? 5.044   4.571   -12.494 1.00 17.47 ? 72  LYS A CB  1 
ATOM   287  C CG  . LYS A 1 45  ? 6.136   5.567   -12.777 1.00 19.60 ? 72  LYS A CG  1 
ATOM   288  C CD  . LYS A 1 45  ? 6.962   5.211   -14.007 1.00 21.20 ? 72  LYS A CD  1 
ATOM   289  C CE  . LYS A 1 45  ? 6.226   5.505   -15.278 1.00 20.31 ? 72  LYS A CE  1 
ATOM   290  N NZ  . LYS A 1 45  ? 7.183   5.273   -16.399 1.00 19.42 ? 72  LYS A NZ  1 
ATOM   291  N N   . THR A 1 46  ? 2.593   6.131   -11.263 1.00 14.14 ? 73  THR A N   1 
ATOM   292  C CA  . THR A 1 46  ? 1.805   7.365   -11.106 1.00 14.84 ? 73  THR A CA  1 
ATOM   293  C C   . THR A 1 46  ? 1.660   7.737   -9.613  1.00 13.26 ? 73  THR A C   1 
ATOM   294  O O   . THR A 1 46  ? 1.936   8.873   -9.189  1.00 13.54 ? 73  THR A O   1 
ATOM   295  C CB  . THR A 1 46  ? 0.407   7.211   -11.762 1.00 16.08 ? 73  THR A CB  1 
ATOM   296  O OG1 . THR A 1 46  ? 0.570   7.142   -13.190 1.00 17.89 ? 73  THR A OG1 1 
ATOM   297  C CG2 . THR A 1 46  ? -0.461  8.358   -11.453 1.00 16.74 ? 73  THR A CG2 1 
ATOM   298  N N   . LEU A 1 47  ? 1.264   6.765   -8.788  1.00 12.79 ? 74  LEU A N   1 
ATOM   299  C CA  . LEU A 1 47  ? 1.032   7.062   -7.380  1.00 12.35 ? 74  LEU A CA  1 
ATOM   300  C C   . LEU A 1 47  ? 2.359   7.346   -6.657  1.00 11.87 ? 74  LEU A C   1 
ATOM   301  O O   . LEU A 1 47  ? 2.419   8.221   -5.813  1.00 12.40 ? 74  LEU A O   1 
ATOM   302  C CB  . LEU A 1 47  ? 0.266   5.928   -6.671  1.00 13.40 ? 74  LEU A CB  1 
ATOM   303  C CG  . LEU A 1 47  ? -1.269  5.962   -6.755  1.00 16.21 ? 74  LEU A CG  1 
ATOM   304  C CD1 . LEU A 1 47  ? -1.820  5.889   -8.161  1.00 17.08 ? 74  LEU A CD1 1 
ATOM   305  C CD2 . LEU A 1 47  ? -1.854  4.820   -5.924  1.00 16.41 ? 74  LEU A CD2 1 
ATOM   306  N N   . TRP A 1 48  ? 3.410   6.612   -7.021  1.00 11.22 ? 75  TRP A N   1 
ATOM   307  C CA  . TRP A 1 48  ? 4.694   6.747   -6.368  1.00 12.80 ? 75  TRP A CA  1 
ATOM   308  C C   . TRP A 1 48  ? 5.258   8.136   -6.495  1.00 14.03 ? 75  TRP A C   1 
ATOM   309  O O   . TRP A 1 48  ? 5.831   8.659   -5.533  1.00 15.21 ? 75  TRP A O   1 
ATOM   310  C CB  . TRP A 1 48  ? 5.688   5.720   -6.923  1.00 12.99 ? 75  TRP A CB  1 
ATOM   311  C CG  . TRP A 1 48  ? 6.931   5.599   -6.126  1.00 12.84 ? 75  TRP A CG  1 
ATOM   312  C CD1 . TRP A 1 48  ? 8.104   6.237   -6.353  1.00 14.18 ? 75  TRP A CD1 1 
ATOM   313  C CD2 . TRP A 1 48  ? 7.167   4.717   -5.009  1.00 11.96 ? 75  TRP A CD2 1 
ATOM   314  N NE1 . TRP A 1 48  ? 9.053   5.853   -5.440  1.00 15.01 ? 75  TRP A NE1 1 
ATOM   315  C CE2 . TRP A 1 48  ? 8.507   4.920   -4.600  1.00 12.74 ? 75  TRP A CE2 1 
ATOM   316  C CE3 . TRP A 1 48  ? 6.376   3.812   -4.302  1.00 12.19 ? 75  TRP A CE3 1 
ATOM   317  C CZ2 . TRP A 1 48  ? 9.057   4.265   -3.510  1.00 12.52 ? 75  TRP A CZ2 1 
ATOM   318  C CZ3 . TRP A 1 48  ? 6.930   3.158   -3.246  1.00 12.41 ? 75  TRP A CZ3 1 
ATOM   319  C CH2 . TRP A 1 48  ? 8.259   3.371   -2.867  1.00 12.41 ? 75  TRP A CH2 1 
ATOM   320  N N   . LYS A 1 49  ? 5.074   8.730   -7.680  1.00 14.92 ? 76  LYS A N   1 
ATOM   321  C CA  . LYS A 1 49  ? 5.601   10.060  -7.984  1.00 16.56 ? 76  LYS A CA  1 
ATOM   322  C C   . LYS A 1 49  ? 4.715   11.199  -7.558  1.00 16.96 ? 76  LYS A C   1 
ATOM   323  O O   . LYS A 1 49  ? 5.102   12.377  -7.696  1.00 18.17 ? 76  LYS A O   1 
ATOM   324  C CB  . LYS A 1 49  ? 5.879   10.175  -9.484  1.00 18.48 ? 76  LYS A CB  1 
ATOM   325  C CG  . LYS A 1 49  ? 6.927   9.183   -9.908  1.00 19.84 ? 76  LYS A CG  1 
ATOM   326  C CD  . LYS A 1 49  ? 7.296   9.326   -11.371 1.00 22.44 ? 76  LYS A CD  1 
ATOM   327  C CE  . LYS A 1 49  ? 8.377   8.320   -11.699 1.00 23.70 ? 76  LYS A CE  1 
ATOM   328  N NZ  . LYS A 1 49  ? 8.933   8.553   -13.043 1.00 25.37 ? 76  LYS A NZ  1 
ATOM   329  N N   . HIS A 1 50  ? 3.530   10.885  -7.032  1.00 15.41 ? 77  HIS A N   1 
ATOM   330  C CA  . HIS A 1 50  ? 2.625   11.911  -6.541  1.00 15.77 ? 77  HIS A CA  1 
ATOM   331  C C   . HIS A 1 50  ? 3.228   12.656  -5.349  1.00 15.32 ? 77  HIS A C   1 
ATOM   332  O O   . HIS A 1 50  ? 3.924   12.091  -4.516  1.00 14.53 ? 77  HIS A O   1 
ATOM   333  C CB  . HIS A 1 50  ? 1.267   11.296  -6.173  1.00 16.21 ? 77  HIS A CB  1 
ATOM   334  C CG  . HIS A 1 50  ? 0.188   12.313  -5.972  1.00 17.46 ? 77  HIS A CG  1 
ATOM   335  N ND1 . HIS A 1 50  ? -0.048  12.916  -4.759  1.00 17.62 ? 77  HIS A ND1 1 
ATOM   336  C CD2 . HIS A 1 50  ? -0.708  12.840  -6.836  1.00 19.28 ? 77  HIS A CD2 1 
ATOM   337  C CE1 . HIS A 1 50  ? -1.064  13.757  -4.873  1.00 19.07 ? 77  HIS A CE1 1 
ATOM   338  N NE2 . HIS A 1 50  ? -1.469  13.744  -6.130  1.00 20.18 ? 77  HIS A NE2 1 
ATOM   339  N N   . GLN A 1 51  ? 2.874   13.927  -5.235  1.00 16.51 ? 78  GLN A N   1 
ATOM   340  C CA  A GLN A 1 51  ? 3.425   14.812  -4.205  0.50 16.07 ? 78  GLN A CA  1 
ATOM   341  C CA  B GLN A 1 51  ? 3.410   14.822  -4.215  0.50 16.57 ? 78  GLN A CA  1 
ATOM   342  C C   . GLN A 1 51  ? 3.085   14.353  -2.779  1.00 15.24 ? 78  GLN A C   1 
ATOM   343  O O   . GLN A 1 51  ? 3.803   14.657  -1.834  1.00 15.69 ? 78  GLN A O   1 
ATOM   344  C CB  A GLN A 1 51  ? 2.964   16.277  -4.395  0.50 17.48 ? 78  GLN A CB  1 
ATOM   345  C CB  B GLN A 1 51  ? 2.924   16.282  -4.440  0.50 18.55 ? 78  GLN A CB  1 
ATOM   346  C CG  A GLN A 1 51  ? 1.456   16.532  -4.330  0.50 18.61 ? 78  GLN A CG  1 
ATOM   347  C CG  B GLN A 1 51  ? 1.641   16.484  -5.269  0.50 20.57 ? 78  GLN A CG  1 
ATOM   348  C CD  A GLN A 1 51  ? 1.071   17.999  -4.505  0.50 20.67 ? 78  GLN A CD  1 
ATOM   349  C CD  B GLN A 1 51  ? 1.800   16.065  -6.738  0.50 21.66 ? 78  GLN A CD  1 
ATOM   350  O OE1 A GLN A 1 51  ? 1.853   18.894  -4.224  0.50 22.97 ? 78  GLN A OE1 1 
ATOM   351  O OE1 B GLN A 1 51  ? 0.903   15.492  -7.323  0.50 24.69 ? 78  GLN A OE1 1 
ATOM   352  N NE2 A GLN A 1 51  ? -0.151  18.242  -4.958  0.50 21.71 ? 78  GLN A NE2 1 
ATOM   353  N NE2 B GLN A 1 51  ? 2.977   16.288  -7.299  0.50 25.21 ? 78  GLN A NE2 1 
ATOM   354  N N   . PHE A 1 52  ? 1.979   13.622  -2.624  1.00 14.59 ? 79  PHE A N   1 
ATOM   355  C CA  . PHE A 1 52  ? 1.543   13.106  -1.336  1.00 13.98 ? 79  PHE A CA  1 
ATOM   356  C C   . PHE A 1 52  ? 1.829   11.620  -1.090  1.00 13.18 ? 79  PHE A C   1 
ATOM   357  O O   . PHE A 1 52  ? 1.325   11.050  -0.131  1.00 12.88 ? 79  PHE A O   1 
ATOM   358  C CB  . PHE A 1 52  ? 0.033   13.357  -1.136  1.00 14.92 ? 79  PHE A CB  1 
ATOM   359  C CG  . PHE A 1 52  ? -0.370  14.811  -1.190  1.00 16.57 ? 79  PHE A CG  1 
ATOM   360  C CD1 . PHE A 1 52  ? 0.509   15.826  -0.804  1.00 17.55 ? 79  PHE A CD1 1 
ATOM   361  C CD2 . PHE A 1 52  ? -1.649  15.154  -1.600  1.00 18.25 ? 79  PHE A CD2 1 
ATOM   362  C CE1 . PHE A 1 52  ? 0.139   17.155  -0.847  1.00 19.05 ? 79  PHE A CE1 1 
ATOM   363  C CE2 . PHE A 1 52  ? -2.039  16.483  -1.622  1.00 19.14 ? 79  PHE A CE2 1 
ATOM   364  C CZ  . PHE A 1 52  ? -1.146  17.480  -1.262  1.00 19.72 ? 79  PHE A CZ  1 
ATOM   365  N N   . ALA A 1 53  ? 2.681   11.029  -1.923  1.00 12.11 ? 80  ALA A N   1 
ATOM   366  C CA  . ALA A 1 53  ? 3.005   9.600   -1.783  1.00 11.17 ? 80  ALA A CA  1 
ATOM   367  C C   . ALA A 1 53  ? 3.917   9.287   -0.593  1.00 10.72 ? 80  ALA A C   1 
ATOM   368  O O   . ALA A 1 53  ? 3.899   8.176   -0.092  1.00 10.66 ? 80  ALA A O   1 
ATOM   369  C CB  . ALA A 1 53  ? 3.670   9.115   -3.040  1.00 11.37 ? 80  ALA A CB  1 
ATOM   370  N N   . TRP A 1 54  ? 4.717   10.246  -0.166  1.00 10.58 ? 81  TRP A N   1 
ATOM   371  C CA  . TRP A 1 54  ? 5.852   9.979   0.737   1.00 11.14 ? 81  TRP A CA  1 
ATOM   372  C C   . TRP A 1 54  ? 5.460   9.237   2.044   1.00 10.57 ? 81  TRP A C   1 
ATOM   373  O O   . TRP A 1 54  ? 6.170   8.313   2.429   1.00 11.32 ? 81  TRP A O   1 
ATOM   374  C CB  . TRP A 1 54  ? 6.674   11.262  0.997   1.00 11.51 ? 81  TRP A CB  1 
ATOM   375  C CG  . TRP A 1 54  ? 5.940   12.406  1.636   1.00 12.30 ? 81  TRP A CG  1 
ATOM   376  C CD1 . TRP A 1 54  ? 5.177   13.362  1.008   1.00 12.89 ? 81  TRP A CD1 1 
ATOM   377  C CD2 . TRP A 1 54  ? 5.912   12.721  3.027   1.00 12.87 ? 81  TRP A CD2 1 
ATOM   378  N NE1 . TRP A 1 54  ? 4.671   14.244  1.929   1.00 13.65 ? 81  TRP A NE1 1 
ATOM   379  C CE2 . TRP A 1 54  ? 5.098   13.888  3.182   1.00 13.60 ? 81  TRP A CE2 1 
ATOM   380  C CE3 . TRP A 1 54  ? 6.523   12.175  4.154   1.00 13.29 ? 81  TRP A CE3 1 
ATOM   381  C CZ2 . TRP A 1 54  ? 4.887   14.480  4.428   1.00 15.03 ? 81  TRP A CZ2 1 
ATOM   382  C CZ3 . TRP A 1 54  ? 6.294   12.740  5.389   1.00 14.49 ? 81  TRP A CZ3 1 
ATOM   383  C CH2 . TRP A 1 54  ? 5.493   13.891  5.524   1.00 15.44 ? 81  TRP A CH2 1 
ATOM   384  N N   . PRO A 1 55  ? 4.297   9.540   2.689   1.00 10.10 ? 82  PRO A N   1 
ATOM   385  C CA  . PRO A 1 55  ? 4.024   8.743   3.896   1.00 9.90  ? 82  PRO A CA  1 
ATOM   386  C C   . PRO A 1 55  ? 3.635   7.288   3.642   1.00 9.50  ? 82  PRO A C   1 
ATOM   387  O O   . PRO A 1 55  ? 3.525   6.484   4.596   1.00 9.86  ? 82  PRO A O   1 
ATOM   388  C CB  . PRO A 1 55  ? 2.822   9.461   4.557   1.00 10.44 ? 82  PRO A CB  1 
ATOM   389  C CG  . PRO A 1 55  ? 2.811   10.817  3.964   1.00 10.29 ? 82  PRO A CG  1 
ATOM   390  C CD  . PRO A 1 55  ? 3.276   10.615  2.557   1.00 10.29 ? 82  PRO A CD  1 
ATOM   391  N N   . PHE A 1 56  ? 3.363   6.971   2.384   1.00 9.60  ? 83  PHE A N   1 
ATOM   392  C CA  . PHE A 1 56  ? 2.837   5.650   1.937   1.00 9.51  ? 83  PHE A CA  1 
ATOM   393  C C   . PHE A 1 56  ? 3.881   4.816   1.222   1.00 9.64  ? 83  PHE A C   1 
ATOM   394  O O   . PHE A 1 56  ? 3.584   3.701   0.787   1.00 10.33 ? 83  PHE A O   1 
ATOM   395  C CB  . PHE A 1 56  ? 1.637   5.891   0.993   1.00 10.29 ? 83  PHE A CB  1 
ATOM   396  C CG  . PHE A 1 56  ? 0.533   6.719   1.601   1.00 10.98 ? 83  PHE A CG  1 
ATOM   397  C CD1 . PHE A 1 56  ? -0.470  6.107   2.355   1.00 11.69 ? 83  PHE A CD1 1 
ATOM   398  C CD2 . PHE A 1 56  ? 0.530   8.123   1.491   1.00 10.89 ? 83  PHE A CD2 1 
ATOM   399  C CE1 . PHE A 1 56  ? -1.484  6.865   2.943   1.00 11.26 ? 83  PHE A CE1 1 
ATOM   400  C CE2 . PHE A 1 56  ? -0.496  8.876   2.062   1.00 11.80 ? 83  PHE A CE2 1 
ATOM   401  C CZ  . PHE A 1 56  ? -1.480  8.251   2.808   1.00 11.62 ? 83  PHE A CZ  1 
ATOM   402  N N   . GLN A 1 57  ? 5.112   5.311   1.150   1.00 9.77  ? 84  GLN A N   1 
ATOM   403  C CA  . GLN A 1 57  ? 6.183   4.644   0.376   1.00 10.00 ? 84  GLN A CA  1 
ATOM   404  C C   . GLN A 1 57  ? 6.918   3.544   1.151   1.00 10.31 ? 84  GLN A C   1 
ATOM   405  O O   . GLN A 1 57  ? 7.842   2.934   0.617   1.00 11.05 ? 84  GLN A O   1 
ATOM   406  C CB  . GLN A 1 57  ? 7.173   5.655   -0.193  1.00 10.74 ? 84  GLN A CB  1 
ATOM   407  C CG  . GLN A 1 57  ? 6.604   6.452   -1.341  1.00 11.36 ? 84  GLN A CG  1 
ATOM   408  C CD  . GLN A 1 57  ? 7.582   7.414   -1.947  1.00 12.32 ? 84  GLN A CD  1 
ATOM   409  O OE1 . GLN A 1 57  ? 8.583   7.798   -1.324  1.00 14.10 ? 84  GLN A OE1 1 
ATOM   410  N NE2 . GLN A 1 57  ? 7.319   7.828   -3.146  1.00 13.41 ? 84  GLN A NE2 1 
ATOM   411  N N   . GLN A 1 58  ? 6.507   3.320   2.395   1.00 10.16 ? 85  GLN A N   1 
ATOM   412  C CA  . GLN A 1 58  ? 7.091   2.298   3.276   1.00 10.42 ? 85  GLN A CA  1 
ATOM   413  C C   . GLN A 1 58  ? 6.102   1.945   4.377   1.00 10.11 ? 85  GLN A C   1 
ATOM   414  O O   . GLN A 1 58  ? 5.165   2.705   4.616   1.00 10.39 ? 85  GLN A O   1 
ATOM   415  C CB  . GLN A 1 58  ? 8.365   2.838   3.913   1.00 10.64 ? 85  GLN A CB  1 
ATOM   416  C CG  . GLN A 1 58  ? 8.256   4.138   4.696   1.00 10.86 ? 85  GLN A CG  1 
ATOM   417  C CD  . GLN A 1 58  ? 8.028   5.334   3.827   1.00 11.61 ? 85  GLN A CD  1 
ATOM   418  O OE1 . GLN A 1 58  ? 8.739   5.521   2.846   1.00 11.57 ? 85  GLN A OE1 1 
ATOM   419  N NE2 . GLN A 1 58  ? 7.020   6.131   4.152   1.00 11.80 ? 85  GLN A NE2 1 
ATOM   420  N N   . PRO A 1 59  ? 6.301   0.799   5.047   1.00 10.33 ? 86  PRO A N   1 
ATOM   421  C CA  . PRO A 1 59  ? 5.433   0.511   6.184   1.00 11.11 ? 86  PRO A CA  1 
ATOM   422  C C   . PRO A 1 59  ? 5.400   1.631   7.194   1.00 11.69 ? 86  PRO A C   1 
ATOM   423  O O   . PRO A 1 59  ? 6.427   2.208   7.508   1.00 12.74 ? 86  PRO A O   1 
ATOM   424  C CB  . PRO A 1 59  ? 6.052   -0.748  6.793   1.00 11.47 ? 86  PRO A CB  1 
ATOM   425  C CG  . PRO A 1 59  ? 6.740   -1.423  5.632   1.00 11.41 ? 86  PRO A CG  1 
ATOM   426  C CD  . PRO A 1 59  ? 7.248   -0.291  4.774   1.00 11.33 ? 86  PRO A CD  1 
ATOM   427  N N   . VAL A 1 60  ? 4.223   1.911   7.738   1.00 12.22 ? 87  VAL A N   1 
ATOM   428  C CA  . VAL A 1 60  ? 4.139   2.962   8.750   1.00 13.13 ? 87  VAL A CA  1 
ATOM   429  C C   . VAL A 1 60  ? 4.849   2.506   10.028  1.00 13.28 ? 87  VAL A C   1 
ATOM   430  O O   . VAL A 1 60  ? 4.660   1.400   10.496  1.00 13.81 ? 87  VAL A O   1 
ATOM   431  C CB  . VAL A 1 60  ? 2.677   3.393   9.019   1.00 14.10 ? 87  VAL A CB  1 
ATOM   432  C CG1 . VAL A 1 60  ? 1.854   2.261   9.592   1.00 14.68 ? 87  VAL A CG1 1 
ATOM   433  C CG2 . VAL A 1 60  ? 2.634   4.654   9.882   1.00 14.51 ? 87  VAL A CG2 1 
ATOM   434  N N   . ASP A 1 61  ? 5.703   3.373   10.549  1.00 13.59 ? 88  ASP A N   1 
ATOM   435  C CA  . ASP A 1 61  ? 6.357   3.101   11.831  1.00 14.67 ? 88  ASP A CA  1 
ATOM   436  C C   . ASP A 1 61  ? 5.442   3.600   12.934  1.00 14.64 ? 88  ASP A C   1 
ATOM   437  O O   . ASP A 1 61  ? 5.608   4.695   13.454  1.00 14.50 ? 88  ASP A O   1 
ATOM   438  C CB  . ASP A 1 61  ? 7.709   3.773   11.903  1.00 15.12 ? 88  ASP A CB  1 
ATOM   439  C CG  . ASP A 1 61  ? 8.511   3.286   13.080  1.00 15.65 ? 88  ASP A CG  1 
ATOM   440  O OD1 . ASP A 1 61  ? 7.890   2.844   14.077  1.00 15.58 ? 88  ASP A OD1 1 
ATOM   441  O OD2 . ASP A 1 61  ? 9.742   3.325   13.000  1.00 18.49 ? 88  ASP A OD2 1 
ATOM   442  N N   . ALA A 1 62  ? 4.426   2.816   13.240  1.00 14.73 ? 89  ALA A N   1 
ATOM   443  C CA  . ALA A 1 62  ? 3.399   3.270   14.169  1.00 14.77 ? 89  ALA A CA  1 
ATOM   444  C C   . ALA A 1 62  ? 3.965   3.408   15.574  1.00 15.83 ? 89  ALA A C   1 
ATOM   445  O O   . ALA A 1 62  ? 3.439   4.222   16.348  1.00 16.62 ? 89  ALA A O   1 
ATOM   446  C CB  . ALA A 1 62  ? 2.202   2.343   14.148  1.00 15.20 ? 89  ALA A CB  1 
ATOM   447  N N   . VAL A 1 63  ? 5.011   2.646   15.889  1.00 14.53 ? 90  VAL A N   1 
ATOM   448  C CA  . VAL A 1 63  ? 5.672   2.784   17.198  1.00 16.12 ? 90  VAL A CA  1 
ATOM   449  C C   . VAL A 1 63  ? 6.314   4.158   17.321  1.00 17.63 ? 90  VAL A C   1 
ATOM   450  O O   . VAL A 1 63  ? 6.001   4.920   18.259  1.00 18.48 ? 90  VAL A O   1 
ATOM   451  C CB  . VAL A 1 63  ? 6.708   1.681   17.435  1.00 15.75 ? 90  VAL A CB  1 
ATOM   452  C CG1 . VAL A 1 63  ? 7.543   1.969   18.702  1.00 17.01 ? 90  VAL A CG1 1 
ATOM   453  C CG2 . VAL A 1 63  ? 6.003   0.347   17.568  1.00 15.48 ? 90  VAL A CG2 1 
ATOM   454  N N   . LYS A 1 64  ? 7.176   4.509   16.369  1.00 16.86 ? 91  LYS A N   1 
ATOM   455  C CA  . LYS A 1 64  ? 7.933   5.772   16.492  1.00 17.89 ? 91  LYS A CA  1 
ATOM   456  C C   . LYS A 1 64  ? 7.063   6.994   16.240  1.00 17.89 ? 91  LYS A C   1 
ATOM   457  O O   . LYS A 1 64  ? 7.306   8.035   16.817  1.00 20.29 ? 91  LYS A O   1 
ATOM   458  C CB  . LYS A 1 64  ? 9.176   5.795   15.596  1.00 19.81 ? 91  LYS A CB  1 
ATOM   459  C CG  . LYS A 1 64  ? 10.180  4.689   15.838  1.00 22.20 ? 91  LYS A CG  1 
ATOM   460  C CD  . LYS A 1 64  ? 11.175  4.950   16.942  1.00 26.23 ? 91  LYS A CD  1 
ATOM   461  C CE  . LYS A 1 64  ? 12.222  3.831   16.999  1.00 27.24 ? 91  LYS A CE  1 
ATOM   462  N NZ  . LYS A 1 64  ? 13.330  3.965   16.004  1.00 29.05 ? 91  LYS A NZ  1 
ATOM   463  N N   . LEU A 1 65  ? 6.041   6.874   15.396  1.00 17.59 ? 92  LEU A N   1 
ATOM   464  C CA  . LEU A 1 65  ? 5.053   7.956   15.207  1.00 18.13 ? 92  LEU A CA  1 
ATOM   465  C C   . LEU A 1 65  ? 4.039   8.062   16.354  1.00 18.96 ? 92  LEU A C   1 
ATOM   466  O O   . LEU A 1 65  ? 3.182   8.950   16.327  1.00 21.52 ? 92  LEU A O   1 
ATOM   467  C CB  . LEU A 1 65  ? 4.312   7.772   13.869  1.00 18.06 ? 92  LEU A CB  1 
ATOM   468  C CG  . LEU A 1 65  ? 5.159   7.975   12.612  1.00 17.86 ? 92  LEU A CG  1 
ATOM   469  C CD1 . LEU A 1 65  ? 4.415   7.393   11.411  1.00 18.66 ? 92  LEU A CD1 1 
ATOM   470  C CD2 . LEU A 1 65  ? 5.481   9.439   12.407  1.00 18.98 ? 92  LEU A CD2 1 
ATOM   471  N N   . ASN A 1 66  ? 4.087   7.146   17.307  1.00 19.88 ? 93  ASN A N   1 
ATOM   472  C CA  . ASN A 1 66  ? 3.188   7.130   18.461  1.00 22.47 ? 93  ASN A CA  1 
ATOM   473  C C   . ASN A 1 66  ? 1.734   7.122   18.037  1.00 21.65 ? 93  ASN A C   1 
ATOM   474  O O   . ASN A 1 66  ? 0.942   7.969   18.435  1.00 23.98 ? 93  ASN A O   1 
ATOM   475  C CB  . ASN A 1 66  ? 3.466   8.321   19.390  1.00 26.30 ? 93  ASN A CB  1 
ATOM   476  C CG  . ASN A 1 66  ? 4.892   8.346   19.911  1.00 31.87 ? 93  ASN A CG  1 
ATOM   477  O OD1 . ASN A 1 66  ? 5.408   7.338   20.425  1.00 38.18 ? 93  ASN A OD1 1 
ATOM   478  N ND2 . ASN A 1 66  ? 5.541   9.513   19.806  1.00 34.65 ? 93  ASN A ND2 1 
ATOM   479  N N   . LEU A 1 67  ? 1.383   6.166   17.185  1.00 19.73 ? 94  LEU A N   1 
ATOM   480  C CA  . LEU A 1 67  ? -0.002  5.993   16.753  1.00 19.72 ? 94  LEU A CA  1 
ATOM   481  C C   . LEU A 1 67  ? -0.638  4.978   17.688  1.00 19.58 ? 94  LEU A C   1 
ATOM   482  O O   . LEU A 1 67  ? -0.470  3.763   17.512  1.00 19.70 ? 94  LEU A O   1 
ATOM   483  C CB  . LEU A 1 67  ? -0.050  5.516   15.286  1.00 18.76 ? 94  LEU A CB  1 
ATOM   484  C CG  . LEU A 1 67  ? 0.708   6.404   14.300  1.00 18.51 ? 94  LEU A CG  1 
ATOM   485  C CD1 . LEU A 1 67  ? 0.534   5.835   12.903  1.00 18.63 ? 94  LEU A CD1 1 
ATOM   486  C CD2 . LEU A 1 67  ? 0.221   7.846   14.340  1.00 19.19 ? 94  LEU A CD2 1 
ATOM   487  N N   . PRO A 1 68  ? -1.383  5.462   18.713  1.00 20.99 ? 95  PRO A N   1 
ATOM   488  C CA  . PRO A 1 68  ? -1.912  4.522   19.696  1.00 22.19 ? 95  PRO A CA  1 
ATOM   489  C C   . PRO A 1 68  ? -2.849  3.462   19.124  1.00 21.80 ? 95  PRO A C   1 
ATOM   490  O O   . PRO A 1 68  ? -3.678  3.765   18.267  1.00 19.94 ? 95  PRO A O   1 
ATOM   491  C CB  . PRO A 1 68  ? -2.673  5.434   20.673  1.00 23.27 ? 95  PRO A CB  1 
ATOM   492  C CG  . PRO A 1 68  ? -3.047  6.635   19.871  1.00 23.47 ? 95  PRO A CG  1 
ATOM   493  C CD  . PRO A 1 68  ? -1.919  6.824   18.898  1.00 22.01 ? 95  PRO A CD  1 
ATOM   494  N N   . ASP A 1 69  ? -2.668  2.214   19.567  1.00 22.75 ? 96  ASP A N   1 
ATOM   495  C CA  . ASP A 1 69  ? -3.510  1.087   19.171  1.00 22.79 ? 96  ASP A CA  1 
ATOM   496  C C   . ASP A 1 69  ? -3.520  0.782   17.672  1.00 20.73 ? 96  ASP A C   1 
ATOM   497  O O   . ASP A 1 69  ? -4.411  0.063   17.206  1.00 21.50 ? 96  ASP A O   1 
ATOM   498  C CB  . ASP A 1 69  ? -4.964  1.288   19.648  1.00 25.03 ? 96  ASP A CB  1 
ATOM   499  C CG  . ASP A 1 69  ? -5.081  1.343   21.155  1.00 28.73 ? 96  ASP A CG  1 
ATOM   500  O OD1 . ASP A 1 69  ? -4.221  0.753   21.849  1.00 31.64 ? 96  ASP A OD1 1 
ATOM   501  O OD2 . ASP A 1 69  ? -6.041  1.981   21.624  1.00 33.94 ? 96  ASP A OD2 1 
ATOM   502  N N   . TYR A 1 70  ? -2.520  1.266   16.937  1.00 19.64 ? 97  TYR A N   1 
ATOM   503  C CA  . TYR A 1 70  ? -2.529  1.074   15.481  1.00 18.25 ? 97  TYR A CA  1 
ATOM   504  C C   . TYR A 1 70  ? -2.645  -0.402  15.124  1.00 18.41 ? 97  TYR A C   1 
ATOM   505  O O   . TYR A 1 70  ? -3.469  -0.768  14.305  1.00 19.05 ? 97  TYR A O   1 
ATOM   506  C CB  . TYR A 1 70  ? -1.291  1.687   14.820  1.00 17.06 ? 97  TYR A CB  1 
ATOM   507  C CG  . TYR A 1 70  ? -1.413  1.712   13.305  1.00 15.97 ? 97  TYR A CG  1 
ATOM   508  C CD1 . TYR A 1 70  ? -2.042  2.766   12.641  1.00 16.34 ? 97  TYR A CD1 1 
ATOM   509  C CD2 . TYR A 1 70  ? -0.908  0.670   12.554  1.00 15.11 ? 97  TYR A CD2 1 
ATOM   510  C CE1 . TYR A 1 70  ? -2.167  2.775   11.265  1.00 15.50 ? 97  TYR A CE1 1 
ATOM   511  C CE2 . TYR A 1 70  ? -1.047  0.660   11.174  1.00 14.70 ? 97  TYR A CE2 1 
ATOM   512  C CZ  . TYR A 1 70  ? -1.661  1.711   10.530  1.00 14.77 ? 97  TYR A CZ  1 
ATOM   513  O OH  . TYR A 1 70  ? -1.795  1.672   9.164   1.00 13.48 ? 97  TYR A OH  1 
ATOM   514  N N   . TYR A 1 71  ? -1.815  -1.255  15.722  1.00 18.80 ? 98  TYR A N   1 
ATOM   515  C CA  . TYR A 1 71  ? -1.795  -2.674  15.369  1.00 19.49 ? 98  TYR A CA  1 
ATOM   516  C C   . TYR A 1 71  ? -2.912  -3.500  15.992  1.00 20.79 ? 98  TYR A C   1 
ATOM   517  O O   . TYR A 1 71  ? -3.088  -4.650  15.619  1.00 23.31 ? 98  TYR A O   1 
ATOM   518  C CB  . TYR A 1 71  ? -0.435  -3.302  15.692  1.00 18.51 ? 98  TYR A CB  1 
ATOM   519  C CG  . TYR A 1 71  ? 0.688   -2.616  14.952  1.00 17.96 ? 98  TYR A CG  1 
ATOM   520  C CD1 . TYR A 1 71  ? 0.688   -2.588  13.557  1.00 17.80 ? 98  TYR A CD1 1 
ATOM   521  C CD2 . TYR A 1 71  ? 1.744   -1.981  15.627  1.00 17.41 ? 98  TYR A CD2 1 
ATOM   522  C CE1 . TYR A 1 71  ? 1.675   -1.941  12.859  1.00 16.73 ? 98  TYR A CE1 1 
ATOM   523  C CE2 . TYR A 1 71  ? 2.771   -1.347  14.939  1.00 16.89 ? 98  TYR A CE2 1 
ATOM   524  C CZ  . TYR A 1 71  ? 2.720   -1.305  13.536  1.00 16.27 ? 98  TYR A CZ  1 
ATOM   525  O OH  . TYR A 1 71  ? 3.733   -0.681  12.828  1.00 18.08 ? 98  TYR A OH  1 
ATOM   526  N N   . LYS A 1 72  ? -3.653  -2.918  16.936  1.00 22.78 ? 99  LYS A N   1 
ATOM   527  C CA  . LYS A 1 72  ? -4.884  -3.536  17.442  1.00 23.68 ? 99  LYS A CA  1 
ATOM   528  C C   . LYS A 1 72  ? -6.026  -3.282  16.454  1.00 24.05 ? 99  LYS A C   1 
ATOM   529  O O   . LYS A 1 72  ? -6.862  -4.159  16.216  1.00 25.96 ? 99  LYS A O   1 
ATOM   530  C CB  . LYS A 1 72  ? -5.227  -3.010  18.839  1.00 24.12 ? 99  LYS A CB  1 
ATOM   531  C CG  . LYS A 1 72  ? -4.180  -3.356  19.887  1.00 25.67 ? 99  LYS A CG  1 
ATOM   532  C CD  . LYS A 1 72  ? -4.552  -2.896  21.304  1.00 27.69 ? 99  LYS A CD  1 
ATOM   533  C CE  . LYS A 1 72  ? -3.342  -3.013  22.231  1.00 28.93 ? 99  LYS A CE  1 
ATOM   534  N NZ  . LYS A 1 72  ? -3.554  -2.331  23.550  1.00 31.53 ? 99  LYS A NZ  1 
ATOM   535  N N   . ILE A 1 73  ? -6.031  -2.088  15.861  1.00 22.25 ? 100 ILE A N   1 
ATOM   536  C CA  . ILE A 1 73  ? -7.070  -1.674  14.917  1.00 21.29 ? 100 ILE A CA  1 
ATOM   537  C C   . ILE A 1 73  ? -6.812  -2.169  13.485  1.00 20.32 ? 100 ILE A C   1 
ATOM   538  O O   . ILE A 1 73  ? -7.744  -2.588  12.785  1.00 20.88 ? 100 ILE A O   1 
ATOM   539  C CB  . ILE A 1 73  ? -7.230  -0.144  14.937  1.00 21.61 ? 100 ILE A CB  1 
ATOM   540  C CG1 . ILE A 1 73  ? -7.648  0.309   16.352  1.00 21.73 ? 100 ILE A CG1 1 
ATOM   541  C CG2 . ILE A 1 73  ? -8.260  0.327   13.902  1.00 21.56 ? 100 ILE A CG2 1 
ATOM   542  C CD1 . ILE A 1 73  ? -7.463  1.784   16.618  1.00 23.42 ? 100 ILE A CD1 1 
ATOM   543  N N   . ILE A 1 74  ? -5.559  -2.091  13.064  1.00 18.95 ? 101 ILE A N   1 
ATOM   544  C CA  . ILE A 1 74  ? -5.158  -2.436  11.706  1.00 18.74 ? 101 ILE A CA  1 
ATOM   545  C C   . ILE A 1 74  ? -4.510  -3.816  11.728  1.00 19.94 ? 101 ILE A C   1 
ATOM   546  O O   . ILE A 1 74  ? -3.341  -3.967  12.133  1.00 21.08 ? 101 ILE A O   1 
ATOM   547  C CB  . ILE A 1 74  ? -4.180  -1.362  11.152  1.00 18.46 ? 101 ILE A CB  1 
ATOM   548  C CG1 . ILE A 1 74  ? -4.870  0.009   11.093  1.00 18.08 ? 101 ILE A CG1 1 
ATOM   549  C CG2 . ILE A 1 74  ? -3.645  -1.775  9.782   1.00 18.92 ? 101 ILE A CG2 1 
ATOM   550  C CD1 . ILE A 1 74  ? -6.196  0.004   10.365  1.00 18.36 ? 101 ILE A CD1 1 
ATOM   551  N N   . LYS A 1 75  ? -5.251  -4.803  11.243  1.00 22.15 ? 102 LYS A N   1 
ATOM   552  C CA  . LYS A 1 75  ? -4.793  -6.207  11.295  1.00 24.16 ? 102 LYS A CA  1 
ATOM   553  C C   . LYS A 1 75  ? -3.799  -6.546  10.189  1.00 21.42 ? 102 LYS A C   1 
ATOM   554  O O   . LYS A 1 75  ? -2.942  -7.423  10.348  1.00 21.25 ? 102 LYS A O   1 
ATOM   555  C CB  . LYS A 1 75  ? -5.997  -7.157  11.182  1.00 28.18 ? 102 LYS A CB  1 
ATOM   556  C CG  . LYS A 1 75  ? -7.050  -6.989  12.267  1.00 33.03 ? 102 LYS A CG  1 
ATOM   557  C CD  . LYS A 1 75  ? -6.515  -7.232  13.668  1.00 36.77 ? 102 LYS A CD  1 
ATOM   558  C CE  . LYS A 1 75  ? -7.637  -7.120  14.692  1.00 41.18 ? 102 LYS A CE  1 
ATOM   559  N NZ  . LYS A 1 75  ? -7.098  -7.001  16.084  1.00 44.67 ? 102 LYS A NZ  1 
ATOM   560  N N   . THR A 1 76  ? -3.927  -5.853  9.057   1.00 20.28 ? 103 THR A N   1 
ATOM   561  C CA  . THR A 1 76  ? -3.047  -6.066  7.919   1.00 18.87 ? 103 THR A CA  1 
ATOM   562  C C   . THR A 1 76  ? -2.427  -4.729  7.426   1.00 15.54 ? 103 THR A C   1 
ATOM   563  O O   . THR A 1 76  ? -2.927  -4.142  6.492   1.00 15.43 ? 103 THR A O   1 
ATOM   564  C CB  . THR A 1 76  ? -3.834  -6.711  6.760   1.00 20.98 ? 103 THR A CB  1 
ATOM   565  O OG1 . THR A 1 76  ? -4.486  -7.888  7.253   1.00 25.33 ? 103 THR A OG1 1 
ATOM   566  C CG2 . THR A 1 76  ? -2.918  -7.079  5.597   1.00 22.96 ? 103 THR A CG2 1 
ATOM   567  N N   . PRO A 1 77  ? -1.314  -4.280  8.023   1.00 14.69 ? 104 PRO A N   1 
ATOM   568  C CA  . PRO A 1 77  ? -0.660  -3.076  7.517   1.00 13.46 ? 104 PRO A CA  1 
ATOM   569  C C   . PRO A 1 77  ? -0.300  -3.248  6.070   1.00 12.48 ? 104 PRO A C   1 
ATOM   570  O O   . PRO A 1 77  ? 0.044   -4.341  5.652   1.00 13.28 ? 104 PRO A O   1 
ATOM   571  C CB  . PRO A 1 77  ? 0.605   -2.961  8.382   1.00 13.83 ? 104 PRO A CB  1 
ATOM   572  C CG  . PRO A 1 77  ? 0.183   -3.590  9.681   1.00 14.69 ? 104 PRO A CG  1 
ATOM   573  C CD  . PRO A 1 77  ? -0.699  -4.747  9.278   1.00 15.27 ? 104 PRO A CD  1 
ATOM   574  N N   . MET A 1 78  ? -0.398  -2.181  5.297   1.00 11.37 ? 105 MET A N   1 
ATOM   575  C CA  . MET A 1 78  ? 0.034   -2.239  3.913   1.00 11.50 ? 105 MET A CA  1 
ATOM   576  C C   . MET A 1 78  ? 0.473   -0.874  3.441   1.00 11.68 ? 105 MET A C   1 
ATOM   577  O O   . MET A 1 78  ? 0.024   0.162   3.933   1.00 11.66 ? 105 MET A O   1 
ATOM   578  C CB  . MET A 1 78  ? -1.097  -2.810  3.031   1.00 11.69 ? 105 MET A CB  1 
ATOM   579  C CG  . MET A 1 78  ? -0.752  -3.116  1.589   1.00 12.04 ? 105 MET A CG  1 
ATOM   580  S SD  . MET A 1 78  ? 0.733   -4.123  1.322   1.00 13.21 ? 105 MET A SD  1 
ATOM   581  C CE  . MET A 1 78  ? 0.402   -5.540  2.339   1.00 14.56 ? 105 MET A CE  1 
ATOM   582  N N   . ASP A 1 79  ? 1.380   -0.882  2.471   1.00 11.31 ? 106 ASP A N   1 
ATOM   583  C CA  . ASP A 1 79  ? 2.009   0.334   1.996   1.00 10.51 ? 106 ASP A CA  1 
ATOM   584  C C   . ASP A 1 79  ? 2.542   0.152   0.571   1.00 10.96 ? 106 ASP A C   1 
ATOM   585  O O   . ASP A 1 79  ? 2.642   -0.978  0.097   1.00 10.37 ? 106 ASP A O   1 
ATOM   586  C CB  . ASP A 1 79  ? 3.159   0.699   2.904   1.00 10.85 ? 106 ASP A CB  1 
ATOM   587  C CG  . ASP A 1 79  ? 4.291   -0.277  2.764   1.00 11.42 ? 106 ASP A CG  1 
ATOM   588  O OD1 . ASP A 1 79  ? 4.224   -1.346  3.391   1.00 12.27 ? 106 ASP A OD1 1 
ATOM   589  O OD2 . ASP A 1 79  ? 5.183   -0.044  1.963   1.00 11.49 ? 106 ASP A OD2 1 
ATOM   590  N N   . MET A 1 80  ? 2.842   1.266   -0.113  1.00 10.76 ? 107 MET A N   1 
ATOM   591  C CA  . MET A 1 80  ? 3.243   1.169   -1.503  1.00 11.14 ? 107 MET A CA  1 
ATOM   592  C C   . MET A 1 80  ? 4.651   0.645   -1.657  1.00 11.12 ? 107 MET A C   1 
ATOM   593  O O   . MET A 1 80  ? 5.004   0.168   -2.739  1.00 11.65 ? 107 MET A O   1 
ATOM   594  C CB  . MET A 1 80  ? 3.122   2.501   -2.246  1.00 12.10 ? 107 MET A CB  1 
ATOM   595  C CG  . MET A 1 80  ? 1.721   2.998   -2.364  1.00 12.54 ? 107 MET A CG  1 
ATOM   596  S SD  . MET A 1 80  ? 1.510   4.199   -3.720  1.00 14.33 ? 107 MET A SD  1 
ATOM   597  C CE  . MET A 1 80  ? 2.404   5.585   -3.057  1.00 13.94 ? 107 MET A CE  1 
ATOM   598  N N   . GLY A 1 81  ? 5.504   0.821   -0.646  1.00 11.55 ? 108 GLY A N   1 
ATOM   599  C CA  . GLY A 1 81  ? 6.860   0.240   -0.739  1.00 10.72 ? 108 GLY A CA  1 
ATOM   600  C C   . GLY A 1 81  ? 6.791   -1.285  -0.857  1.00 10.62 ? 108 GLY A C   1 
ATOM   601  O O   . GLY A 1 81  ? 7.456   -1.912  -1.686  1.00 10.76 ? 108 GLY A O   1 
ATOM   602  N N   . THR A 1 82  ? 5.939   -1.875  -0.039  1.00 10.49 ? 109 THR A N   1 
ATOM   603  C CA  . THR A 1 82  ? 5.645   -3.301  -0.108  1.00 10.59 ? 109 THR A CA  1 
ATOM   604  C C   . THR A 1 82  ? 5.081   -3.676  -1.472  1.00 10.55 ? 109 THR A C   1 
ATOM   605  O O   . THR A 1 82  ? 5.496   -4.686  -2.058  1.00 10.57 ? 109 THR A O   1 
ATOM   606  C CB  . THR A 1 82  ? 4.670   -3.698  1.023   1.00 11.55 ? 109 THR A CB  1 
ATOM   607  O OG1 . THR A 1 82  ? 5.336   -3.425  2.251   1.00 13.01 ? 109 THR A OG1 1 
ATOM   608  C CG2 . THR A 1 82  ? 4.265   -5.185  0.970   1.00 12.84 ? 109 THR A CG2 1 
ATOM   609  N N   . ILE A 1 83  ? 4.098   -2.917  -1.951  1.00 9.64  ? 110 ILE A N   1 
ATOM   610  C CA  . ILE A 1 83  ? 3.454   -3.242  -3.232  1.00 10.02 ? 110 ILE A CA  1 
ATOM   611  C C   . ILE A 1 83  ? 4.461   -3.169  -4.361  1.00 10.22 ? 110 ILE A C   1 
ATOM   612  O O   . ILE A 1 83  ? 4.502   -4.030  -5.213  1.00 10.46 ? 110 ILE A O   1 
ATOM   613  C CB  . ILE A 1 83  ? 2.261   -2.310  -3.489  1.00 10.70 ? 110 ILE A CB  1 
ATOM   614  C CG1 . ILE A 1 83  ? 1.158   -2.577  -2.447  1.00 10.74 ? 110 ILE A CG1 1 
ATOM   615  C CG2 . ILE A 1 83  ? 1.715   -2.473  -4.911  1.00 11.28 ? 110 ILE A CG2 1 
ATOM   616  C CD1 . ILE A 1 83  ? 0.132   -1.462  -2.342  1.00 11.54 ? 110 ILE A CD1 1 
ATOM   617  N N   . LYS A 1 84  ? 5.260   -2.113  -4.356  1.00 10.55 ? 111 LYS A N   1 
ATOM   618  C CA  . LYS A 1 84  ? 6.305   -1.946  -5.360  1.00 11.08 ? 111 LYS A CA  1 
ATOM   619  C C   . LYS A 1 84  ? 7.257   -3.154  -5.401  1.00 11.62 ? 111 LYS A C   1 
ATOM   620  O O   . LYS A 1 84  ? 7.496   -3.699  -6.479  1.00 13.56 ? 111 LYS A O   1 
ATOM   621  C CB  . LYS A 1 84  ? 7.092   -0.655  -5.075  1.00 12.49 ? 111 LYS A CB  1 
ATOM   622  C CG  . LYS A 1 84  ? 8.260   -0.413  -6.034  1.00 14.41 ? 111 LYS A CG  1 
ATOM   623  C CD  . LYS A 1 84  ? 8.890   0.948   -5.734  1.00 16.25 ? 111 LYS A CD  1 
ATOM   624  C CE  . LYS A 1 84  ? 10.045  1.312   -6.659  1.00 19.05 ? 111 LYS A CE  1 
ATOM   625  N NZ  . LYS A 1 84  ? 11.222  0.466   -6.396  1.00 21.51 ? 111 LYS A NZ  1 
ATOM   626  N N   . LYS A 1 85  ? 7.759   -3.573  -4.243  1.00 12.25 ? 112 LYS A N   1 
ATOM   627  C CA  . LYS A 1 85  ? 8.679   -4.723  -4.185  1.00 13.17 ? 112 LYS A CA  1 
ATOM   628  C C   . LYS A 1 85  ? 7.968   -6.005  -4.612  1.00 12.21 ? 112 LYS A C   1 
ATOM   629  O O   . LYS A 1 85  ? 8.532   -6.795  -5.351  1.00 12.68 ? 112 LYS A O   1 
ATOM   630  C CB  . LYS A 1 85  ? 9.282   -4.891  -2.795  1.00 15.53 ? 112 LYS A CB  1 
ATOM   631  C CG  . LYS A 1 85  ? 10.310  -3.838  -2.464  1.00 18.49 ? 112 LYS A CG  1 
ATOM   632  C CD  . LYS A 1 85  ? 10.681  -3.868  -0.987  1.00 23.23 ? 112 LYS A CD  1 
ATOM   633  C CE  . LYS A 1 85  ? 11.717  -2.825  -0.595  1.00 27.50 ? 112 LYS A CE  1 
ATOM   634  N NZ  . LYS A 1 85  ? 12.947  -2.969  -1.423  1.00 31.72 ? 112 LYS A NZ  1 
ATOM   635  N N   . ARG A 1 86  ? 6.727   -6.199  -4.177  1.00 10.80 ? 113 ARG A N   1 
ATOM   636  C CA  . ARG A 1 86  ? 5.935   -7.359  -4.606  1.00 11.30 ? 113 ARG A CA  1 
ATOM   637  C C   . ARG A 1 86  ? 5.804   -7.413  -6.119  1.00 11.83 ? 113 ARG A C   1 
ATOM   638  O O   . ARG A 1 86  ? 6.045   -8.468  -6.738  1.00 13.01 ? 113 ARG A O   1 
ATOM   639  C CB  . ARG A 1 86  ? 4.583   -7.378  -3.909  1.00 10.90 ? 113 ARG A CB  1 
ATOM   640  C CG  . ARG A 1 86  ? 4.710   -7.823  -2.441  1.00 11.24 ? 113 ARG A CG  1 
ATOM   641  C CD  . ARG A 1 86  ? 3.368   -7.813  -1.757  1.00 11.27 ? 113 ARG A CD  1 
ATOM   642  N NE  . ARG A 1 86  ? 3.493   -8.379  -0.420  1.00 11.91 ? 113 ARG A NE  1 
ATOM   643  C CZ  . ARG A 1 86  ? 2.501   -8.678  0.411   1.00 13.33 ? 113 ARG A CZ  1 
ATOM   644  N NH1 . ARG A 1 86  ? 1.233   -8.451  0.132   1.00 14.38 ? 113 ARG A NH1 1 
ATOM   645  N NH2 . ARG A 1 86  ? 2.821   -9.237  1.580   1.00 14.60 ? 113 ARG A NH2 1 
ATOM   646  N N   . LEU A 1 87  ? 5.491   -6.282  -6.735  1.00 10.96 ? 114 LEU A N   1 
ATOM   647  C CA  . LEU A 1 87  ? 5.362   -6.257  -8.188  1.00 11.10 ? 114 LEU A CA  1 
ATOM   648  C C   . LEU A 1 87  ? 6.676   -6.557  -8.851  1.00 12.29 ? 114 LEU A C   1 
ATOM   649  O O   . LEU A 1 87  ? 6.758   -7.362  -9.811  1.00 13.02 ? 114 LEU A O   1 
ATOM   650  C CB  . LEU A 1 87  ? 4.830   -4.891  -8.663  1.00 10.92 ? 114 LEU A CB  1 
ATOM   651  C CG  . LEU A 1 87  ? 3.321   -4.713  -8.510  1.00 11.16 ? 114 LEU A CG  1 
ATOM   652  C CD1 . LEU A 1 87  ? 2.943   -3.248  -8.622  1.00 11.47 ? 114 LEU A CD1 1 
ATOM   653  C CD2 . LEU A 1 87  ? 2.471   -5.518  -9.472  1.00 11.92 ? 114 LEU A CD2 1 
ATOM   654  N N   . GLU A 1 88  ? 7.729   -5.893  -8.390  1.00 12.83 ? 115 GLU A N   1 
ATOM   655  C CA  . GLU A 1 88  ? 9.068   -6.093  -8.971  1.00 14.46 ? 115 GLU A CA  1 
ATOM   656  C C   . GLU A 1 88  ? 9.527   -7.541  -8.862  1.00 14.95 ? 115 GLU A C   1 
ATOM   657  O O   . GLU A 1 88  ? 10.159  -8.042  -9.774  1.00 17.92 ? 115 GLU A O   1 
ATOM   658  C CB  . GLU A 1 88  ? 10.090  -5.178  -8.337  1.00 15.57 ? 115 GLU A CB  1 
ATOM   659  C CG  . GLU A 1 88  ? 9.879   -3.727  -8.735  1.00 17.50 ? 115 GLU A CG  1 
ATOM   660  C CD  . GLU A 1 88  ? 10.671  -2.740  -7.895  1.00 20.32 ? 115 GLU A CD  1 
ATOM   661  O OE1 . GLU A 1 88  ? 11.243  -3.119  -6.838  1.00 22.96 ? 115 GLU A OE1 1 
ATOM   662  O OE2 . GLU A 1 88  ? 10.662  -1.554  -8.311  1.00 23.94 ? 115 GLU A OE2 1 
ATOM   663  N N   . ASN A 1 89  ? 9.203   -8.198  -7.755  1.00 14.05 ? 116 ASN A N   1 
ATOM   664  C CA  . ASN A 1 89  ? 9.609   -9.587  -7.496  1.00 15.11 ? 116 ASN A CA  1 
ATOM   665  C C   . ASN A 1 89  ? 8.662   -10.641 -8.041  1.00 14.24 ? 116 ASN A C   1 
ATOM   666  O O   . ASN A 1 89  ? 8.885   -11.849 -7.815  1.00 14.02 ? 116 ASN A O   1 
ATOM   667  C CB  . ASN A 1 89  ? 9.736   -9.768  -5.984  1.00 15.28 ? 116 ASN A CB  1 
ATOM   668  C CG  . ASN A 1 89  ? 10.871  -8.970  -5.389  1.00 18.77 ? 116 ASN A CG  1 
ATOM   669  O OD1 . ASN A 1 89  ? 11.805  -8.578  -6.076  1.00 21.29 ? 116 ASN A OD1 1 
ATOM   670  N ND2 . ASN A 1 89  ? 10.797  -8.735  -4.095  1.00 18.92 ? 116 ASN A ND2 1 
ATOM   671  N N   . ASN A 1 90  ? 7.603   -10.222 -8.721  1.00 13.92 ? 117 ASN A N   1 
ATOM   672  C CA  . ASN A 1 90  ? 6.571   -11.097 -9.254  1.00 14.11 ? 117 ASN A CA  1 
ATOM   673  C C   . ASN A 1 90  ? 5.895   -11.900 -8.146  1.00 13.98 ? 117 ASN A C   1 
ATOM   674  O O   . ASN A 1 90  ? 5.443   -13.040 -8.336  1.00 14.76 ? 117 ASN A O   1 
ATOM   675  C CB  . ASN A 1 90  ? 7.122   -11.973 -10.390 1.00 14.56 ? 117 ASN A CB  1 
ATOM   676  C CG  . ASN A 1 90  ? 6.023   -12.518 -11.295 1.00 15.62 ? 117 ASN A CG  1 
ATOM   677  O OD1 . ASN A 1 90  ? 5.876   -13.747 -11.454 1.00 16.21 ? 117 ASN A OD1 1 
ATOM   678  N ND2 . ASN A 1 90  ? 5.229   -11.627 -11.886 1.00 16.92 ? 117 ASN A ND2 1 
ATOM   679  N N   . TYR A 1 91  ? 5.767   -11.265 -6.990  1.00 13.13 ? 118 TYR A N   1 
ATOM   680  C CA  . TYR A 1 91  ? 5.162   -11.894 -5.850  1.00 13.94 ? 118 TYR A CA  1 
ATOM   681  C C   . TYR A 1 91  ? 3.663   -12.174 -6.052  1.00 13.62 ? 118 TYR A C   1 
ATOM   682  O O   . TYR A 1 91  ? 3.113   -13.103 -5.481  1.00 14.14 ? 118 TYR A O   1 
ATOM   683  C CB  . TYR A 1 91  ? 5.338   -10.971 -4.637  1.00 13.74 ? 118 TYR A CB  1 
ATOM   684  C CG  . TYR A 1 91  ? 4.841   -11.457 -3.294  1.00 14.50 ? 118 TYR A CG  1 
ATOM   685  C CD1 . TYR A 1 91  ? 3.556   -11.190 -2.858  1.00 14.63 ? 118 TYR A CD1 1 
ATOM   686  C CD2 . TYR A 1 91  ? 5.685   -12.128 -2.456  1.00 14.56 ? 118 TYR A CD2 1 
ATOM   687  C CE1 . TYR A 1 91  ? 3.136   -11.611 -1.590  1.00 15.79 ? 118 TYR A CE1 1 
ATOM   688  C CE2 . TYR A 1 91  ? 5.282   -12.550 -1.203  1.00 15.64 ? 118 TYR A CE2 1 
ATOM   689  C CZ  . TYR A 1 91  ? 4.016   -12.299 -0.792  1.00 16.96 ? 118 TYR A CZ  1 
ATOM   690  O OH  . TYR A 1 91  ? 3.645   -12.748 0.459   1.00 19.53 ? 118 TYR A OH  1 
ATOM   691  N N   . TYR A 1 92  ? 2.981   -11.308 -6.799  1.00 12.55 ? 119 TYR A N   1 
ATOM   692  C CA  . TYR A 1 92  ? 1.552   -11.444 -6.986  1.00 12.64 ? 119 TYR A CA  1 
ATOM   693  C C   . TYR A 1 92  ? 1.261   -12.477 -8.058  1.00 13.71 ? 119 TYR A C   1 
ATOM   694  O O   . TYR A 1 92  ? 1.909   -12.480 -9.096  1.00 14.56 ? 119 TYR A O   1 
ATOM   695  C CB  . TYR A 1 92  ? 0.933   -10.117 -7.400  1.00 12.30 ? 119 TYR A CB  1 
ATOM   696  C CG  . TYR A 1 92  ? 0.997   -9.058  -6.337  1.00 11.69 ? 119 TYR A CG  1 
ATOM   697  C CD1 . TYR A 1 92  ? 0.324   -9.211  -5.105  1.00 10.93 ? 119 TYR A CD1 1 
ATOM   698  C CD2 . TYR A 1 92  ? 1.667   -7.860  -6.561  1.00 11.30 ? 119 TYR A CD2 1 
ATOM   699  C CE1 . TYR A 1 92  ? 0.346   -8.197  -4.131  1.00 11.25 ? 119 TYR A CE1 1 
ATOM   700  C CE2 . TYR A 1 92  ? 1.698   -6.851  -5.614  1.00 11.46 ? 119 TYR A CE2 1 
ATOM   701  C CZ  . TYR A 1 92  ? 1.030   -7.013  -4.424  1.00 11.46 ? 119 TYR A CZ  1 
ATOM   702  O OH  . TYR A 1 92  ? 1.098   -6.004  -3.532  1.00 12.22 ? 119 TYR A OH  1 
ATOM   703  N N   . TRP A 1 93  ? 0.278   -13.318 -7.785  1.00 14.47 ? 120 TRP A N   1 
ATOM   704  C CA  . TRP A 1 93  ? -0.159  -14.374 -8.725  1.00 15.14 ? 120 TRP A CA  1 
ATOM   705  C C   . TRP A 1 93  ? -1.091  -13.792 -9.784  1.00 15.89 ? 120 TRP A C   1 
ATOM   706  O O   . TRP A 1 93  ? -1.209  -14.343 -10.873 1.00 16.95 ? 120 TRP A O   1 
ATOM   707  C CB  . TRP A 1 93  ? -0.876  -15.475 -7.962  1.00 16.04 ? 120 TRP A CB  1 
ATOM   708  C CG  . TRP A 1 93  ? 0.023   -16.248 -7.058  1.00 17.04 ? 120 TRP A CG  1 
ATOM   709  C CD1 . TRP A 1 93  ? 0.435   -15.889 -5.818  1.00 17.25 ? 120 TRP A CD1 1 
ATOM   710  C CD2 . TRP A 1 93  ? 0.631   -17.528 -7.330  1.00 18.07 ? 120 TRP A CD2 1 
ATOM   711  N NE1 . TRP A 1 93  ? 1.265   -16.858 -5.296  1.00 18.09 ? 120 TRP A NE1 1 
ATOM   712  C CE2 . TRP A 1 93  ? 1.392   -17.877 -6.193  1.00 17.51 ? 120 TRP A CE2 1 
ATOM   713  C CE3 . TRP A 1 93  ? 0.601   -18.405 -8.413  1.00 19.32 ? 120 TRP A CE3 1 
ATOM   714  C CZ2 . TRP A 1 93  ? 2.107   -19.087 -6.102  1.00 18.51 ? 120 TRP A CZ2 1 
ATOM   715  C CZ3 . TRP A 1 93  ? 1.332   -19.600 -8.331  1.00 19.73 ? 120 TRP A CZ3 1 
ATOM   716  C CH2 . TRP A 1 93  ? 2.070   -19.915 -7.188  1.00 18.70 ? 120 TRP A CH2 1 
ATOM   717  N N   . ASN A 1 94  ? -1.766  -12.691 -9.450  1.00 15.46 ? 121 ASN A N   1 
ATOM   718  C CA  . ASN A 1 94  ? -2.654  -12.011 -10.384 1.00 16.26 ? 121 ASN A CA  1 
ATOM   719  C C   . ASN A 1 94  ? -2.866  -10.569 -9.939  1.00 15.86 ? 121 ASN A C   1 
ATOM   720  O O   . ASN A 1 94  ? -2.499  -10.181 -8.813  1.00 14.72 ? 121 ASN A O   1 
ATOM   721  C CB  . ASN A 1 94  ? -3.984  -12.759 -10.519 1.00 16.41 ? 121 ASN A CB  1 
ATOM   722  C CG  . ASN A 1 94  ? -4.683  -12.978 -9.201  1.00 17.64 ? 121 ASN A CG  1 
ATOM   723  O OD1 . ASN A 1 94  ? -4.873  -14.112 -8.754  1.00 22.06 ? 121 ASN A OD1 1 
ATOM   724  N ND2 . ASN A 1 94  ? -5.055  -11.921 -8.569  1.00 16.50 ? 121 ASN A ND2 1 
ATOM   725  N N   . ALA A 1 95  ? -3.458  -9.776  -10.818 1.00 16.29 ? 122 ALA A N   1 
ATOM   726  C CA  . ALA A 1 95  ? -3.613  -8.340  -10.576 1.00 16.06 ? 122 ALA A CA  1 
ATOM   727  C C   . ALA A 1 95  ? -4.576  -8.034  -9.453  1.00 15.80 ? 122 ALA A C   1 
ATOM   728  O O   . ALA A 1 95  ? -4.417  -7.017  -8.744  1.00 14.63 ? 122 ALA A O   1 
ATOM   729  C CB  . ALA A 1 95  ? -4.046  -7.644  -11.854 1.00 16.54 ? 122 ALA A CB  1 
ATOM   730  N N   . GLN A 1 96  ? -5.607  -8.853  -9.279  1.00 16.48 ? 123 GLN A N   1 
ATOM   731  C CA  . GLN A 1 96  ? -6.531  -8.662  -8.156  1.00 17.74 ? 123 GLN A CA  1 
ATOM   732  C C   . GLN A 1 96  ? -5.853  -8.706  -6.780  1.00 15.87 ? 123 GLN A C   1 
ATOM   733  O O   . GLN A 1 96  ? -6.239  -7.946  -5.913  1.00 15.14 ? 123 GLN A O   1 
ATOM   734  C CB  . GLN A 1 96  ? -7.727  -9.609  -8.223  1.00 21.76 ? 123 GLN A CB  1 
ATOM   735  C CG  . GLN A 1 96  ? -8.670  -9.347  -9.413  1.00 26.56 ? 123 GLN A CG  1 
ATOM   736  C CD  . GLN A 1 96  ? -9.232  -7.920  -9.493  1.00 31.71 ? 123 GLN A CD  1 
ATOM   737  O OE1 . GLN A 1 96  ? -9.658  -7.330  -8.479  1.00 35.96 ? 123 GLN A OE1 1 
ATOM   738  N NE2 . GLN A 1 96  ? -9.232  -7.350  -10.718 1.00 33.40 ? 123 GLN A NE2 1 
ATOM   739  N N   . GLU A 1 97  ? -4.813  -9.524  -6.601  1.00 14.68 ? 124 GLU A N   1 
ATOM   740  C CA  . GLU A 1 97  ? -4.077  -9.550  -5.321  1.00 14.05 ? 124 GLU A CA  1 
ATOM   741  C C   . GLU A 1 97  ? -3.407  -8.190  -5.074  1.00 14.20 ? 124 GLU A C   1 
ATOM   742  O O   . GLU A 1 97  ? -3.371  -7.699  -3.955  1.00 13.32 ? 124 GLU A O   1 
ATOM   743  C CB  . GLU A 1 97  ? -3.002  -10.642 -5.304  1.00 14.87 ? 124 GLU A CB  1 
ATOM   744  C CG  . GLU A 1 97  ? -3.538  -12.070 -5.351  1.00 15.66 ? 124 GLU A CG  1 
ATOM   745  C CD  . GLU A 1 97  ? -2.440  -13.096 -5.309  1.00 16.70 ? 124 GLU A CD  1 
ATOM   746  O OE1 . GLU A 1 97  ? -1.244  -12.760 -5.500  1.00 16.13 ? 124 GLU A OE1 1 
ATOM   747  O OE2 . GLU A 1 97  ? -2.774  -14.279 -5.078  1.00 19.56 ? 124 GLU A OE2 1 
ATOM   748  N N   . CYS A 1 98  ? -2.858  -7.595  -6.130  1.00 12.72 ? 125 CYS A N   1 
ATOM   749  C CA  . CYS A 1 98  ? -2.182  -6.309  -6.020  1.00 12.93 ? 125 CYS A CA  1 
ATOM   750  C C   . CYS A 1 98  ? -3.205  -5.213  -5.746  1.00 12.38 ? 125 CYS A C   1 
ATOM   751  O O   . CYS A 1 98  ? -3.025  -4.396  -4.841  1.00 12.26 ? 125 CYS A O   1 
ATOM   752  C CB  . CYS A 1 98  ? -1.437  -6.021  -7.322  1.00 13.07 ? 125 CYS A CB  1 
ATOM   753  S SG  . CYS A 1 98  ? -0.676  -4.403  -7.346  1.00 14.06 ? 125 CYS A SG  1 
ATOM   754  N N   . ILE A 1 99  ? -4.297  -5.205  -6.508  1.00 12.73 ? 126 ILE A N   1 
ATOM   755  C CA  . ILE A 1 99  ? -5.370  -4.221  -6.276  1.00 13.24 ? 126 ILE A CA  1 
ATOM   756  C C   . ILE A 1 99  ? -5.886  -4.328  -4.835  1.00 12.90 ? 126 ILE A C   1 
ATOM   757  O O   . ILE A 1 99  ? -6.113  -3.285  -4.174  1.00 12.71 ? 126 ILE A O   1 
ATOM   758  C CB  . ILE A 1 99  ? -6.510  -4.420  -7.286  1.00 13.76 ? 126 ILE A CB  1 
ATOM   759  C CG1 . ILE A 1 99  ? -6.032  -4.020  -8.696  1.00 14.02 ? 126 ILE A CG1 1 
ATOM   760  C CG2 . ILE A 1 99  ? -7.767  -3.668  -6.863  1.00 13.91 ? 126 ILE A CG2 1 
ATOM   761  C CD1 . ILE A 1 99  ? -6.935  -4.479  -9.827  1.00 15.21 ? 126 ILE A CD1 1 
ATOM   762  N N   . GLN A 1 100 ? -6.018  -5.567  -4.327  1.00 12.84 ? 127 GLN A N   1 
ATOM   763  C CA  . GLN A 1 100 ? -6.435  -5.776  -2.931  1.00 13.91 ? 127 GLN A CA  1 
ATOM   764  C C   . GLN A 1 100 ? -5.484  -5.060  -1.966  1.00 12.77 ? 127 GLN A C   1 
ATOM   765  O O   . GLN A 1 100 ? -5.911  -4.449  -0.995  1.00 12.54 ? 127 GLN A O   1 
ATOM   766  C CB  . GLN A 1 100 ? -6.538  -7.267  -2.606  1.00 17.33 ? 127 GLN A CB  1 
ATOM   767  C CG  . GLN A 1 100 ? -7.024  -7.609  -1.200  1.00 22.72 ? 127 GLN A CG  1 
ATOM   768  C CD  . GLN A 1 100 ? -7.196  -9.129  -0.948  1.00 29.89 ? 127 GLN A CD  1 
ATOM   769  O OE1 . GLN A 1 100 ? -7.827  -9.546  0.037   1.00 35.80 ? 127 GLN A OE1 1 
ATOM   770  N NE2 . GLN A 1 100 ? -6.629  -9.953  -1.825  1.00 33.59 ? 127 GLN A NE2 1 
ATOM   771  N N   . ASP A 1 101 ? -4.181  -5.152  -2.232  1.00 11.24 ? 128 ASP A N   1 
ATOM   772  C CA  . ASP A 1 101 ? -3.200  -4.486  -1.356  1.00 10.83 ? 128 ASP A CA  1 
ATOM   773  C C   . ASP A 1 101 ? -3.325  -2.979  -1.396  1.00 10.90 ? 128 ASP A C   1 
ATOM   774  O O   . ASP A 1 101 ? -3.263  -2.346  -0.366  1.00 10.73 ? 128 ASP A O   1 
ATOM   775  C CB  . ASP A 1 101 ? -1.757  -4.912  -1.669  1.00 10.95 ? 128 ASP A CB  1 
ATOM   776  C CG  . ASP A 1 101 ? -1.383  -6.252  -1.048  1.00 11.77 ? 128 ASP A CG  1 
ATOM   777  O OD1 . ASP A 1 101 ? -2.113  -6.778  -0.166  1.00 12.95 ? 128 ASP A OD1 1 
ATOM   778  O OD2 . ASP A 1 101 ? -0.293  -6.735  -1.412  1.00 12.81 ? 128 ASP A OD2 1 
ATOM   779  N N   . PHE A 1 102 ? -3.515  -2.398  -2.586  1.00 11.27 ? 129 PHE A N   1 
ATOM   780  C CA  . PHE A 1 102 ? -3.773  -0.964  -2.625  1.00 11.00 ? 129 PHE A CA  1 
ATOM   781  C C   . PHE A 1 102 ? -4.989  -0.609  -1.799  1.00 11.37 ? 129 PHE A C   1 
ATOM   782  O O   . PHE A 1 102 ? -4.979  0.349   -1.037  1.00 10.98 ? 129 PHE A O   1 
ATOM   783  C CB  . PHE A 1 102 ? -3.990  -0.476  -4.055  1.00 11.57 ? 129 PHE A CB  1 
ATOM   784  C CG  . PHE A 1 102 ? -2.720  -0.193  -4.816  1.00 11.88 ? 129 PHE A CG  1 
ATOM   785  C CD1 . PHE A 1 102 ? -2.029  1.031   -4.661  1.00 11.81 ? 129 PHE A CD1 1 
ATOM   786  C CD2 . PHE A 1 102 ? -2.256  -1.095  -5.769  1.00 11.57 ? 129 PHE A CD2 1 
ATOM   787  C CE1 . PHE A 1 102 ? -0.849  1.278   -5.391  1.00 12.12 ? 129 PHE A CE1 1 
ATOM   788  C CE2 . PHE A 1 102 ? -1.124  -0.816  -6.529  1.00 12.10 ? 129 PHE A CE2 1 
ATOM   789  C CZ  . PHE A 1 102 ? -0.417  0.364   -6.324  1.00 12.34 ? 129 PHE A CZ  1 
ATOM   790  N N   . ASN A 1 103 ? -6.071  -1.365  -1.981  1.00 11.69 ? 130 ASN A N   1 
ATOM   791  C CA  . ASN A 1 103 ? -7.301  -1.059  -1.228  1.00 12.58 ? 130 ASN A CA  1 
ATOM   792  C C   . ASN A 1 103 ? -7.084  -1.166  0.257   1.00 12.19 ? 130 ASN A C   1 
ATOM   793  O O   . ASN A 1 103 ? -7.594  -0.362  1.000   1.00 12.98 ? 130 ASN A O   1 
ATOM   794  C CB  . ASN A 1 103 ? -8.485  -1.928  -1.645  1.00 13.89 ? 130 ASN A CB  1 
ATOM   795  C CG  . ASN A 1 103 ? -9.027  -1.562  -3.016  1.00 16.09 ? 130 ASN A CG  1 
ATOM   796  O OD1 . ASN A 1 103 ? -8.940  -0.418  -3.412  1.00 20.39 ? 130 ASN A OD1 1 
ATOM   797  N ND2 . ASN A 1 103 ? -9.588  -2.524  -3.731  1.00 18.48 ? 130 ASN A ND2 1 
ATOM   798  N N   . THR A 1 104 ? -6.347  -2.180  0.699   1.00 11.81 ? 131 THR A N   1 
ATOM   799  C CA  . THR A 1 104 ? -6.018  -2.351  2.111   1.00 12.11 ? 131 THR A CA  1 
ATOM   800  C C   . THR A 1 104 ? -5.268  -1.129  2.655   1.00 11.68 ? 131 THR A C   1 
ATOM   801  O O   . THR A 1 104 ? -5.562  -0.631  3.734   1.00 11.67 ? 131 THR A O   1 
ATOM   802  C CB  . THR A 1 104 ? -5.199  -3.631  2.340   1.00 12.81 ? 131 THR A CB  1 
ATOM   803  O OG1 . THR A 1 104 ? -5.992  -4.765  1.966   1.00 13.90 ? 131 THR A OG1 1 
ATOM   804  C CG2 . THR A 1 104 ? -4.751  -3.800  3.775   1.00 13.62 ? 131 THR A CG2 1 
ATOM   805  N N   . MET A 1 105 ? -4.297  -0.649  1.893   1.00 10.96 ? 132 MET A N   1 
ATOM   806  C CA  . MET A 1 105 ? -3.563  0.538   2.285   1.00 11.04 ? 132 MET A CA  1 
ATOM   807  C C   . MET A 1 105 ? -4.496  1.738   2.509   1.00 11.17 ? 132 MET A C   1 
ATOM   808  O O   . MET A 1 105 ? -4.414  2.410   3.527   1.00 12.01 ? 132 MET A O   1 
ATOM   809  C CB  . MET A 1 105 ? -2.475  0.908   1.258   1.00 11.27 ? 132 MET A CB  1 
ATOM   810  C CG  . MET A 1 105 ? -1.777  2.221   1.555   1.00 11.45 ? 132 MET A CG  1 
ATOM   811  S SD  . MET A 1 105 ? -0.566  2.540   0.268   1.00 12.43 ? 132 MET A SD  1 
ATOM   812  C CE  . MET A 1 105 ? -1.595  3.341   -0.984  1.00 14.71 ? 132 MET A CE  1 
ATOM   813  N N   . PHE A 1 106 ? -5.429  1.959   1.573   1.00 11.42 ? 133 PHE A N   1 
ATOM   814  C CA  . PHE A 1 106 ? -6.354  3.111   1.702   1.00 12.38 ? 133 PHE A CA  1 
ATOM   815  C C   . PHE A 1 106 ? -7.314  2.869   2.872   1.00 12.32 ? 133 PHE A C   1 
ATOM   816  O O   . PHE A 1 106 ? -7.504  3.743   3.708   1.00 13.11 ? 133 PHE A O   1 
ATOM   817  C CB  . PHE A 1 106 ? -7.151  3.360   0.413   1.00 12.84 ? 133 PHE A CB  1 
ATOM   818  C CG  . PHE A 1 106 ? -6.295  3.689   -0.781  1.00 13.16 ? 133 PHE A CG  1 
ATOM   819  C CD1 . PHE A 1 106 ? -5.420  4.784   -0.727  1.00 14.78 ? 133 PHE A CD1 1 
ATOM   820  C CD2 . PHE A 1 106 ? -6.362  2.930   -1.943  1.00 13.72 ? 133 PHE A CD2 1 
ATOM   821  C CE1 . PHE A 1 106 ? -4.622  5.091   -1.828  1.00 15.48 ? 133 PHE A CE1 1 
ATOM   822  C CE2 . PHE A 1 106 ? -5.565  3.239   -3.036  1.00 14.31 ? 133 PHE A CE2 1 
ATOM   823  C CZ  . PHE A 1 106 ? -4.691  4.316   -2.964  1.00 14.33 ? 133 PHE A CZ  1 
ATOM   824  N N   . THR A 1 107 ? -7.896  1.670   2.920   1.00 12.64 ? 134 THR A N   1 
ATOM   825  C CA  . THR A 1 107 ? -8.829  1.290   4.002   1.00 13.27 ? 134 THR A CA  1 
ATOM   826  C C   . THR A 1 107 ? -8.203  1.512   5.358   1.00 12.40 ? 134 THR A C   1 
ATOM   827  O O   . THR A 1 107 ? -8.844  2.067   6.269   1.00 14.10 ? 134 THR A O   1 
ATOM   828  C CB  . THR A 1 107 ? -9.270  -0.204  3.869   1.00 14.19 ? 134 THR A CB  1 
ATOM   829  O OG1 . THR A 1 107 ? -10.202 -0.300  2.790   1.00 17.74 ? 134 THR A OG1 1 
ATOM   830  C CG2 . THR A 1 107 ? -9.957  -0.714  5.140   1.00 15.91 ? 134 THR A CG2 1 
ATOM   831  N N   . ASN A 1 108 ? -6.947  1.097   5.527   1.00 12.66 ? 135 ASN A N   1 
ATOM   832  C CA  . ASN A 1 108 ? -6.332  1.209   6.840   1.00 12.10 ? 135 ASN A CA  1 
ATOM   833  C C   . ASN A 1 108 ? -6.264  2.661   7.273   1.00 12.28 ? 135 ASN A C   1 
ATOM   834  O O   . ASN A 1 108 ? -6.539  3.010   8.419   1.00 11.63 ? 135 ASN A O   1 
ATOM   835  C CB  . ASN A 1 108 ? -4.887  0.689   6.807   1.00 12.04 ? 135 ASN A CB  1 
ATOM   836  C CG  . ASN A 1 108 ? -4.800  -0.818  6.660   1.00 12.39 ? 135 ASN A CG  1 
ATOM   837  O OD1 . ASN A 1 108 ? -5.762  -1.545  6.872   1.00 13.58 ? 135 ASN A OD1 1 
ATOM   838  N ND2 . ASN A 1 108 ? -3.604  -1.293  6.336   1.00 11.96 ? 135 ASN A ND2 1 
ATOM   839  N N   . CYS A 1 109 ? -5.920  3.524   6.328   1.00 11.20 ? 136 CYS A N   1 
ATOM   840  C CA  . CYS A 1 109 ? -5.757  4.948   6.607   1.00 11.47 ? 136 CYS A CA  1 
ATOM   841  C C   . CYS A 1 109 ? -7.115  5.569   6.990   1.00 12.84 ? 136 CYS A C   1 
ATOM   842  O O   . CYS A 1 109 ? -7.202  6.274   7.978   1.00 12.90 ? 136 CYS A O   1 
ATOM   843  C CB  . CYS A 1 109 ? -5.141  5.645   5.388   1.00 12.48 ? 136 CYS A CB  1 
ATOM   844  S SG  . CYS A 1 109 ? -4.746  7.359   5.717   1.00 15.08 ? 136 CYS A SG  1 
ATOM   845  N N   . TYR A 1 110 ? -8.172  5.197   6.264   1.00 12.48 ? 137 TYR A N   1 
ATOM   846  C CA  . TYR A 1 110 ? -9.505  5.711   6.542   1.00 12.99 ? 137 TYR A CA  1 
ATOM   847  C C   . TYR A 1 110 ? -10.122 5.199   7.834   1.00 14.43 ? 137 TYR A C   1 
ATOM   848  O O   . TYR A 1 110 ? -10.855 5.928   8.492   1.00 14.87 ? 137 TYR A O   1 
ATOM   849  C CB  . TYR A 1 110 ? -10.453 5.379   5.394   1.00 12.51 ? 137 TYR A CB  1 
ATOM   850  C CG  . TYR A 1 110 ? -10.003 5.857   4.030   1.00 12.51 ? 137 TYR A CG  1 
ATOM   851  C CD1 . TYR A 1 110 ? -9.123  6.938   3.881   1.00 13.12 ? 137 TYR A CD1 1 
ATOM   852  C CD2 . TYR A 1 110 ? -10.528 5.292   2.894   1.00 12.61 ? 137 TYR A CD2 1 
ATOM   853  C CE1 . TYR A 1 110 ? -8.745  7.370   2.608   1.00 12.93 ? 137 TYR A CE1 1 
ATOM   854  C CE2 . TYR A 1 110 ? -10.153 5.722   1.623   1.00 12.56 ? 137 TYR A CE2 1 
ATOM   855  C CZ  . TYR A 1 110 ? -9.245  6.751   1.494   1.00 13.14 ? 137 TYR A CZ  1 
ATOM   856  O OH  . TYR A 1 110 ? -8.880  7.206   0.246   1.00 14.57 ? 137 TYR A OH  1 
ATOM   857  N N   . ILE A 1 111 ? -9.895  3.936   8.145   1.00 14.88 ? 138 ILE A N   1 
ATOM   858  C CA  . ILE A 1 111 ? -10.351 3.335   9.429   1.00 16.89 ? 138 ILE A CA  1 
ATOM   859  C C   . ILE A 1 111 ? -9.656  3.941   10.650  1.00 16.73 ? 138 ILE A C   1 
ATOM   860  O O   . ILE A 1 111 ? -10.280 4.199   11.695  1.00 15.63 ? 138 ILE A O   1 
ATOM   861  C CB  . ILE A 1 111 ? -10.131 1.801   9.393   1.00 20.27 ? 138 ILE A CB  1 
ATOM   862  C CG1 . ILE A 1 111 ? -11.174 1.193   8.467   1.00 22.91 ? 138 ILE A CG1 1 
ATOM   863  C CG2 . ILE A 1 111 ? -10.121 1.177   10.796  1.00 23.41 ? 138 ILE A CG2 1 
ATOM   864  C CD1 . ILE A 1 111 ? -10.921 -0.277  8.216   1.00 25.32 ? 138 ILE A CD1 1 
ATOM   865  N N   . TYR A 1 112 ? -8.344  4.097   10.576  1.00 15.68 ? 139 TYR A N   1 
ATOM   866  C CA  . TYR A 1 112 ? -7.580  4.493   11.751  1.00 15.54 ? 139 TYR A CA  1 
ATOM   867  C C   . TYR A 1 112 ? -7.736  5.978   12.069  1.00 14.82 ? 139 TYR A C   1 
ATOM   868  O O   . TYR A 1 112 ? -7.773  6.360   13.248  1.00 16.98 ? 139 TYR A O   1 
ATOM   869  C CB  . TYR A 1 112 ? -6.092  4.166   11.551  1.00 15.57 ? 139 TYR A CB  1 
ATOM   870  C CG  . TYR A 1 112 ? -5.307  4.495   12.778  1.00 16.28 ? 139 TYR A CG  1 
ATOM   871  C CD1 . TYR A 1 112 ? -5.473  3.754   13.925  1.00 16.34 ? 139 TYR A CD1 1 
ATOM   872  C CD2 . TYR A 1 112 ? -4.512  5.631   12.831  1.00 16.58 ? 139 TYR A CD2 1 
ATOM   873  C CE1 . TYR A 1 112 ? -4.772  4.059   15.082  1.00 16.94 ? 139 TYR A CE1 1 
ATOM   874  C CE2 . TYR A 1 112 ? -3.816  5.963   13.978  1.00 17.54 ? 139 TYR A CE2 1 
ATOM   875  C CZ  . TYR A 1 112 ? -3.964  5.174   15.108  1.00 17.73 ? 139 TYR A CZ  1 
ATOM   876  O OH  . TYR A 1 112 ? -3.305  5.503   16.258  1.00 19.36 ? 139 TYR A OH  1 
ATOM   877  N N   . ASN A 1 113 ? -7.851  6.810   11.045  1.00 15.83 ? 140 ASN A N   1 
ATOM   878  C CA  . ASN A 1 113 ? -7.772  8.269   11.206  1.00 16.18 ? 140 ASN A CA  1 
ATOM   879  C C   . ASN A 1 113 ? -9.109  8.976   11.106  1.00 18.17 ? 140 ASN A C   1 
ATOM   880  O O   . ASN A 1 113 ? -10.045 8.469   10.512  1.00 19.67 ? 140 ASN A O   1 
ATOM   881  C CB  . ASN A 1 113 ? -6.817  8.825   10.166  1.00 15.46 ? 140 ASN A CB  1 
ATOM   882  C CG  . ASN A 1 113 ? -5.414  8.288   10.351  1.00 15.88 ? 140 ASN A CG  1 
ATOM   883  O OD1 . ASN A 1 113 ? -4.733  8.675   11.302  1.00 15.98 ? 140 ASN A OD1 1 
ATOM   884  N ND2 . ASN A 1 113 ? -4.975  7.370   9.471   1.00 15.27 ? 140 ASN A ND2 1 
ATOM   885  N N   . LYS A 1 114 ? -9.181  10.166  11.696  1.00 22.36 ? 141 LYS A N   1 
ATOM   886  C CA  . LYS A 1 114 ? -10.377 11.010  11.566  1.00 24.26 ? 141 LYS A CA  1 
ATOM   887  C C   . LYS A 1 114 ? -10.497 11.486  10.143  1.00 23.10 ? 141 LYS A C   1 
ATOM   888  O O   . LYS A 1 114 ? -9.489  11.715  9.497   1.00 21.95 ? 141 LYS A O   1 
ATOM   889  C CB  . LYS A 1 114 ? -10.289 12.247  12.455  1.00 27.73 ? 141 LYS A CB  1 
ATOM   890  C CG  . LYS A 1 114 ? -10.340 11.970  13.938  1.00 31.78 ? 141 LYS A CG  1 
ATOM   891  C CD  . LYS A 1 114 ? -10.668 13.268  14.663  1.00 36.49 ? 141 LYS A CD  1 
ATOM   892  C CE  . LYS A 1 114 ? -9.884  13.431  15.950  1.00 41.19 ? 141 LYS A CE  1 
ATOM   893  N NZ  . LYS A 1 114 ? -9.798  14.881  16.301  1.00 44.22 ? 141 LYS A NZ  1 
ATOM   894  N N   . PRO A 1 115 ? -11.732 11.664  9.645   1.00 23.45 ? 142 PRO A N   1 
ATOM   895  C CA  . PRO A 1 115 ? -11.967 12.062  8.257   1.00 24.36 ? 142 PRO A CA  1 
ATOM   896  C C   . PRO A 1 115 ? -11.343 13.382  7.807   1.00 25.07 ? 142 PRO A C   1 
ATOM   897  O O   . PRO A 1 115 ? -10.970 13.525  6.644   1.00 26.37 ? 142 PRO A O   1 
ATOM   898  C CB  . PRO A 1 115 ? -13.499 12.138  8.172   1.00 25.61 ? 142 PRO A CB  1 
ATOM   899  C CG  . PRO A 1 115 ? -13.955 12.320  9.581   1.00 26.44 ? 142 PRO A CG  1 
ATOM   900  C CD  . PRO A 1 115 ? -12.997 11.516  10.392  1.00 26.02 ? 142 PRO A CD  1 
ATOM   901  N N   . GLY A 1 116 ? -11.225 14.356  8.696   1.00 26.31 ? 143 GLY A N   1 
ATOM   902  C CA  . GLY A 1 116 ? -10.570 15.614  8.317   1.00 27.80 ? 143 GLY A CA  1 
ATOM   903  C C   . GLY A 1 116 ? -9.047  15.605  8.201   1.00 26.12 ? 143 GLY A C   1 
ATOM   904  O O   . GLY A 1 116 ? -8.470  16.560  7.678   1.00 27.96 ? 143 GLY A O   1 
ATOM   905  N N   . ASP A 1 117 ? -8.399  14.555  8.706   1.00 23.85 ? 144 ASP A N   1 
ATOM   906  C CA  . ASP A 1 117 ? -6.944  14.583  8.943   1.00 21.48 ? 144 ASP A CA  1 
ATOM   907  C C   . ASP A 1 117 ? -6.146  14.656  7.650   1.00 19.02 ? 144 ASP A C   1 
ATOM   908  O O   . ASP A 1 117 ? -6.541  14.109  6.623   1.00 17.61 ? 144 ASP A O   1 
ATOM   909  C CB  . ASP A 1 117 ? -6.488  13.334  9.704   1.00 21.08 ? 144 ASP A CB  1 
ATOM   910  C CG  . ASP A 1 117 ? -6.928  13.313  11.157  1.00 24.05 ? 144 ASP A CG  1 
ATOM   911  O OD1 . ASP A 1 117 ? -7.411  14.348  11.669  1.00 26.33 ? 144 ASP A OD1 1 
ATOM   912  O OD2 . ASP A 1 117 ? -6.785  12.239  11.780  1.00 25.06 ? 144 ASP A OD2 1 
ATOM   913  N N   . ASP A 1 118 ? -4.996  15.316  7.715   1.00 17.65 ? 145 ASP A N   1 
ATOM   914  C CA  . ASP A 1 118 ? -4.140  15.486  6.549   1.00 17.87 ? 145 ASP A CA  1 
ATOM   915  C C   . ASP A 1 118 ? -3.787  14.147  5.890   1.00 14.91 ? 145 ASP A C   1 
ATOM   916  O O   . ASP A 1 118 ? -3.774  14.063  4.673   1.00 14.17 ? 145 ASP A O   1 
ATOM   917  C CB  . ASP A 1 118 ? -2.855  16.212  6.938   1.00 20.58 ? 145 ASP A CB  1 
ATOM   918  C CG  . ASP A 1 118 ? -3.108  17.643  7.374   1.00 24.51 ? 145 ASP A CG  1 
ATOM   919  O OD1 . ASP A 1 118 ? -4.137  18.238  6.972   1.00 27.52 ? 145 ASP A OD1 1 
ATOM   920  O OD2 . ASP A 1 118 ? -2.263  18.163  8.128   1.00 29.07 ? 145 ASP A OD2 1 
ATOM   921  N N   . ILE A 1 119 ? -3.502  13.121  6.689   1.00 13.61 ? 146 ILE A N   1 
ATOM   922  C CA  . ILE A 1 119 ? -3.067  11.838  6.112   1.00 13.13 ? 146 ILE A CA  1 
ATOM   923  C C   . ILE A 1 119 ? -4.210  11.226  5.307   1.00 12.41 ? 146 ILE A C   1 
ATOM   924  O O   . ILE A 1 119 ? -3.989  10.563  4.316   1.00 11.77 ? 146 ILE A O   1 
ATOM   925  C CB  . ILE A 1 119 ? -2.533  10.871  7.161   1.00 13.50 ? 146 ILE A CB  1 
ATOM   926  C CG1 . ILE A 1 119 ? -1.829  9.679   6.520   1.00 13.67 ? 146 ILE A CG1 1 
ATOM   927  C CG2 . ILE A 1 119 ? -3.642  10.341  8.056   1.00 12.97 ? 146 ILE A CG2 1 
ATOM   928  C CD1 . ILE A 1 119 ? -0.432  10.001  6.036   1.00 13.38 ? 146 ILE A CD1 1 
ATOM   929  N N   . VAL A 1 120 ? -5.450  11.461  5.746   1.00 12.29 ? 147 VAL A N   1 
ATOM   930  C CA  . VAL A 1 120 ? -6.627  10.990  5.012   1.00 12.93 ? 147 VAL A CA  1 
ATOM   931  C C   . VAL A 1 120 ? -6.802  11.760  3.692   1.00 13.17 ? 147 VAL A C   1 
ATOM   932  O O   . VAL A 1 120 ? -7.065  11.167  2.636   1.00 13.15 ? 147 VAL A O   1 
ATOM   933  C CB  . VAL A 1 120 ? -7.896  11.030  5.916   1.00 12.94 ? 147 VAL A CB  1 
ATOM   934  C CG1 . VAL A 1 120 ? -9.139  10.674  5.122   1.00 13.85 ? 147 VAL A CG1 1 
ATOM   935  C CG2 . VAL A 1 120 ? -7.720  10.101  7.098   1.00 13.42 ? 147 VAL A CG2 1 
ATOM   936  N N   . LEU A 1 121 ? -6.613  13.077  3.719   1.00 13.93 ? 148 LEU A N   1 
ATOM   937  C CA  . LEU A 1 121 ? -6.657  13.843  2.498   1.00 15.09 ? 148 LEU A CA  1 
ATOM   938  C C   . LEU A 1 121 ? -5.592  13.382  1.498   1.00 14.33 ? 148 LEU A C   1 
ATOM   939  O O   . LEU A 1 121 ? -5.824  13.332  0.300   1.00 15.06 ? 148 LEU A O   1 
ATOM   940  C CB  . LEU A 1 121 ? -6.481  15.329  2.807   1.00 16.80 ? 148 LEU A CB  1 
ATOM   941  C CG  . LEU A 1 121 ? -7.557  15.961  3.686   1.00 19.01 ? 148 LEU A CG  1 
ATOM   942  C CD1 . LEU A 1 121 ? -7.139  17.386  3.970   1.00 20.00 ? 148 LEU A CD1 1 
ATOM   943  C CD2 . LEU A 1 121 ? -8.889  15.931  2.966   1.00 19.45 ? 148 LEU A CD2 1 
ATOM   944  N N   . MET A 1 122 ? -4.425  13.017  2.015   1.00 14.03 ? 149 MET A N   1 
ATOM   945  C CA  . MET A 1 122 ? -3.369  12.538  1.149   1.00 13.17 ? 149 MET A CA  1 
ATOM   946  C C   . MET A 1 122 ? -3.752  11.199  0.525   1.00 12.60 ? 149 MET A C   1 
ATOM   947  O O   . MET A 1 122 ? -3.625  10.996  -0.672  1.00 12.38 ? 149 MET A O   1 
ATOM   948  C CB  . MET A 1 122 ? -2.091  12.408  1.941   1.00 13.34 ? 149 MET A CB  1 
ATOM   949  C CG  . MET A 1 122 ? -1.556  13.759  2.365   1.00 13.48 ? 149 MET A CG  1 
ATOM   950  S SD  . MET A 1 122 ? -0.169  13.778  3.499   1.00 14.20 ? 149 MET A SD  1 
ATOM   951  C CE  . MET A 1 122 ? 1.184   13.568  2.374   1.00 14.72 ? 149 MET A CE  1 
ATOM   952  N N   . ALA A 1 123 ? -4.224  10.281  1.349   1.00 11.88 ? 150 ALA A N   1 
ATOM   953  C CA  . ALA A 1 123 ? -4.678  8.966   0.855   1.00 11.46 ? 150 ALA A CA  1 
ATOM   954  C C   . ALA A 1 123 ? -5.811  9.116   -0.154  1.00 12.18 ? 150 ALA A C   1 
ATOM   955  O O   . ALA A 1 123 ? -5.827  8.422   -1.155  1.00 11.64 ? 150 ALA A O   1 
ATOM   956  C CB  . ALA A 1 123 ? -5.118  8.098   2.012   1.00 11.12 ? 150 ALA A CB  1 
ATOM   957  N N   . GLU A 1 124 ? -6.730  10.040  0.109   1.00 13.24 ? 151 GLU A N   1 
ATOM   958  C CA  . GLU A 1 124 ? -7.849  10.278  -0.840  1.00 13.90 ? 151 GLU A CA  1 
ATOM   959  C C   . GLU A 1 124 ? -7.367  10.775  -2.207  1.00 13.59 ? 151 GLU A C   1 
ATOM   960  O O   . GLU A 1 124 ? -7.917  10.393  -3.228  1.00 14.29 ? 151 GLU A O   1 
ATOM   961  C CB  . GLU A 1 124 ? -8.844  11.283  -0.231  1.00 15.20 ? 151 GLU A CB  1 
ATOM   962  C CG  . GLU A 1 124 ? -9.681  10.683  0.876   1.00 16.46 ? 151 GLU A CG  1 
ATOM   963  C CD  . GLU A 1 124 ? -10.639 11.660  1.535   1.00 18.19 ? 151 GLU A CD  1 
ATOM   964  O OE1 . GLU A 1 124 ? -10.614 12.875  1.236   1.00 21.59 ? 151 GLU A OE1 1 
ATOM   965  O OE2 . GLU A 1 124 ? -11.377 11.209  2.427   1.00 19.81 ? 151 GLU A OE2 1 
ATOM   966  N N   . ALA A 1 125 ? -6.330  11.619  -2.221  1.00 13.94 ? 152 ALA A N   1 
ATOM   967  C CA  . ALA A 1 125 ? -5.754  12.111  -3.481  1.00 13.93 ? 152 ALA A CA  1 
ATOM   968  C C   . ALA A 1 125 ? -5.135  10.956  -4.242  1.00 14.54 ? 152 ALA A C   1 
ATOM   969  O O   . ALA A 1 125 ? -5.286  10.853  -5.453  1.00 15.10 ? 152 ALA A O   1 
ATOM   970  C CB  . ALA A 1 125 ? -4.739  13.190  -3.191  1.00 14.97 ? 152 ALA A CB  1 
ATOM   971  N N   . LEU A 1 126 ? -4.430  10.068  -3.533  1.00 13.52 ? 153 LEU A N   1 
ATOM   972  C CA  . LEU A 1 126 ? -3.847  8.906   -4.187  1.00 13.04 ? 153 LEU A CA  1 
ATOM   973  C C   . LEU A 1 126 ? -4.924  7.951   -4.669  1.00 12.29 ? 153 LEU A C   1 
ATOM   974  O O   . LEU A 1 126 ? -4.805  7.390   -5.734  1.00 11.75 ? 153 LEU A O   1 
ATOM   975  C CB  . LEU A 1 126 ? -2.885  8.193   -3.248  1.00 12.96 ? 153 LEU A CB  1 
ATOM   976  C CG  . LEU A 1 126 ? -1.678  9.015   -2.781  1.00 14.37 ? 153 LEU A CG  1 
ATOM   977  C CD1 . LEU A 1 126 ? -0.934  8.242   -1.694  1.00 14.45 ? 153 LEU A CD1 1 
ATOM   978  C CD2 . LEU A 1 126 ? -0.762  9.339   -3.940  1.00 14.50 ? 153 LEU A CD2 1 
ATOM   979  N N   . GLU A 1 127 ? -5.981  7.776   -3.874  1.00 12.51 ? 154 GLU A N   1 
ATOM   980  C CA  . GLU A 1 127 ? -7.023  6.827   -4.270  1.00 12.83 ? 154 GLU A CA  1 
ATOM   981  C C   . GLU A 1 127 ? -7.779  7.333   -5.490  1.00 13.32 ? 154 GLU A C   1 
ATOM   982  O O   . GLU A 1 127 ? -8.135  6.539   -6.330  1.00 14.09 ? 154 GLU A O   1 
ATOM   983  C CB  . GLU A 1 127 ? -7.999  6.538   -3.125  1.00 12.51 ? 154 GLU A CB  1 
ATOM   984  C CG  . GLU A 1 127 ? -8.917  5.387   -3.500  1.00 14.21 ? 154 GLU A CG  1 
ATOM   985  C CD  . GLU A 1 127 ? -9.927  5.060   -2.435  1.00 16.13 ? 154 GLU A CD  1 
ATOM   986  O OE1 . GLU A 1 127 ? -10.226 5.930   -1.622  1.00 18.44 ? 154 GLU A OE1 1 
ATOM   987  O OE2 . GLU A 1 127 ? -10.447 3.926   -2.435  1.00 18.11 ? 154 GLU A OE2 1 
ATOM   988  N N   . LYS A 1 128 ? -8.019  8.637   -5.563  1.00 13.37 ? 155 LYS A N   1 
ATOM   989  C CA  . LYS A 1 128 ? -8.707  9.186   -6.732  1.00 15.10 ? 155 LYS A CA  1 
ATOM   990  C C   . LYS A 1 128 ? -7.907  8.907   -7.997  1.00 15.12 ? 155 LYS A C   1 
ATOM   991  O O   . LYS A 1 128 ? -8.446  8.460   -9.011  1.00 14.60 ? 155 LYS A O   1 
ATOM   992  C CB  . LYS A 1 128 ? -8.912  10.681  -6.541  1.00 17.12 ? 155 LYS A CB  1 
ATOM   993  C CG  . LYS A 1 128 ? -9.599  11.370  -7.707  1.00 20.12 ? 155 LYS A CG  1 
ATOM   994  C CD  . LYS A 1 128 ? -9.701  12.860  -7.434  1.00 22.42 ? 155 LYS A CD  1 
ATOM   995  C CE  . LYS A 1 128 ? -10.270 13.586  -8.641  1.00 26.28 ? 155 LYS A CE  1 
ATOM   996  N NZ  . LYS A 1 128 ? -11.632 13.106  -8.962  1.00 29.80 ? 155 LYS A NZ  1 
ATOM   997  N N   . LEU A 1 129 ? -6.593  9.086   -7.909  1.00 14.89 ? 156 LEU A N   1 
ATOM   998  C CA  . LEU A 1 129 ? -5.709  8.788   -9.039  1.00 15.94 ? 156 LEU A CA  1 
ATOM   999  C C   . LEU A 1 129 ? -5.686  7.285   -9.342  1.00 14.63 ? 156 LEU A C   1 
ATOM   1000 O O   . LEU A 1 129 ? -5.675  6.835   -10.499 1.00 14.59 ? 156 LEU A O   1 
ATOM   1001 C CB  . LEU A 1 129 ? -4.313  9.309   -8.714  1.00 18.70 ? 156 LEU A CB  1 
ATOM   1002 C CG  . LEU A 1 129 ? -3.190  9.325   -9.724  1.00 22.29 ? 156 LEU A CG  1 
ATOM   1003 C CD1 . LEU A 1 129 ? -3.634  9.952   -11.036 1.00 23.48 ? 156 LEU A CD1 1 
ATOM   1004 C CD2 . LEU A 1 129 ? -2.043  10.128  -9.092  1.00 24.00 ? 156 LEU A CD2 1 
ATOM   1005 N N   . PHE A 1 130 ? -5.612  6.476   -8.282  1.00 13.37 ? 157 PHE A N   1 
ATOM   1006 C CA  . PHE A 1 130 ? -5.646  5.036   -8.436  1.00 12.69 ? 157 PHE A CA  1 
ATOM   1007 C C   . PHE A 1 130 ? -6.881  4.601   -9.221  1.00 13.35 ? 157 PHE A C   1 
ATOM   1008 O O   . PHE A 1 130 ? -6.762  3.836   -10.166 1.00 13.70 ? 157 PHE A O   1 
ATOM   1009 C CB  . PHE A 1 130 ? -5.619  4.361   -7.041  1.00 12.72 ? 157 PHE A CB  1 
ATOM   1010 C CG  . PHE A 1 130 ? -5.762  2.871   -7.041  1.00 13.44 ? 157 PHE A CG  1 
ATOM   1011 C CD1 . PHE A 1 130 ? -4.719  2.062   -7.450  1.00 12.95 ? 157 PHE A CD1 1 
ATOM   1012 C CD2 . PHE A 1 130 ? -6.918  2.276   -6.573  1.00 13.92 ? 157 PHE A CD2 1 
ATOM   1013 C CE1 . PHE A 1 130 ? -4.824  0.674   -7.448  1.00 14.74 ? 157 PHE A CE1 1 
ATOM   1014 C CE2 . PHE A 1 130 ? -7.034  0.887   -6.562  1.00 14.77 ? 157 PHE A CE2 1 
ATOM   1015 C CZ  . PHE A 1 130 ? -5.971  0.087   -6.985  1.00 14.25 ? 157 PHE A CZ  1 
ATOM   1016 N N   . LEU A 1 131 ? -8.044  5.090   -8.812  1.00 14.22 ? 158 LEU A N   1 
ATOM   1017 C CA  . LEU A 1 131 ? -9.272  4.671   -9.484  1.00 15.43 ? 158 LEU A CA  1 
ATOM   1018 C C   . LEU A 1 131 ? -9.302  5.144   -10.945 1.00 15.34 ? 158 LEU A C   1 
ATOM   1019 O O   . LEU A 1 131 ? -9.759  4.424   -11.805 1.00 15.83 ? 158 LEU A O   1 
ATOM   1020 C CB  . LEU A 1 131 ? -10.493 5.158   -8.709  1.00 16.77 ? 158 LEU A CB  1 
ATOM   1021 C CG  . LEU A 1 131 ? -10.697 4.474   -7.341  1.00 18.38 ? 158 LEU A CG  1 
ATOM   1022 C CD1 . LEU A 1 131 ? -11.905 5.087   -6.665  1.00 20.64 ? 158 LEU A CD1 1 
ATOM   1023 C CD2 . LEU A 1 131 ? -10.843 2.966   -7.432  1.00 19.82 ? 158 LEU A CD2 1 
ATOM   1024 N N   . GLN A 1 132 ? -8.794  6.326   -11.218 1.00 14.95 ? 159 GLN A N   1 
ATOM   1025 C CA  . GLN A 1 132 ? -8.654  6.765   -12.628 1.00 17.66 ? 159 GLN A CA  1 
ATOM   1026 C C   . GLN A 1 132 ? -7.806  5.799   -13.459 1.00 17.46 ? 159 GLN A C   1 
ATOM   1027 O O   . GLN A 1 132 ? -8.176  5.447   -14.583 1.00 17.91 ? 159 GLN A O   1 
ATOM   1028 C CB  . GLN A 1 132 ? -8.054  8.156   -12.701 1.00 19.56 ? 159 GLN A CB  1 
ATOM   1029 C CG  . GLN A 1 132 ? -8.964  9.267   -12.220 1.00 23.02 ? 159 GLN A CG  1 
ATOM   1030 C CD  . GLN A 1 132 ? -8.238  10.594  -12.065 1.00 26.71 ? 159 GLN A CD  1 
ATOM   1031 O OE1 . GLN A 1 132 ? -7.082  10.734  -12.454 1.00 31.42 ? 159 GLN A OE1 1 
ATOM   1032 N NE2 . GLN A 1 132 ? -8.916  11.564  -11.499 1.00 30.99 ? 159 GLN A NE2 1 
ATOM   1033 N N   . LYS A 1 133 ? -6.677  5.356   -12.904 1.00 16.09 ? 160 LYS A N   1 
ATOM   1034 C CA  . LYS A 1 133 ? -5.801  4.450   -13.625 1.00 17.20 ? 160 LYS A CA  1 
ATOM   1035 C C   . LYS A 1 133 ? -6.415  3.052   -13.714 1.00 17.46 ? 160 LYS A C   1 
ATOM   1036 O O   . LYS A 1 133 ? -6.328  2.406   -14.749 1.00 17.04 ? 160 LYS A O   1 
ATOM   1037 C CB  . LYS A 1 133 ? -4.382  4.436   -13.020 1.00 18.31 ? 160 LYS A CB  1 
ATOM   1038 C CG  . LYS A 1 133 ? -3.680  5.782   -13.039 1.00 20.54 ? 160 LYS A CG  1 
ATOM   1039 C CD  . LYS A 1 133 ? -3.487  6.244   -14.482 1.00 23.56 ? 160 LYS A CD  1 
ATOM   1040 C CE  . LYS A 1 133 ? -2.627  7.479   -14.617 1.00 27.51 ? 160 LYS A CE  1 
ATOM   1041 N NZ  . LYS A 1 133 ? -2.299  7.667   -16.077 1.00 30.02 ? 160 LYS A NZ  1 
ATOM   1042 N N   . ILE A 1 134 ? -7.080  2.588   -12.658 1.00 18.34 ? 161 ILE A N   1 
ATOM   1043 C CA  . ILE A 1 134 ? -7.682  1.263   -12.670 1.00 22.21 ? 161 ILE A CA  1 
ATOM   1044 C C   . ILE A 1 134 ? -8.843  1.219   -13.664 1.00 22.55 ? 161 ILE A C   1 
ATOM   1045 O O   . ILE A 1 134 ? -9.096  0.181   -14.263 1.00 22.65 ? 161 ILE A O   1 
ATOM   1046 C CB  . ILE A 1 134 ? -8.111  0.811   -11.240 1.00 24.91 ? 161 ILE A CB  1 
ATOM   1047 C CG1 . ILE A 1 134 ? -6.871  0.413   -10.438 1.00 28.80 ? 161 ILE A CG1 1 
ATOM   1048 C CG2 . ILE A 1 134 ? -9.076  -0.364  -11.267 1.00 28.05 ? 161 ILE A CG2 1 
ATOM   1049 C CD1 . ILE A 1 134 ? -6.018  -0.694  -11.038 1.00 28.21 ? 161 ILE A CD1 1 
ATOM   1050 N N   . ASN A 1 135 ? -9.498  2.356   -13.879 1.00 23.77 ? 162 ASN A N   1 
ATOM   1051 C CA  . ASN A 1 135 ? -10.534 2.432   -14.911 1.00 26.74 ? 162 ASN A CA  1 
ATOM   1052 C C   . ASN A 1 135 ? -10.027 2.023   -16.290 1.00 26.82 ? 162 ASN A C   1 
ATOM   1053 O O   . ASN A 1 135 ? -10.798 1.509   -17.088 1.00 27.31 ? 162 ASN A O   1 
ATOM   1054 C CB  . ASN A 1 135 ? -11.136 3.830   -14.983 1.00 28.64 ? 162 ASN A CB  1 
ATOM   1055 C CG  . ASN A 1 135 ? -12.495 3.830   -15.670 1.00 33.24 ? 162 ASN A CG  1 
ATOM   1056 O OD1 . ASN A 1 135 ? -13.402 3.103   -15.262 1.00 34.47 ? 162 ASN A OD1 1 
ATOM   1057 N ND2 . ASN A 1 135 ? -12.632 4.627   -16.725 1.00 35.26 ? 162 ASN A ND2 1 
ATOM   1058 N N   . GLU A 1 136 ? -8.740  2.244   -16.565 1.00 25.78 ? 163 GLU A N   1 
ATOM   1059 C CA  . GLU A 1 136 ? -8.145  1.886   -17.854 1.00 26.92 ? 163 GLU A CA  1 
ATOM   1060 C C   . GLU A 1 136 ? -7.299  0.624   -17.786 1.00 24.66 ? 163 GLU A C   1 
ATOM   1061 O O   . GLU A 1 136 ? -6.458  0.394   -18.662 1.00 25.65 ? 163 GLU A O   1 
ATOM   1062 C CB  . GLU A 1 136 ? -7.324  3.065   -18.398 1.00 29.17 ? 163 GLU A CB  1 
ATOM   1063 C CG  . GLU A 1 136 ? -8.057  4.415   -18.371 1.00 32.25 ? 163 GLU A CG  1 
ATOM   1064 C CD  . GLU A 1 136 ? -9.390  4.384   -19.103 1.00 36.06 ? 163 GLU A CD  1 
ATOM   1065 O OE1 . GLU A 1 136 ? -9.487  3.683   -20.134 1.00 38.83 ? 163 GLU A OE1 1 
ATOM   1066 O OE2 . GLU A 1 136 ? -10.340 5.066   -18.650 1.00 39.83 ? 163 GLU A OE2 1 
ATOM   1067 N N   . LEU A 1 137 ? -7.545  -0.223  -16.783 1.00 25.61 ? 164 LEU A N   1 
ATOM   1068 C CA  . LEU A 1 137 ? -6.863  -1.503  -16.662 1.00 27.06 ? 164 LEU A CA  1 
ATOM   1069 C C   . LEU A 1 137 ? -7.139  -2.306  -17.929 1.00 28.91 ? 164 LEU A C   1 
ATOM   1070 O O   . LEU A 1 137 ? -8.287  -2.370  -18.351 1.00 28.86 ? 164 LEU A O   1 
ATOM   1071 C CB  . LEU A 1 137 ? -7.375  -2.267  -15.429 1.00 26.35 ? 164 LEU A CB  1 
ATOM   1072 C CG  . LEU A 1 137 ? -6.745  -3.597  -15.014 1.00 27.83 ? 164 LEU A CG  1 
ATOM   1073 C CD1 . LEU A 1 137 ? -5.363  -3.386  -14.425 1.00 27.06 ? 164 LEU A CD1 1 
ATOM   1074 C CD2 . LEU A 1 137 ? -7.645  -4.296  -13.997 1.00 28.87 ? 164 LEU A CD2 1 
ATOM   1075 N N   . PRO A 1 138 ? -6.092  -2.880  -18.558 1.00 31.17 ? 165 PRO A N   1 
ATOM   1076 C CA  . PRO A 1 138 ? -6.331  -3.700  -19.757 1.00 32.71 ? 165 PRO A CA  1 
ATOM   1077 C C   . PRO A 1 138 ? -7.083  -4.986  -19.475 1.00 36.90 ? 165 PRO A C   1 
ATOM   1078 O O   . PRO A 1 138 ? -6.999  -5.530  -18.377 1.00 36.90 ? 165 PRO A O   1 
ATOM   1079 C CB  . PRO A 1 138 ? -4.920  -4.012  -20.252 1.00 32.48 ? 165 PRO A CB  1 
ATOM   1080 C CG  . PRO A 1 138 ? -4.073  -3.929  -19.030 1.00 31.64 ? 165 PRO A CG  1 
ATOM   1081 C CD  . PRO A 1 138 ? -4.649  -2.751  -18.290 1.00 30.05 ? 165 PRO A CD  1 
ATOM   1082 N N   . THR A 1 139 ? -7.823  -5.456  -20.479 1.00 42.02 ? 166 THR A N   1 
ATOM   1083 C CA  . THR A 1 139 ? -8.520  -6.747  -20.416 1.00 45.42 ? 166 THR A CA  1 
ATOM   1084 C C   . THR A 1 139 ? -7.510  -7.903  -20.323 1.00 47.40 ? 166 THR A C   1 
ATOM   1085 O O   . THR A 1 139 ? -6.390  -7.794  -20.829 1.00 45.46 ? 166 THR A O   1 
ATOM   1086 C CB  . THR A 1 139 ? -9.402  -6.966  -21.665 1.00 47.23 ? 166 THR A CB  1 
ATOM   1087 O OG1 . THR A 1 139 ? -8.591  -6.864  -22.844 1.00 50.69 ? 166 THR A OG1 1 
ATOM   1088 C CG2 . THR A 1 139 ? -10.510 -5.933  -21.739 1.00 48.60 ? 166 THR A CG2 1 
ATOM   1089 N N   . GLU A 1 140 ? -7.911  -8.998  -19.683 1.00 51.37 ? 167 GLU A N   1 
ATOM   1090 C CA  . GLU A 1 140 ? -7.034  -10.167 -19.515 1.00 53.53 ? 167 GLU A CA  1 
ATOM   1091 C C   . GLU A 1 140 ? -6.837  -10.900 -20.846 1.00 54.24 ? 167 GLU A C   1 
ATOM   1092 O O   . GLU A 1 140 ? -5.740  -10.906 -21.415 1.00 55.29 ? 167 GLU A O   1 
ATOM   1093 C CB  . GLU A 1 140 ? -7.617  -11.141 -18.486 1.00 55.29 ? 167 GLU A CB  1 
ATOM   1094 C CG  . GLU A 1 140 ? -7.907  -10.546 -17.115 1.00 57.38 ? 167 GLU A CG  1 
ATOM   1095 C CD  . GLU A 1 140 ? -8.159  -11.607 -16.053 1.00 60.00 ? 167 GLU A CD  1 
ATOM   1096 O OE1 . GLU A 1 140 ? -8.799  -12.637 -16.364 1.00 62.03 ? 167 GLU A OE1 1 
ATOM   1097 O OE2 . GLU A 1 140 ? -7.720  -11.413 -14.899 1.00 60.90 ? 167 GLU A OE2 1 
HETATM 1098 C C1  . GOL B 2 .   ? 9.076   6.726   7.301   1.00 22.16 ? 201 GOL A C1  1 
HETATM 1099 O O1  . GOL B 2 .   ? 10.189  6.163   6.617   1.00 22.46 ? 201 GOL A O1  1 
HETATM 1100 C C2  . GOL B 2 .   ? 8.957   6.038   8.649   1.00 21.33 ? 201 GOL A C2  1 
HETATM 1101 O O2  . GOL B 2 .   ? 10.092  6.403   9.441   1.00 24.50 ? 201 GOL A O2  1 
HETATM 1102 C C3  . GOL B 2 .   ? 7.687   6.467   9.370   1.00 20.53 ? 201 GOL A C3  1 
HETATM 1103 O O3  . GOL B 2 .   ? 6.621   5.597   8.962   1.00 17.77 ? 201 GOL A O3  1 
HETATM 1104 C CAW . E0A C 3 .   ? 0.046   14.223  7.220   1.00 23.43 ? 202 E0A A CAW 1 
HETATM 1105 C CAV . E0A C 3 .   ? 1.261   13.526  6.735   1.00 22.69 ? 202 E0A A CAV 1 
HETATM 1106 C CAS . E0A C 3 .   ? 1.866   13.003  8.013   1.00 21.23 ? 202 E0A A CAS 1 
HETATM 1107 C CAR . E0A C 3 .   ? 3.011   12.143  7.515   1.00 20.72 ? 202 E0A A CAR 1 
HETATM 1108 S SAQ . E0A C 3 .   ? 3.937   11.636  8.988   1.00 19.56 ? 202 E0A A SAQ 1 
HETATM 1109 O OAT . E0A C 3 .   ? 5.157   10.894  8.491   1.00 21.02 ? 202 E0A A OAT 1 
HETATM 1110 O OAU . E0A C 3 .   ? 4.318   12.888  9.767   1.00 19.92 ? 202 E0A A OAU 1 
HETATM 1111 N NAP . E0A C 3 .   ? 3.039   10.691  9.928   1.00 16.70 ? 202 E0A A NAP 1 
HETATM 1112 C CAC . E0A C 3 .   ? 2.347   9.617   9.418   1.00 14.71 ? 202 E0A A CAC 1 
HETATM 1113 C CAB . E0A C 3 .   ? 2.868   8.737   8.448   1.00 13.81 ? 202 E0A A CAB 1 
HETATM 1114 C CAA . E0A C 3 .   ? 2.083   7.655   8.001   1.00 13.25 ? 202 E0A A CAA 1 
HETATM 1115 C CAF . E0A C 3 .   ? 0.837   7.453   8.522   1.00 13.72 ? 202 E0A A CAF 1 
HETATM 1116 C CAE . E0A C 3 .   ? 0.360   8.274   9.451   1.00 14.16 ? 202 E0A A CAE 1 
HETATM 1117 C CAD . E0A C 3 .   ? 1.037   9.354   9.927   1.00 14.41 ? 202 E0A A CAD 1 
HETATM 1118 C CAG . E0A C 3 .   ? 0.364   10.093  10.936  1.00 15.24 ? 202 E0A A CAG 1 
HETATM 1119 C CAH . E0A C 3 .   ? -0.928  9.705   11.335  1.00 15.41 ? 202 E0A A CAH 1 
HETATM 1120 C CAI . E0A C 3 .   ? -1.534  8.563   10.783  1.00 14.98 ? 202 E0A A CAI 1 
HETATM 1121 C CAJ . E0A C 3 .   ? -0.891  7.869   9.825   1.00 14.37 ? 202 E0A A CAJ 1 
HETATM 1122 C CAL . E0A C 3 .   ? -1.174  6.769   9.095   1.00 14.82 ? 202 E0A A CAL 1 
HETATM 1123 O OAM . E0A C 3 .   ? -2.235  6.107   9.046   1.00 14.87 ? 202 E0A A OAM 1 
HETATM 1124 N NAK . E0A C 3 .   ? -0.123  6.525   8.275   1.00 13.88 ? 202 E0A A NAK 1 
HETATM 1125 C CAN . E0A C 3 .   ? -0.112  5.433   7.337   1.00 13.83 ? 202 E0A A CAN 1 
HETATM 1126 C CAO . E0A C 3 .   ? -0.527  5.993   5.990   1.00 14.20 ? 202 E0A A CAO 1 
HETATM 1127 C C1  . EDO D 4 .   ? 2.079   1.131   18.257  1.00 41.70 ? 203 EDO A C1  1 
HETATM 1128 O O1  . EDO D 4 .   ? 0.678   1.273   17.988  1.00 43.15 ? 203 EDO A O1  1 
HETATM 1129 C C2  . EDO D 4 .   ? 2.451   1.808   19.579  1.00 42.30 ? 203 EDO A C2  1 
HETATM 1130 O O2  . EDO D 4 .   ? 2.201   3.224   19.561  1.00 44.36 ? 203 EDO A O2  1 
HETATM 1131 C C1  . EDO E 4 .   ? 11.368  -12.930 -4.984  1.00 34.63 ? 204 EDO A C1  1 
HETATM 1132 O O1  . EDO E 4 .   ? 10.028  -13.180 -5.405  1.00 33.19 ? 204 EDO A O1  1 
HETATM 1133 C C2  . EDO E 4 .   ? 12.375  -12.870 -6.124  1.00 40.23 ? 204 EDO A C2  1 
HETATM 1134 O O2  . EDO E 4 .   ? 13.512  -12.120 -5.669  1.00 45.23 ? 204 EDO A O2  1 
HETATM 1135 C C1  . EDO F 4 .   ? 8.158   4.013   -9.470  1.00 56.05 ? 205 EDO A C1  1 
HETATM 1136 O O1  . EDO F 4 .   ? 7.904   2.813   -8.738  1.00 56.66 ? 205 EDO A O1  1 
HETATM 1137 C C2  . EDO F 4 .   ? 9.651   4.108   -9.746  1.00 57.85 ? 205 EDO A C2  1 
HETATM 1138 O O2  . EDO F 4 .   ? 10.019  5.485   -9.868  1.00 59.58 ? 205 EDO A O2  1 
HETATM 1139 O O   . HOH G 5 .   ? -12.189 12.189  4.641   1.00 31.37 ? 301 HOH A O   1 
HETATM 1140 O O   . HOH G 5 .   ? 9.431   -15.589 -7.738  1.00 34.18 ? 302 HOH A O   1 
HETATM 1141 O O   . HOH G 5 .   ? -6.627  18.365  7.533   1.00 37.43 ? 303 HOH A O   1 
HETATM 1142 O O   . HOH G 5 .   ? -7.867  16.865  11.855  1.00 38.20 ? 304 HOH A O   1 
HETATM 1143 O O   . HOH G 5 .   ? -2.978  3.637   7.965   1.00 13.42 ? 305 HOH A O   1 
HETATM 1144 O O   . HOH G 5 .   ? 7.774   -14.094 -6.321  1.00 39.75 ? 306 HOH A O   1 
HETATM 1145 O O   . HOH G 5 .   ? -9.043  -7.082  -5.944  1.00 39.20 ? 307 HOH A O   1 
HETATM 1146 O O   . HOH G 5 .   ? 12.704  -16.004 -7.871  1.00 34.42 ? 308 HOH A O   1 
HETATM 1147 O O   . HOH G 5 .   ? 0.070   -4.172  -19.894 1.00 25.92 ? 309 HOH A O   1 
HETATM 1148 O O   . HOH G 5 .   ? 0.366   2.726   4.447   1.00 16.02 ? 310 HOH A O   1 
HETATM 1149 O O   . HOH G 5 .   ? 11.169  4.722   11.183  1.00 31.21 ? 311 HOH A O   1 
HETATM 1150 O O   . HOH G 5 .   ? 8.177   -5.394  -16.094 1.00 32.73 ? 312 HOH A O   1 
HETATM 1151 O O   . HOH G 5 .   ? -1.243  -8.967  1.065   1.00 27.78 ? 313 HOH A O   1 
HETATM 1152 O O   . HOH G 5 .   ? 9.993   1.373   0.471   1.00 28.68 ? 314 HOH A O   1 
HETATM 1153 O O   . HOH G 5 .   ? -11.698 2.889   -0.325  1.00 21.02 ? 315 HOH A O   1 
HETATM 1154 O O   . HOH G 5 .   ? 7.522   -23.730 -6.523  1.00 16.21 ? 316 HOH A O   1 
HETATM 1155 O O   . HOH G 5 .   ? -3.752  14.813  -7.049  1.00 34.40 ? 317 HOH A O   1 
HETATM 1156 O O   . HOH G 5 .   ? -0.932  6.931   -18.270 1.00 32.06 ? 318 HOH A O   1 
HETATM 1157 O O   . HOH G 5 .   ? 6.199   15.789  -1.365  1.00 24.70 ? 319 HOH A O   1 
HETATM 1158 O O   . HOH G 5 .   ? 9.055   1.629   7.585   1.00 20.35 ? 320 HOH A O   1 
HETATM 1159 O O   . HOH G 5 .   ? -11.864 11.042  -10.678 1.00 33.50 ? 321 HOH A O   1 
HETATM 1160 O O   . HOH G 5 .   ? -10.088 14.692  -0.691  1.00 32.25 ? 322 HOH A O   1 
HETATM 1161 O O   . HOH G 5 .   ? 0.614   -13.055 -3.560  1.00 31.37 ? 323 HOH A O   1 
HETATM 1162 O O   . HOH G 5 .   ? -3.887  -9.810  -16.939 1.00 30.52 ? 324 HOH A O   1 
HETATM 1163 O O   . HOH G 5 .   ? 11.145  1.407   14.291  1.00 25.53 ? 325 HOH A O   1 
HETATM 1164 O O   . HOH G 5 .   ? 11.286  4.639   2.622   1.00 22.58 ? 326 HOH A O   1 
HETATM 1165 O O   . HOH G 5 .   ? -4.464  -6.871  1.205   1.00 20.05 ? 327 HOH A O   1 
HETATM 1166 O O   . HOH G 5 .   ? -13.053 3.641   -3.128  1.00 22.29 ? 328 HOH A O   1 
HETATM 1167 O O   . HOH G 5 .   ? 3.360   -2.288  18.875  1.00 25.72 ? 329 HOH A O   1 
HETATM 1168 O O   . HOH G 5 .   ? -1.841  -5.844  13.403  1.00 25.68 ? 330 HOH A O   1 
HETATM 1169 O O   . HOH G 5 .   ? 2.187   11.150  -10.670 1.00 20.54 ? 331 HOH A O   1 
HETATM 1170 O O   . HOH G 5 .   ? 15.527  -21.516 -4.236  1.00 38.40 ? 332 HOH A O   1 
HETATM 1171 O O   . HOH G 5 .   ? 2.421   -14.133 -11.209 1.00 18.30 ? 333 HOH A O   1 
HETATM 1172 O O   . HOH G 5 .   ? -12.848 6.517   -1.115  1.00 19.43 ? 334 HOH A O   1 
HETATM 1173 O O   . HOH G 5 .   ? -5.911  13.035  -6.981  1.00 20.21 ? 335 HOH A O   1 
HETATM 1174 O O   . HOH G 5 .   ? 9.978   -18.933 -2.136  1.00 22.73 ? 336 HOH A O   1 
HETATM 1175 O O   . HOH G 5 .   ? 4.795   -8.600  -11.283 1.00 17.26 ? 337 HOH A O   1 
HETATM 1176 O O   . HOH G 5 .   ? -12.064 2.973   -11.426 1.00 39.39 ? 338 HOH A O   1 
HETATM 1177 O O   . HOH G 5 .   ? -11.346 8.582   7.956   1.00 18.55 ? 339 HOH A O   1 
HETATM 1178 O O   . HOH G 5 .   ? 0.686   -6.789  6.733   1.00 27.97 ? 340 HOH A O   1 
HETATM 1179 O O   . HOH G 5 .   ? 0.864   -16.380 -11.733 1.00 23.94 ? 341 HOH A O   1 
HETATM 1180 O O   . HOH G 5 .   ? -11.170 8.652   -9.358  1.00 21.59 ? 342 HOH A O   1 
HETATM 1181 O O   . HOH G 5 .   ? -10.607 9.801   -3.138  1.00 20.79 ? 343 HOH A O   1 
HETATM 1182 O O   . HOH G 5 .   ? 2.918   -18.123 -11.469 1.00 30.65 ? 344 HOH A O   1 
HETATM 1183 O O   . HOH G 5 .   ? -1.060  0.378   6.842   1.00 13.39 ? 345 HOH A O   1 
HETATM 1184 O O   . HOH G 5 .   ? 7.458   -4.958  3.130   1.00 23.80 ? 346 HOH A O   1 
HETATM 1185 O O   . HOH G 5 .   ? 6.835   -2.175  24.783  1.00 37.67 ? 347 HOH A O   1 
HETATM 1186 O O   . HOH G 5 .   ? -9.867  1.996   -4.391  1.00 29.91 ? 348 HOH A O   1 
HETATM 1187 O O   . HOH G 5 .   ? -4.144  11.471  11.504  1.00 24.57 ? 349 HOH A O   1 
HETATM 1188 O O   . HOH G 5 .   ? 6.756   8.988   -14.693 1.00 22.06 ? 350 HOH A O   1 
HETATM 1189 O O   . HOH G 5 .   ? -7.556  15.007  -1.061  1.00 22.42 ? 351 HOH A O   1 
HETATM 1190 O O   . HOH G 5 .   ? 5.454   6.616   6.662   1.00 12.96 ? 352 HOH A O   1 
HETATM 1191 O O   . HOH G 5 .   ? 2.737   3.919   5.302   1.00 12.13 ? 353 HOH A O   1 
HETATM 1192 O O   . HOH G 5 .   ? -7.143  10.643  14.022  1.00 37.73 ? 354 HOH A O   1 
HETATM 1193 O O   . HOH G 5 .   ? 8.098   2.650   -16.364 1.00 24.23 ? 355 HOH A O   1 
HETATM 1194 O O   . HOH G 5 .   ? 6.587   11.333  -4.767  1.00 27.33 ? 356 HOH A O   1 
HETATM 1195 O O   . HOH G 5 .   ? 3.615   -14.966 -3.478  1.00 19.64 ? 357 HOH A O   1 
HETATM 1196 O O   . HOH G 5 .   ? -3.940  5.035   -17.816 1.00 22.67 ? 358 HOH A O   1 
HETATM 1197 O O   . HOH G 5 .   ? -0.633  1.642   21.389  1.00 33.34 ? 359 HOH A O   1 
HETATM 1198 O O   . HOH G 5 .   ? 9.741   -7.746  3.021   1.00 31.36 ? 360 HOH A O   1 
HETATM 1199 O O   . HOH G 5 .   ? 11.042  3.520   6.997   1.00 22.11 ? 361 HOH A O   1 
HETATM 1200 O O   . HOH G 5 .   ? 2.895   -2.148  5.729   1.00 13.24 ? 362 HOH A O   1 
HETATM 1201 O O   . HOH G 5 .   ? 11.461  7.135   -4.784  1.00 47.28 ? 363 HOH A O   1 
HETATM 1202 O O   . HOH G 5 .   ? 8.420   -3.120  -18.355 1.00 34.55 ? 364 HOH A O   1 
HETATM 1203 O O   . HOH G 5 .   ? 9.448   -0.049  -10.350 1.00 37.31 ? 365 HOH A O   1 
HETATM 1204 O O   . HOH G 5 .   ? 6.996   10.828  16.683  1.00 37.79 ? 366 HOH A O   1 
HETATM 1205 O O   . HOH G 5 .   ? -5.992  -4.098  8.055   1.00 21.14 ? 367 HOH A O   1 
HETATM 1206 O O   . HOH G 5 .   ? 7.121   1.533   -11.603 1.00 21.58 ? 368 HOH A O   1 
HETATM 1207 O O   . HOH G 5 .   ? 0.086   11.793  30.044  1.00 28.75 ? 369 HOH A O   1 
HETATM 1208 O O   . HOH G 5 .   ? -5.498  -14.825 -5.705  1.00 34.71 ? 370 HOH A O   1 
HETATM 1209 O O   . HOH G 5 .   ? 7.247   -15.782 0.502   1.00 36.74 ? 371 HOH A O   1 
HETATM 1210 O O   . HOH G 5 .   ? 6.622   -0.658  10.761  1.00 16.95 ? 372 HOH A O   1 
HETATM 1211 O O   . HOH G 5 .   ? -1.401  -11.141 -20.119 1.00 35.71 ? 373 HOH A O   1 
HETATM 1212 O O   . HOH G 5 .   ? 9.269   8.212   18.885  1.00 29.55 ? 374 HOH A O   1 
HETATM 1213 O O   . HOH G 5 .   ? 2.302   11.109  14.665  1.00 42.68 ? 375 HOH A O   1 
HETATM 1214 O O   . HOH G 5 .   ? -2.222  2.756   5.339   1.00 13.67 ? 376 HOH A O   1 
HETATM 1215 O O   . HOH G 5 .   ? 3.412   -9.988  -9.305  1.00 14.14 ? 377 HOH A O   1 
HETATM 1216 O O   . HOH G 5 .   ? 9.810   -0.335  -2.127  1.00 23.35 ? 378 HOH A O   1 
HETATM 1217 O O   . HOH G 5 .   ? 9.686   -4.043  11.736  1.00 34.86 ? 379 HOH A O   1 
HETATM 1218 O O   . HOH G 5 .   ? 6.543   -3.185  9.570   1.00 17.75 ? 380 HOH A O   1 
HETATM 1219 O O   . HOH G 5 .   ? 3.399   -10.860 4.614   1.00 27.98 ? 381 HOH A O   1 
HETATM 1220 O O   . HOH G 5 .   ? -7.766  -5.756  4.039   1.00 36.91 ? 382 HOH A O   1 
HETATM 1221 O O   . HOH G 5 .   ? 12.355  -7.971  -1.660  1.00 34.44 ? 383 HOH A O   1 
HETATM 1222 O O   . HOH G 5 .   ? 2.606   6.078   -14.990 1.00 17.61 ? 384 HOH A O   1 
HETATM 1223 O O   . HOH G 5 .   ? 2.722   12.136  12.447  1.00 21.75 ? 385 HOH A O   1 
HETATM 1224 O O   . HOH G 5 .   ? -4.376  16.516  10.307  1.00 30.63 ? 386 HOH A O   1 
HETATM 1225 O O   . HOH G 5 .   ? -3.471  -10.759 -13.796 1.00 16.37 ? 387 HOH A O   1 
HETATM 1226 O O   . HOH G 5 .   ? -0.904  -1.120  18.576  1.00 25.92 ? 388 HOH A O   1 
HETATM 1227 O O   . HOH G 5 .   ? -9.866  -3.134  2.131   1.00 27.52 ? 389 HOH A O   1 
HETATM 1228 O O   . HOH G 5 .   ? 7.233   -15.374 -8.907  1.00 38.36 ? 390 HOH A O   1 
HETATM 1229 O O   . HOH G 5 .   ? 3.219   -1.053  9.755   1.00 18.74 ? 391 HOH A O   1 
HETATM 1230 O O   . HOH G 5 .   ? -7.926  -4.120  10.219  1.00 27.02 ? 392 HOH A O   1 
HETATM 1231 O O   . HOH G 5 .   ? 2.001   0.198   6.816   1.00 15.91 ? 393 HOH A O   1 
HETATM 1232 O O   . HOH G 5 .   ? -5.298  20.793  6.037   1.00 42.67 ? 394 HOH A O   1 
HETATM 1233 O O   . HOH G 5 .   ? -12.349 15.219  11.299  1.00 37.36 ? 395 HOH A O   1 
HETATM 1234 O O   . HOH G 5 .   ? 5.203   -17.812 -17.371 1.00 48.45 ? 396 HOH A O   1 
HETATM 1235 O O   . HOH G 5 .   ? -7.580  -10.655 -4.552  1.00 45.68 ? 397 HOH A O   1 
HETATM 1236 O O   . HOH G 5 .   ? 5.808   12.181  -2.149  1.00 19.40 ? 398 HOH A O   1 
HETATM 1237 O O   . HOH G 5 .   ? -2.905  -9.434  -1.578  1.00 35.64 ? 399 HOH A O   1 
HETATM 1238 O O   . HOH G 5 .   ? 9.293   9.660   -4.459  1.00 35.99 ? 400 HOH A O   1 
HETATM 1239 O O   . HOH G 5 .   ? 9.766   -2.079  16.405  1.00 28.99 ? 401 HOH A O   1 
HETATM 1240 O O   . HOH G 5 .   ? -2.946  13.253  9.648   1.00 20.35 ? 402 HOH A O   1 
HETATM 1241 O O   . HOH G 5 .   ? -8.560  -5.026  0.326   1.00 20.12 ? 403 HOH A O   1 
HETATM 1242 O O   . HOH G 5 .   ? 10.637  -10.874 -10.767 1.00 31.83 ? 404 HOH A O   1 
HETATM 1243 O O   . HOH G 5 .   ? -3.976  -16.461 -10.479 1.00 30.25 ? 405 HOH A O   1 
HETATM 1244 O O   . HOH G 5 .   ? 5.284   -14.952 -18.025 1.00 34.58 ? 406 HOH A O   1 
HETATM 1245 O O   . HOH G 5 .   ? 4.543   -6.771  -13.492 1.00 32.65 ? 407 HOH A O   1 
HETATM 1246 O O   . HOH G 5 .   ? 6.046   6.029   25.872  1.00 33.59 ? 408 HOH A O   1 
HETATM 1247 O O   . HOH G 5 .   ? 8.620   1.568   -13.841 1.00 23.23 ? 409 HOH A O   1 
HETATM 1248 O O   . HOH G 5 .   ? 0.161   -9.430  3.265   1.00 46.12 ? 410 HOH A O   1 
HETATM 1249 O O   . HOH G 5 .   ? 10.537  -1.811  13.603  1.00 34.30 ? 411 HOH A O   1 
HETATM 1250 O O   . HOH G 5 .   ? 3.346   13.546  -10.104 1.00 26.56 ? 412 HOH A O   1 
HETATM 1251 O O   . HOH G 5 .   ? 5.201   13.865  12.694  1.00 42.65 ? 413 HOH A O   1 
HETATM 1252 O O   . HOH G 5 .   ? 3.111   -5.865  8.681   1.00 20.12 ? 414 HOH A O   1 
HETATM 1253 O O   . HOH G 5 .   ? -6.632  -10.740 -11.690 1.00 25.79 ? 415 HOH A O   1 
HETATM 1254 O O   . HOH G 5 .   ? -1.670  -17.526 -11.283 1.00 28.05 ? 416 HOH A O   1 
HETATM 1255 O O   . HOH G 5 .   ? -10.073 -5.345  -2.118  1.00 31.60 ? 417 HOH A O   1 
HETATM 1256 O O   . HOH G 5 .   ? 8.614   -2.936  2.285   1.00 48.30 ? 418 HOH A O   1 
HETATM 1257 O O   . HOH G 5 .   ? 1.192   -15.857 -2.126  1.00 41.59 ? 419 HOH A O   1 
HETATM 1258 O O   . HOH G 5 .   ? -10.963 -1.452  -6.688  1.00 34.47 ? 420 HOH A O   1 
HETATM 1259 O O   . HOH G 5 .   ? 13.546  -5.990  0.157   1.00 48.75 ? 421 HOH A O   1 
HETATM 1260 O O   . HOH G 5 .   ? 3.722   -18.223 -0.140  1.00 37.33 ? 422 HOH A O   1 
HETATM 1261 O O   . HOH G 5 .   ? -9.188  13.793  -3.551  1.00 39.23 ? 423 HOH A O   1 
HETATM 1262 O O   . HOH G 5 .   ? 4.276   -9.001  -14.474 1.00 24.12 ? 424 HOH A O   1 
HETATM 1263 O O   . HOH G 5 .   ? -5.870  6.941   -17.100 1.00 44.35 ? 425 HOH A O   1 
HETATM 1264 O O   . HOH G 5 .   ? -11.607 7.918   -4.785  1.00 20.00 ? 426 HOH A O   1 
HETATM 1265 O O   . HOH G 5 .   ? -12.474 7.111   -11.298 1.00 35.82 ? 427 HOH A O   1 
HETATM 1266 O O   . HOH G 5 .   ? -10.979 -3.784  -8.614  1.00 43.57 ? 428 HOH A O   1 
HETATM 1267 O O   . HOH G 5 .   ? 10.382  0.749   17.068  1.00 38.46 ? 429 HOH A O   1 
HETATM 1268 O O   . HOH G 5 .   ? 9.165   -2.646  8.763   1.00 27.12 ? 430 HOH A O   1 
HETATM 1269 O O   . HOH G 5 .   ? 3.165   -19.892 -13.885 1.00 43.70 ? 431 HOH A O   1 
HETATM 1270 O O   . HOH G 5 .   ? 8.976   12.282  -13.928 1.00 30.05 ? 432 HOH A O   1 
HETATM 1271 O O   . HOH G 5 .   ? 8.921   0.685   10.318  1.00 28.69 ? 433 HOH A O   1 
HETATM 1272 O O   . HOH G 5 .   ? 10.608  3.529   -13.225 1.00 33.55 ? 434 HOH A O   1 
HETATM 1273 O O   . HOH G 5 .   ? -0.876  -11.351 -1.485  1.00 37.40 ? 435 HOH A O   1 
HETATM 1274 O O   . HOH G 5 .   ? 5.431   -4.488  25.107  1.00 39.60 ? 436 HOH A O   1 
HETATM 1275 O O   . HOH G 5 .   ? -13.615 6.291   -3.773  1.00 19.22 ? 437 HOH A O   1 
HETATM 1276 O O   . HOH G 5 .   ? 9.783   9.527   -7.257  1.00 35.09 ? 438 HOH A O   1 
HETATM 1277 O O   . HOH G 5 .   ? 1.612   -5.975  -21.180 1.00 32.92 ? 439 HOH A O   1 
HETATM 1278 O O   . HOH G 5 .   ? 9.523   -0.705  1.883   1.00 29.39 ? 440 HOH A O   1 
HETATM 1279 O O   . HOH G 5 .   ? 4.096   -3.310  8.341   1.00 14.99 ? 441 HOH A O   1 
HETATM 1280 O O   . HOH G 5 .   ? 1.425   -7.395  10.582  1.00 33.50 ? 442 HOH A O   1 
HETATM 1281 O O   . HOH G 5 .   ? -2.889  11.773  14.053  1.00 37.37 ? 443 HOH A O   1 
HETATM 1282 O O   . HOH G 5 .   ? -7.364  14.895  -5.449  1.00 29.13 ? 444 HOH A O   1 
HETATM 1283 O O   . HOH G 5 .   ? -12.781 9.124   -7.083  1.00 22.39 ? 445 HOH A O   1 
HETATM 1284 O O   . HOH G 5 .   ? 12.032  2.527   4.573   1.00 33.02 ? 446 HOH A O   1 
HETATM 1285 O O   . HOH G 5 .   ? 7.246   16.640  -4.134  1.00 43.75 ? 447 HOH A O   1 
HETATM 1286 O O   . HOH G 5 .   ? 8.808   -0.973  26.582  1.00 34.12 ? 448 HOH A O   1 
HETATM 1287 O O   . HOH G 5 .   ? -0.745  14.624  10.811  1.00 37.76 ? 449 HOH A O   1 
HETATM 1288 O O   . HOH G 5 .   ? 1.676   -20.494 -11.750 1.00 39.66 ? 450 HOH A O   1 
# 
loop_
_pdbx_poly_seq_scheme.asym_id 
_pdbx_poly_seq_scheme.entity_id 
_pdbx_poly_seq_scheme.seq_id 
_pdbx_poly_seq_scheme.mon_id 
_pdbx_poly_seq_scheme.ndb_seq_num 
_pdbx_poly_seq_scheme.pdb_seq_num 
_pdbx_poly_seq_scheme.auth_seq_num 
_pdbx_poly_seq_scheme.pdb_mon_id 
_pdbx_poly_seq_scheme.auth_mon_id 
_pdbx_poly_seq_scheme.pdb_strand_id 
_pdbx_poly_seq_scheme.pdb_ins_code 
_pdbx_poly_seq_scheme.hetero 
A 1 1   MET 1   28  ?   ?   ?   A . n 
A 1 2   LYS 2   29  ?   ?   ?   A . n 
A 1 3   LYS 3   30  ?   ?   ?   A . n 
A 1 4   GLY 4   31  ?   ?   ?   A . n 
A 1 5   HIS 5   32  ?   ?   ?   A . n 
A 1 6   HIS 6   33  ?   ?   ?   A . n 
A 1 7   HIS 7   34  ?   ?   ?   A . n 
A 1 8   HIS 8   35  ?   ?   ?   A . n 
A 1 9   HIS 9   36  ?   ?   ?   A . n 
A 1 10  HIS 10  37  37  HIS HIS A . n 
A 1 11  LEU 11  38  38  LEU LEU A . n 
A 1 12  VAL 12  39  39  VAL VAL A . n 
A 1 13  PRO 13  40  40  PRO PRO A . n 
A 1 14  ARG 14  41  41  ARG ARG A . n 
A 1 15  GLY 15  42  42  GLY GLY A . n 
A 1 16  SER 16  43  43  SER SER A . n 
A 1 17  ASN 17  44  44  ASN ASN A . n 
A 1 18  PRO 18  45  45  PRO PRO A . n 
A 1 19  PRO 19  46  46  PRO PRO A . n 
A 1 20  PRO 20  47  47  PRO PRO A . n 
A 1 21  PRO 21  48  48  PRO PRO A . n 
A 1 22  GLU 22  49  49  GLU GLU A . n 
A 1 23  THR 23  50  50  THR THR A . n 
A 1 24  SER 24  51  51  SER SER A . n 
A 1 25  ASN 25  52  52  ASN ASN A . n 
A 1 26  PRO 26  53  53  PRO PRO A . n 
A 1 27  ASN 27  54  54  ASN ASN A . n 
A 1 28  LYS 28  55  55  LYS LYS A . n 
A 1 29  PRO 29  56  56  PRO PRO A . n 
A 1 30  LYS 30  57  57  LYS LYS A . n 
A 1 31  ARG 31  58  58  ARG ARG A . n 
A 1 32  GLN 32  59  59  GLN GLN A . n 
A 1 33  THR 33  60  60  THR THR A . n 
A 1 34  ASN 34  61  61  ASN ASN A . n 
A 1 35  GLN 35  62  62  GLN GLN A . n 
A 1 36  LEU 36  63  63  LEU LEU A . n 
A 1 37  GLN 37  64  64  GLN GLN A . n 
A 1 38  TYR 38  65  65  TYR TYR A . n 
A 1 39  LEU 39  66  66  LEU LEU A . n 
A 1 40  LEU 40  67  67  LEU LEU A . n 
A 1 41  ARG 41  68  68  ARG ARG A . n 
A 1 42  VAL 42  69  69  VAL VAL A . n 
A 1 43  VAL 43  70  70  VAL VAL A . n 
A 1 44  LEU 44  71  71  LEU LEU A . n 
A 1 45  LYS 45  72  72  LYS LYS A . n 
A 1 46  THR 46  73  73  THR THR A . n 
A 1 47  LEU 47  74  74  LEU LEU A . n 
A 1 48  TRP 48  75  75  TRP TRP A . n 
A 1 49  LYS 49  76  76  LYS LYS A . n 
A 1 50  HIS 50  77  77  HIS HIS A . n 
A 1 51  GLN 51  78  78  GLN GLN A . n 
A 1 52  PHE 52  79  79  PHE PHE A . n 
A 1 53  ALA 53  80  80  ALA ALA A . n 
A 1 54  TRP 54  81  81  TRP TRP A . n 
A 1 55  PRO 55  82  82  PRO PRO A . n 
A 1 56  PHE 56  83  83  PHE PHE A . n 
A 1 57  GLN 57  84  84  GLN GLN A . n 
A 1 58  GLN 58  85  85  GLN GLN A . n 
A 1 59  PRO 59  86  86  PRO PRO A . n 
A 1 60  VAL 60  87  87  VAL VAL A . n 
A 1 61  ASP 61  88  88  ASP ASP A . n 
A 1 62  ALA 62  89  89  ALA ALA A . n 
A 1 63  VAL 63  90  90  VAL VAL A . n 
A 1 64  LYS 64  91  91  LYS LYS A . n 
A 1 65  LEU 65  92  92  LEU LEU A . n 
A 1 66  ASN 66  93  93  ASN ASN A . n 
A 1 67  LEU 67  94  94  LEU LEU A . n 
A 1 68  PRO 68  95  95  PRO PRO A . n 
A 1 69  ASP 69  96  96  ASP ASP A . n 
A 1 70  TYR 70  97  97  TYR TYR A . n 
A 1 71  TYR 71  98  98  TYR TYR A . n 
A 1 72  LYS 72  99  99  LYS LYS A . n 
A 1 73  ILE 73  100 100 ILE ILE A . n 
A 1 74  ILE 74  101 101 ILE ILE A . n 
A 1 75  LYS 75  102 102 LYS LYS A . n 
A 1 76  THR 76  103 103 THR THR A . n 
A 1 77  PRO 77  104 104 PRO PRO A . n 
A 1 78  MET 78  105 105 MET MET A . n 
A 1 79  ASP 79  106 106 ASP ASP A . n 
A 1 80  MET 80  107 107 MET MET A . n 
A 1 81  GLY 81  108 108 GLY GLY A . n 
A 1 82  THR 82  109 109 THR THR A . n 
A 1 83  ILE 83  110 110 ILE ILE A . n 
A 1 84  LYS 84  111 111 LYS LYS A . n 
A 1 85  LYS 85  112 112 LYS LYS A . n 
A 1 86  ARG 86  113 113 ARG ARG A . n 
A 1 87  LEU 87  114 114 LEU LEU A . n 
A 1 88  GLU 88  115 115 GLU GLU A . n 
A 1 89  ASN 89  116 116 ASN ASN A . n 
A 1 90  ASN 90  117 117 ASN ASN A . n 
A 1 91  TYR 91  118 118 TYR TYR A . n 
A 1 92  TYR 92  119 119 TYR TYR A . n 
A 1 93  TRP 93  120 120 TRP TRP A . n 
A 1 94  ASN 94  121 121 ASN ASN A . n 
A 1 95  ALA 95  122 122 ALA ALA A . n 
A 1 96  GLN 96  123 123 GLN GLN A . n 
A 1 97  GLU 97  124 124 GLU GLU A . n 
A 1 98  CYS 98  125 125 CYS CYS A . n 
A 1 99  ILE 99  126 126 ILE ILE A . n 
A 1 100 GLN 100 127 127 GLN GLN A . n 
A 1 101 ASP 101 128 128 ASP ASP A . n 
A 1 102 PHE 102 129 129 PHE PHE A . n 
A 1 103 ASN 103 130 130 ASN ASN A . n 
A 1 104 THR 104 131 131 THR THR A . n 
A 1 105 MET 105 132 132 MET MET A . n 
A 1 106 PHE 106 133 133 PHE PHE A . n 
A 1 107 THR 107 134 134 THR THR A . n 
A 1 108 ASN 108 135 135 ASN ASN A . n 
A 1 109 CYS 109 136 136 CYS CYS A . n 
A 1 110 TYR 110 137 137 TYR TYR A . n 
A 1 111 ILE 111 138 138 ILE ILE A . n 
A 1 112 TYR 112 139 139 TYR TYR A . n 
A 1 113 ASN 113 140 140 ASN ASN A . n 
A 1 114 LYS 114 141 141 LYS LYS A . n 
A 1 115 PRO 115 142 142 PRO PRO A . n 
A 1 116 GLY 116 143 143 GLY GLY A . n 
A 1 117 ASP 117 144 144 ASP ASP A . n 
A 1 118 ASP 118 145 145 ASP ASP A . n 
A 1 119 ILE 119 146 146 ILE ILE A . n 
A 1 120 VAL 120 147 147 VAL VAL A . n 
A 1 121 LEU 121 148 148 LEU LEU A . n 
A 1 122 MET 122 149 149 MET MET A . n 
A 1 123 ALA 123 150 150 ALA ALA A . n 
A 1 124 GLU 124 151 151 GLU GLU A . n 
A 1 125 ALA 125 152 152 ALA ALA A . n 
A 1 126 LEU 126 153 153 LEU LEU A . n 
A 1 127 GLU 127 154 154 GLU GLU A . n 
A 1 128 LYS 128 155 155 LYS LYS A . n 
A 1 129 LEU 129 156 156 LEU LEU A . n 
A 1 130 PHE 130 157 157 PHE PHE A . n 
A 1 131 LEU 131 158 158 LEU LEU A . n 
A 1 132 GLN 132 159 159 GLN GLN A . n 
A 1 133 LYS 133 160 160 LYS LYS A . n 
A 1 134 ILE 134 161 161 ILE ILE A . n 
A 1 135 ASN 135 162 162 ASN ASN A . n 
A 1 136 GLU 136 163 163 GLU GLU A . n 
A 1 137 LEU 137 164 164 LEU LEU A . n 
A 1 138 PRO 138 165 165 PRO PRO A . n 
A 1 139 THR 139 166 166 THR THR A . n 
A 1 140 GLU 140 167 167 GLU GLU A . n 
A 1 141 GLU 141 168 ?   ?   ?   A . n 
# 
loop_
_pdbx_nonpoly_scheme.asym_id 
_pdbx_nonpoly_scheme.entity_id 
_pdbx_nonpoly_scheme.mon_id 
_pdbx_nonpoly_scheme.ndb_seq_num 
_pdbx_nonpoly_scheme.pdb_seq_num 
_pdbx_nonpoly_scheme.auth_seq_num 
_pdbx_nonpoly_scheme.pdb_mon_id 
_pdbx_nonpoly_scheme.auth_mon_id 
_pdbx_nonpoly_scheme.pdb_strand_id 
_pdbx_nonpoly_scheme.pdb_ins_code 
B 2 GOL 1   201 1   GOL GOL A . 
C 3 E0A 1   202 1   E0A E0A A . 
D 4 EDO 1   203 1   EDO EDO A . 
E 4 EDO 1   204 2   EDO EDO A . 
F 4 EDO 1   205 3   EDO EDO A . 
G 5 HOH 1   301 16  HOH HOH A . 
G 5 HOH 2   302 129 HOH HOH A . 
G 5 HOH 3   303 121 HOH HOH A . 
G 5 HOH 4   304 144 HOH HOH A . 
G 5 HOH 5   305 34  HOH HOH A . 
G 5 HOH 6   306 158 HOH HOH A . 
G 5 HOH 7   307 118 HOH HOH A . 
G 5 HOH 8   308 127 HOH HOH A . 
G 5 HOH 9   309 119 HOH HOH A . 
G 5 HOH 10  310 32  HOH HOH A . 
G 5 HOH 11  311 113 HOH HOH A . 
G 5 HOH 12  312 135 HOH HOH A . 
G 5 HOH 13  313 61  HOH HOH A . 
G 5 HOH 14  314 45  HOH HOH A . 
G 5 HOH 15  315 27  HOH HOH A . 
G 5 HOH 16  316 10  HOH HOH A . 
G 5 HOH 17  317 102 HOH HOH A . 
G 5 HOH 18  318 28  HOH HOH A . 
G 5 HOH 19  319 2   HOH HOH A . 
G 5 HOH 20  320 43  HOH HOH A . 
G 5 HOH 21  321 75  HOH HOH A . 
G 5 HOH 22  322 101 HOH HOH A . 
G 5 HOH 23  323 93  HOH HOH A . 
G 5 HOH 24  324 92  HOH HOH A . 
G 5 HOH 25  325 47  HOH HOH A . 
G 5 HOH 26  326 9   HOH HOH A . 
G 5 HOH 27  327 60  HOH HOH A . 
G 5 HOH 28  328 23  HOH HOH A . 
G 5 HOH 29  329 3   HOH HOH A . 
G 5 HOH 30  330 48  HOH HOH A . 
G 5 HOH 31  331 19  HOH HOH A . 
G 5 HOH 32  332 128 HOH HOH A . 
G 5 HOH 33  333 58  HOH HOH A . 
G 5 HOH 34  334 21  HOH HOH A . 
G 5 HOH 35  335 72  HOH HOH A . 
G 5 HOH 36  336 8   HOH HOH A . 
G 5 HOH 37  337 53  HOH HOH A . 
G 5 HOH 38  338 153 HOH HOH A . 
G 5 HOH 39  339 15  HOH HOH A . 
G 5 HOH 40  340 115 HOH HOH A . 
G 5 HOH 41  341 84  HOH HOH A . 
G 5 HOH 42  342 73  HOH HOH A . 
G 5 HOH 43  343 25  HOH HOH A . 
G 5 HOH 44  344 83  HOH HOH A . 
G 5 HOH 45  345 35  HOH HOH A . 
G 5 HOH 46  346 107 HOH HOH A . 
G 5 HOH 47  347 78  HOH HOH A . 
G 5 HOH 48  348 96  HOH HOH A . 
G 5 HOH 49  349 67  HOH HOH A . 
G 5 HOH 50  350 26  HOH HOH A . 
G 5 HOH 51  351 71  HOH HOH A . 
G 5 HOH 52  352 30  HOH HOH A . 
G 5 HOH 53  353 31  HOH HOH A . 
G 5 HOH 54  354 151 HOH HOH A . 
G 5 HOH 55  355 14  HOH HOH A . 
G 5 HOH 56  356 103 HOH HOH A . 
G 5 HOH 57  357 7   HOH HOH A . 
G 5 HOH 58  358 64  HOH HOH A . 
G 5 HOH 59  359 125 HOH HOH A . 
G 5 HOH 60  360 108 HOH HOH A . 
G 5 HOH 61  361 44  HOH HOH A . 
G 5 HOH 62  362 37  HOH HOH A . 
G 5 HOH 63  363 137 HOH HOH A . 
G 5 HOH 64  364 159 HOH HOH A . 
G 5 HOH 65  365 136 HOH HOH A . 
G 5 HOH 66  366 81  HOH HOH A . 
G 5 HOH 67  367 51  HOH HOH A . 
G 5 HOH 68  368 88  HOH HOH A . 
G 5 HOH 69  369 11  HOH HOH A . 
G 5 HOH 70  370 149 HOH HOH A . 
G 5 HOH 71  371 6   HOH HOH A . 
G 5 HOH 72  372 41  HOH HOH A . 
G 5 HOH 73  373 13  HOH HOH A . 
G 5 HOH 74  374 80  HOH HOH A . 
G 5 HOH 75  375 142 HOH HOH A . 
G 5 HOH 76  376 33  HOH HOH A . 
G 5 HOH 77  377 54  HOH HOH A . 
G 5 HOH 78  378 52  HOH HOH A . 
G 5 HOH 79  379 110 HOH HOH A . 
G 5 HOH 80  380 40  HOH HOH A . 
G 5 HOH 81  381 5   HOH HOH A . 
G 5 HOH 82  382 146 HOH HOH A . 
G 5 HOH 83  383 126 HOH HOH A . 
G 5 HOH 84  384 22  HOH HOH A . 
G 5 HOH 85  385 77  HOH HOH A . 
G 5 HOH 86  386 70  HOH HOH A . 
G 5 HOH 87  387 12  HOH HOH A . 
G 5 HOH 88  388 49  HOH HOH A . 
G 5 HOH 89  389 63  HOH HOH A . 
G 5 HOH 90  390 155 HOH HOH A . 
G 5 HOH 91  391 39  HOH HOH A . 
G 5 HOH 92  392 50  HOH HOH A . 
G 5 HOH 93  393 36  HOH HOH A . 
G 5 HOH 94  394 145 HOH HOH A . 
G 5 HOH 95  395 152 HOH HOH A . 
G 5 HOH 96  396 134 HOH HOH A . 
G 5 HOH 97  397 150 HOH HOH A . 
G 5 HOH 98  398 29  HOH HOH A . 
G 5 HOH 99  399 59  HOH HOH A . 
G 5 HOH 100 400 104 HOH HOH A . 
G 5 HOH 101 401 1   HOH HOH A . 
G 5 HOH 102 402 68  HOH HOH A . 
G 5 HOH 103 403 62  HOH HOH A . 
G 5 HOH 104 404 130 HOH HOH A . 
G 5 HOH 105 405 86  HOH HOH A . 
G 5 HOH 106 406 133 HOH HOH A . 
G 5 HOH 107 407 56  HOH HOH A . 
G 5 HOH 108 408 123 HOH HOH A . 
G 5 HOH 109 409 18  HOH HOH A . 
G 5 HOH 110 410 114 HOH HOH A . 
G 5 HOH 111 411 111 HOH HOH A . 
G 5 HOH 112 412 97  HOH HOH A . 
G 5 HOH 113 413 132 HOH HOH A . 
G 5 HOH 114 414 4   HOH HOH A . 
G 5 HOH 115 415 89  HOH HOH A . 
G 5 HOH 116 416 85  HOH HOH A . 
G 5 HOH 117 417 95  HOH HOH A . 
G 5 HOH 118 418 140 HOH HOH A . 
G 5 HOH 119 419 141 HOH HOH A . 
G 5 HOH 120 420 116 HOH HOH A . 
G 5 HOH 121 421 148 HOH HOH A . 
G 5 HOH 122 422 157 HOH HOH A . 
G 5 HOH 123 423 99  HOH HOH A . 
G 5 HOH 124 424 55  HOH HOH A . 
G 5 HOH 125 425 65  HOH HOH A . 
G 5 HOH 126 426 24  HOH HOH A . 
G 5 HOH 127 427 76  HOH HOH A . 
G 5 HOH 128 428 117 HOH HOH A . 
G 5 HOH 129 429 112 HOH HOH A . 
G 5 HOH 130 430 109 HOH HOH A . 
G 5 HOH 131 431 131 HOH HOH A . 
G 5 HOH 132 432 100 HOH HOH A . 
G 5 HOH 133 433 42  HOH HOH A . 
G 5 HOH 134 434 17  HOH HOH A . 
G 5 HOH 135 435 94  HOH HOH A . 
G 5 HOH 136 436 79  HOH HOH A . 
G 5 HOH 137 437 20  HOH HOH A . 
G 5 HOH 138 438 105 HOH HOH A . 
G 5 HOH 139 439 120 HOH HOH A . 
G 5 HOH 140 440 46  HOH HOH A . 
G 5 HOH 141 441 38  HOH HOH A . 
G 5 HOH 142 442 147 HOH HOH A . 
G 5 HOH 143 443 87  HOH HOH A . 
G 5 HOH 144 444 98  HOH HOH A . 
G 5 HOH 145 445 74  HOH HOH A . 
G 5 HOH 146 446 156 HOH HOH A . 
G 5 HOH 147 447 154 HOH HOH A . 
G 5 HOH 148 448 124 HOH HOH A . 
G 5 HOH 149 449 69  HOH HOH A . 
G 5 HOH 150 450 82  HOH HOH A . 
# 
_pdbx_struct_assembly.id                   1 
_pdbx_struct_assembly.details              author_and_software_defined_assembly 
_pdbx_struct_assembly.method_details       PISA 
_pdbx_struct_assembly.oligomeric_details   monomeric 
_pdbx_struct_assembly.oligomeric_count     1 
# 
_pdbx_struct_assembly_gen.assembly_id       1 
_pdbx_struct_assembly_gen.oper_expression   1 
_pdbx_struct_assembly_gen.asym_id_list      A,B,C,D,E,F,G 
# 
loop_
_pdbx_struct_assembly_prop.biol_id 
_pdbx_struct_assembly_prop.type 
_pdbx_struct_assembly_prop.value 
_pdbx_struct_assembly_prop.details 
1 'ABSA (A^2)' 200  ? 
1 MORE         -1   ? 
1 'SSA (A^2)'  8190 ? 
# 
_pdbx_struct_oper_list.id                   1 
_pdbx_struct_oper_list.type                 'identity operation' 
_pdbx_struct_oper_list.name                 1_555 
_pdbx_struct_oper_list.symmetry_operation   x,y,z 
_pdbx_struct_oper_list.matrix[1][1]         1.0000000000 
_pdbx_struct_oper_list.matrix[1][2]         0.0000000000 
_pdbx_struct_oper_list.matrix[1][3]         0.0000000000 
_pdbx_struct_oper_list.vector[1]            0.0000000000 
_pdbx_struct_oper_list.matrix[2][1]         0.0000000000 
_pdbx_struct_oper_list.matrix[2][2]         1.0000000000 
_pdbx_struct_oper_list.matrix[2][3]         0.0000000000 
_pdbx_struct_oper_list.vector[2]            0.0000000000 
_pdbx_struct_oper_list.matrix[3][1]         0.0000000000 
_pdbx_struct_oper_list.matrix[3][2]         0.0000000000 
_pdbx_struct_oper_list.matrix[3][3]         1.0000000000 
_pdbx_struct_oper_list.vector[3]            0.0000000000 
# 
loop_
_pdbx_audit_revision_history.ordinal 
_pdbx_audit_revision_history.data_content_type 
_pdbx_audit_revision_history.major_revision 
_pdbx_audit_revision_history.minor_revision 
_pdbx_audit_revision_history.revision_date 
1 'Structure model' 1 0 2016-01-13 
2 'Structure model' 1 1 2016-01-27 
3 'Structure model' 1 2 2016-03-09 
4 'Structure model' 1 3 2023-11-08 
# 
_pdbx_audit_revision_details.ordinal             1 
_pdbx_audit_revision_details.revision_ordinal    1 
_pdbx_audit_revision_details.data_content_type   'Structure model' 
_pdbx_audit_revision_details.provider            repository 
_pdbx_audit_revision_details.type                'Initial release' 
_pdbx_audit_revision_details.description         ? 
_pdbx_audit_revision_details.details             ? 
# 
loop_
_pdbx_audit_revision_group.ordinal 
_pdbx_audit_revision_group.revision_ordinal 
_pdbx_audit_revision_group.data_content_type 
_pdbx_audit_revision_group.group 
1 2 'Structure model' 'Data collection'        
2 2 'Structure model' 'Database references'    
3 3 'Structure model' 'Database references'    
4 4 'Structure model' 'Data collection'        
5 4 'Structure model' 'Database references'    
6 4 'Structure model' 'Derived calculations'   
7 4 'Structure model' 'Refinement description' 
# 
loop_
_pdbx_audit_revision_category.ordinal 
_pdbx_audit_revision_category.revision_ordinal 
_pdbx_audit_revision_category.data_content_type 
_pdbx_audit_revision_category.category 
1 4 'Structure model' chem_comp_atom                
2 4 'Structure model' chem_comp_bond                
3 4 'Structure model' citation                      
4 4 'Structure model' database_2                    
5 4 'Structure model' diffrn_radiation_wavelength   
6 4 'Structure model' pdbx_initial_refinement_model 
7 4 'Structure model' pdbx_struct_oper_list         
# 
loop_
_pdbx_audit_revision_item.ordinal 
_pdbx_audit_revision_item.revision_ordinal 
_pdbx_audit_revision_item.data_content_type 
_pdbx_audit_revision_item.item 
1 4 'Structure model' '_citation.journal_id_CSD'                  
2 4 'Structure model' '_database_2.pdbx_DOI'                      
3 4 'Structure model' '_database_2.pdbx_database_accession'       
4 4 'Structure model' '_pdbx_struct_oper_list.symmetry_operation' 
# 
loop_
_software.citation_id 
_software.classification 
_software.compiler_name 
_software.compiler_version 
_software.contact_author 
_software.contact_author_email 
_software.date 
_software.description 
_software.dependencies 
_software.hardware 
_software.language 
_software.location 
_software.mods 
_software.name 
_software.os 
_software.os_version 
_software.type 
_software.version 
_software.pdbx_ordinal 
? refinement        ? ? ? ? ? ? ? ? ? ? ? REFMAC      ? ? ? 5.8.0131 1 
? 'data scaling'    ? ? ? ? ? ? ? ? ? ? ? Aimless     ? ? ? 0.5.9    2 
? 'data extraction' ? ? ? ? ? ? ? ? ? ? ? PDB_EXTRACT ? ? ? 3.15     3 
? 'data reduction'  ? ? ? ? ? ? ? ? ? ? ? MOSFLM      ? ? ? .        4 
? phasing           ? ? ? ? ? ? ? ? ? ? ? MOLREP      ? ? ? .        5 
# 
loop_
_pdbx_unobs_or_zero_occ_residues.id 
_pdbx_unobs_or_zero_occ_residues.PDB_model_num 
_pdbx_unobs_or_zero_occ_residues.polymer_flag 
_pdbx_unobs_or_zero_occ_residues.occupancy_flag 
_pdbx_unobs_or_zero_occ_residues.auth_asym_id 
_pdbx_unobs_or_zero_occ_residues.auth_comp_id 
_pdbx_unobs_or_zero_occ_residues.auth_seq_id 
_pdbx_unobs_or_zero_occ_residues.PDB_ins_code 
_pdbx_unobs_or_zero_occ_residues.label_asym_id 
_pdbx_unobs_or_zero_occ_residues.label_comp_id 
_pdbx_unobs_or_zero_occ_residues.label_seq_id 
1  1 Y 1 A MET 28  ? A MET 1   
2  1 Y 1 A LYS 29  ? A LYS 2   
3  1 Y 1 A LYS 30  ? A LYS 3   
4  1 Y 1 A GLY 31  ? A GLY 4   
5  1 Y 1 A HIS 32  ? A HIS 5   
6  1 Y 1 A HIS 33  ? A HIS 6   
7  1 Y 1 A HIS 34  ? A HIS 7   
8  1 Y 1 A HIS 35  ? A HIS 8   
9  1 Y 1 A HIS 36  ? A HIS 9   
10 1 Y 1 A GLU 168 ? A GLU 141 
# 
loop_
_chem_comp_atom.comp_id 
_chem_comp_atom.atom_id 
_chem_comp_atom.type_symbol 
_chem_comp_atom.pdbx_aromatic_flag 
_chem_comp_atom.pdbx_stereo_config 
_chem_comp_atom.pdbx_ordinal 
ALA N    N N N 1   
ALA CA   C N S 2   
ALA C    C N N 3   
ALA O    O N N 4   
ALA CB   C N N 5   
ALA OXT  O N N 6   
ALA H    H N N 7   
ALA H2   H N N 8   
ALA HA   H N N 9   
ALA HB1  H N N 10  
ALA HB2  H N N 11  
ALA HB3  H N N 12  
ALA HXT  H N N 13  
ARG N    N N N 14  
ARG CA   C N S 15  
ARG C    C N N 16  
ARG O    O N N 17  
ARG CB   C N N 18  
ARG CG   C N N 19  
ARG CD   C N N 20  
ARG NE   N N N 21  
ARG CZ   C N N 22  
ARG NH1  N N N 23  
ARG NH2  N N N 24  
ARG OXT  O N N 25  
ARG H    H N N 26  
ARG H2   H N N 27  
ARG HA   H N N 28  
ARG HB2  H N N 29  
ARG HB3  H N N 30  
ARG HG2  H N N 31  
ARG HG3  H N N 32  
ARG HD2  H N N 33  
ARG HD3  H N N 34  
ARG HE   H N N 35  
ARG HH11 H N N 36  
ARG HH12 H N N 37  
ARG HH21 H N N 38  
ARG HH22 H N N 39  
ARG HXT  H N N 40  
ASN N    N N N 41  
ASN CA   C N S 42  
ASN C    C N N 43  
ASN O    O N N 44  
ASN CB   C N N 45  
ASN CG   C N N 46  
ASN OD1  O N N 47  
ASN ND2  N N N 48  
ASN OXT  O N N 49  
ASN H    H N N 50  
ASN H2   H N N 51  
ASN HA   H N N 52  
ASN HB2  H N N 53  
ASN HB3  H N N 54  
ASN HD21 H N N 55  
ASN HD22 H N N 56  
ASN HXT  H N N 57  
ASP N    N N N 58  
ASP CA   C N S 59  
ASP C    C N N 60  
ASP O    O N N 61  
ASP CB   C N N 62  
ASP CG   C N N 63  
ASP OD1  O N N 64  
ASP OD2  O N N 65  
ASP OXT  O N N 66  
ASP H    H N N 67  
ASP H2   H N N 68  
ASP HA   H N N 69  
ASP HB2  H N N 70  
ASP HB3  H N N 71  
ASP HD2  H N N 72  
ASP HXT  H N N 73  
CYS N    N N N 74  
CYS CA   C N R 75  
CYS C    C N N 76  
CYS O    O N N 77  
CYS CB   C N N 78  
CYS SG   S N N 79  
CYS OXT  O N N 80  
CYS H    H N N 81  
CYS H2   H N N 82  
CYS HA   H N N 83  
CYS HB2  H N N 84  
CYS HB3  H N N 85  
CYS HG   H N N 86  
CYS HXT  H N N 87  
E0A CAW  C N N 88  
E0A CAV  C N N 89  
E0A CAS  C N N 90  
E0A CAR  C N N 91  
E0A SAQ  S N N 92  
E0A OAT  O N N 93  
E0A OAU  O N N 94  
E0A NAP  N N N 95  
E0A CAC  C Y N 96  
E0A CAB  C Y N 97  
E0A CAA  C Y N 98  
E0A CAF  C Y N 99  
E0A CAE  C Y N 100 
E0A CAD  C Y N 101 
E0A CAG  C Y N 102 
E0A CAH  C Y N 103 
E0A CAI  C Y N 104 
E0A CAJ  C Y N 105 
E0A CAL  C N N 106 
E0A OAM  O N N 107 
E0A NAK  N N N 108 
E0A CAN  C N N 109 
E0A CAO  C N N 110 
E0A H1   H N N 111 
E0A H2   H N N 112 
E0A H3   H N N 113 
E0A H4   H N N 114 
E0A H5   H N N 115 
E0A H6   H N N 116 
E0A H7   H N N 117 
E0A H8   H N N 118 
E0A H9   H N N 119 
E0A H10  H N N 120 
E0A H11  H N N 121 
E0A H12  H N N 122 
E0A H13  H N N 123 
E0A H14  H N N 124 
E0A H15  H N N 125 
E0A H16  H N N 126 
E0A H17  H N N 127 
E0A H18  H N N 128 
E0A H19  H N N 129 
E0A H20  H N N 130 
EDO C1   C N N 131 
EDO O1   O N N 132 
EDO C2   C N N 133 
EDO O2   O N N 134 
EDO H11  H N N 135 
EDO H12  H N N 136 
EDO HO1  H N N 137 
EDO H21  H N N 138 
EDO H22  H N N 139 
EDO HO2  H N N 140 
GLN N    N N N 141 
GLN CA   C N S 142 
GLN C    C N N 143 
GLN O    O N N 144 
GLN CB   C N N 145 
GLN CG   C N N 146 
GLN CD   C N N 147 
GLN OE1  O N N 148 
GLN NE2  N N N 149 
GLN OXT  O N N 150 
GLN H    H N N 151 
GLN H2   H N N 152 
GLN HA   H N N 153 
GLN HB2  H N N 154 
GLN HB3  H N N 155 
GLN HG2  H N N 156 
GLN HG3  H N N 157 
GLN HE21 H N N 158 
GLN HE22 H N N 159 
GLN HXT  H N N 160 
GLU N    N N N 161 
GLU CA   C N S 162 
GLU C    C N N 163 
GLU O    O N N 164 
GLU CB   C N N 165 
GLU CG   C N N 166 
GLU CD   C N N 167 
GLU OE1  O N N 168 
GLU OE2  O N N 169 
GLU OXT  O N N 170 
GLU H    H N N 171 
GLU H2   H N N 172 
GLU HA   H N N 173 
GLU HB2  H N N 174 
GLU HB3  H N N 175 
GLU HG2  H N N 176 
GLU HG3  H N N 177 
GLU HE2  H N N 178 
GLU HXT  H N N 179 
GLY N    N N N 180 
GLY CA   C N N 181 
GLY C    C N N 182 
GLY O    O N N 183 
GLY OXT  O N N 184 
GLY H    H N N 185 
GLY H2   H N N 186 
GLY HA2  H N N 187 
GLY HA3  H N N 188 
GLY HXT  H N N 189 
GOL C1   C N N 190 
GOL O1   O N N 191 
GOL C2   C N N 192 
GOL O2   O N N 193 
GOL C3   C N N 194 
GOL O3   O N N 195 
GOL H11  H N N 196 
GOL H12  H N N 197 
GOL HO1  H N N 198 
GOL H2   H N N 199 
GOL HO2  H N N 200 
GOL H31  H N N 201 
GOL H32  H N N 202 
GOL HO3  H N N 203 
HIS N    N N N 204 
HIS CA   C N S 205 
HIS C    C N N 206 
HIS O    O N N 207 
HIS CB   C N N 208 
HIS CG   C Y N 209 
HIS ND1  N Y N 210 
HIS CD2  C Y N 211 
HIS CE1  C Y N 212 
HIS NE2  N Y N 213 
HIS OXT  O N N 214 
HIS H    H N N 215 
HIS H2   H N N 216 
HIS HA   H N N 217 
HIS HB2  H N N 218 
HIS HB3  H N N 219 
HIS HD1  H N N 220 
HIS HD2  H N N 221 
HIS HE1  H N N 222 
HIS HE2  H N N 223 
HIS HXT  H N N 224 
HOH O    O N N 225 
HOH H1   H N N 226 
HOH H2   H N N 227 
ILE N    N N N 228 
ILE CA   C N S 229 
ILE C    C N N 230 
ILE O    O N N 231 
ILE CB   C N S 232 
ILE CG1  C N N 233 
ILE CG2  C N N 234 
ILE CD1  C N N 235 
ILE OXT  O N N 236 
ILE H    H N N 237 
ILE H2   H N N 238 
ILE HA   H N N 239 
ILE HB   H N N 240 
ILE HG12 H N N 241 
ILE HG13 H N N 242 
ILE HG21 H N N 243 
ILE HG22 H N N 244 
ILE HG23 H N N 245 
ILE HD11 H N N 246 
ILE HD12 H N N 247 
ILE HD13 H N N 248 
ILE HXT  H N N 249 
LEU N    N N N 250 
LEU CA   C N S 251 
LEU C    C N N 252 
LEU O    O N N 253 
LEU CB   C N N 254 
LEU CG   C N N 255 
LEU CD1  C N N 256 
LEU CD2  C N N 257 
LEU OXT  O N N 258 
LEU H    H N N 259 
LEU H2   H N N 260 
LEU HA   H N N 261 
LEU HB2  H N N 262 
LEU HB3  H N N 263 
LEU HG   H N N 264 
LEU HD11 H N N 265 
LEU HD12 H N N 266 
LEU HD13 H N N 267 
LEU HD21 H N N 268 
LEU HD22 H N N 269 
LEU HD23 H N N 270 
LEU HXT  H N N 271 
LYS N    N N N 272 
LYS CA   C N S 273 
LYS C    C N N 274 
LYS O    O N N 275 
LYS CB   C N N 276 
LYS CG   C N N 277 
LYS CD   C N N 278 
LYS CE   C N N 279 
LYS NZ   N N N 280 
LYS OXT  O N N 281 
LYS H    H N N 282 
LYS H2   H N N 283 
LYS HA   H N N 284 
LYS HB2  H N N 285 
LYS HB3  H N N 286 
LYS HG2  H N N 287 
LYS HG3  H N N 288 
LYS HD2  H N N 289 
LYS HD3  H N N 290 
LYS HE2  H N N 291 
LYS HE3  H N N 292 
LYS HZ1  H N N 293 
LYS HZ2  H N N 294 
LYS HZ3  H N N 295 
LYS HXT  H N N 296 
MET N    N N N 297 
MET CA   C N S 298 
MET C    C N N 299 
MET O    O N N 300 
MET CB   C N N 301 
MET CG   C N N 302 
MET SD   S N N 303 
MET CE   C N N 304 
MET OXT  O N N 305 
MET H    H N N 306 
MET H2   H N N 307 
MET HA   H N N 308 
MET HB2  H N N 309 
MET HB3  H N N 310 
MET HG2  H N N 311 
MET HG3  H N N 312 
MET HE1  H N N 313 
MET HE2  H N N 314 
MET HE3  H N N 315 
MET HXT  H N N 316 
PHE N    N N N 317 
PHE CA   C N S 318 
PHE C    C N N 319 
PHE O    O N N 320 
PHE CB   C N N 321 
PHE CG   C Y N 322 
PHE CD1  C Y N 323 
PHE CD2  C Y N 324 
PHE CE1  C Y N 325 
PHE CE2  C Y N 326 
PHE CZ   C Y N 327 
PHE OXT  O N N 328 
PHE H    H N N 329 
PHE H2   H N N 330 
PHE HA   H N N 331 
PHE HB2  H N N 332 
PHE HB3  H N N 333 
PHE HD1  H N N 334 
PHE HD2  H N N 335 
PHE HE1  H N N 336 
PHE HE2  H N N 337 
PHE HZ   H N N 338 
PHE HXT  H N N 339 
PRO N    N N N 340 
PRO CA   C N S 341 
PRO C    C N N 342 
PRO O    O N N 343 
PRO CB   C N N 344 
PRO CG   C N N 345 
PRO CD   C N N 346 
PRO OXT  O N N 347 
PRO H    H N N 348 
PRO HA   H N N 349 
PRO HB2  H N N 350 
PRO HB3  H N N 351 
PRO HG2  H N N 352 
PRO HG3  H N N 353 
PRO HD2  H N N 354 
PRO HD3  H N N 355 
PRO HXT  H N N 356 
SER N    N N N 357 
SER CA   C N S 358 
SER C    C N N 359 
SER O    O N N 360 
SER CB   C N N 361 
SER OG   O N N 362 
SER OXT  O N N 363 
SER H    H N N 364 
SER H2   H N N 365 
SER HA   H N N 366 
SER HB2  H N N 367 
SER HB3  H N N 368 
SER HG   H N N 369 
SER HXT  H N N 370 
THR N    N N N 371 
THR CA   C N S 372 
THR C    C N N 373 
THR O    O N N 374 
THR CB   C N R 375 
THR OG1  O N N 376 
THR CG2  C N N 377 
THR OXT  O N N 378 
THR H    H N N 379 
THR H2   H N N 380 
THR HA   H N N 381 
THR HB   H N N 382 
THR HG1  H N N 383 
THR HG21 H N N 384 
THR HG22 H N N 385 
THR HG23 H N N 386 
THR HXT  H N N 387 
TRP N    N N N 388 
TRP CA   C N S 389 
TRP C    C N N 390 
TRP O    O N N 391 
TRP CB   C N N 392 
TRP CG   C Y N 393 
TRP CD1  C Y N 394 
TRP CD2  C Y N 395 
TRP NE1  N Y N 396 
TRP CE2  C Y N 397 
TRP CE3  C Y N 398 
TRP CZ2  C Y N 399 
TRP CZ3  C Y N 400 
TRP CH2  C Y N 401 
TRP OXT  O N N 402 
TRP H    H N N 403 
TRP H2   H N N 404 
TRP HA   H N N 405 
TRP HB2  H N N 406 
TRP HB3  H N N 407 
TRP HD1  H N N 408 
TRP HE1  H N N 409 
TRP HE3  H N N 410 
TRP HZ2  H N N 411 
TRP HZ3  H N N 412 
TRP HH2  H N N 413 
TRP HXT  H N N 414 
TYR N    N N N 415 
TYR CA   C N S 416 
TYR C    C N N 417 
TYR O    O N N 418 
TYR CB   C N N 419 
TYR CG   C Y N 420 
TYR CD1  C Y N 421 
TYR CD2  C Y N 422 
TYR CE1  C Y N 423 
TYR CE2  C Y N 424 
TYR CZ   C Y N 425 
TYR OH   O N N 426 
TYR OXT  O N N 427 
TYR H    H N N 428 
TYR H2   H N N 429 
TYR HA   H N N 430 
TYR HB2  H N N 431 
TYR HB3  H N N 432 
TYR HD1  H N N 433 
TYR HD2  H N N 434 
TYR HE1  H N N 435 
TYR HE2  H N N 436 
TYR HH   H N N 437 
TYR HXT  H N N 438 
VAL N    N N N 439 
VAL CA   C N S 440 
VAL C    C N N 441 
VAL O    O N N 442 
VAL CB   C N N 443 
VAL CG1  C N N 444 
VAL CG2  C N N 445 
VAL OXT  O N N 446 
VAL H    H N N 447 
VAL H2   H N N 448 
VAL HA   H N N 449 
VAL HB   H N N 450 
VAL HG11 H N N 451 
VAL HG12 H N N 452 
VAL HG13 H N N 453 
VAL HG21 H N N 454 
VAL HG22 H N N 455 
VAL HG23 H N N 456 
VAL HXT  H N N 457 
# 
loop_
_chem_comp_bond.comp_id 
_chem_comp_bond.atom_id_1 
_chem_comp_bond.atom_id_2 
_chem_comp_bond.value_order 
_chem_comp_bond.pdbx_aromatic_flag 
_chem_comp_bond.pdbx_stereo_config 
_chem_comp_bond.pdbx_ordinal 
ALA N   CA   sing N N 1   
ALA N   H    sing N N 2   
ALA N   H2   sing N N 3   
ALA CA  C    sing N N 4   
ALA CA  CB   sing N N 5   
ALA CA  HA   sing N N 6   
ALA C   O    doub N N 7   
ALA C   OXT  sing N N 8   
ALA CB  HB1  sing N N 9   
ALA CB  HB2  sing N N 10  
ALA CB  HB3  sing N N 11  
ALA OXT HXT  sing N N 12  
ARG N   CA   sing N N 13  
ARG N   H    sing N N 14  
ARG N   H2   sing N N 15  
ARG CA  C    sing N N 16  
ARG CA  CB   sing N N 17  
ARG CA  HA   sing N N 18  
ARG C   O    doub N N 19  
ARG C   OXT  sing N N 20  
ARG CB  CG   sing N N 21  
ARG CB  HB2  sing N N 22  
ARG CB  HB3  sing N N 23  
ARG CG  CD   sing N N 24  
ARG CG  HG2  sing N N 25  
ARG CG  HG3  sing N N 26  
ARG CD  NE   sing N N 27  
ARG CD  HD2  sing N N 28  
ARG CD  HD3  sing N N 29  
ARG NE  CZ   sing N N 30  
ARG NE  HE   sing N N 31  
ARG CZ  NH1  sing N N 32  
ARG CZ  NH2  doub N N 33  
ARG NH1 HH11 sing N N 34  
ARG NH1 HH12 sing N N 35  
ARG NH2 HH21 sing N N 36  
ARG NH2 HH22 sing N N 37  
ARG OXT HXT  sing N N 38  
ASN N   CA   sing N N 39  
ASN N   H    sing N N 40  
ASN N   H2   sing N N 41  
ASN CA  C    sing N N 42  
ASN CA  CB   sing N N 43  
ASN CA  HA   sing N N 44  
ASN C   O    doub N N 45  
ASN C   OXT  sing N N 46  
ASN CB  CG   sing N N 47  
ASN CB  HB2  sing N N 48  
ASN CB  HB3  sing N N 49  
ASN CG  OD1  doub N N 50  
ASN CG  ND2  sing N N 51  
ASN ND2 HD21 sing N N 52  
ASN ND2 HD22 sing N N 53  
ASN OXT HXT  sing N N 54  
ASP N   CA   sing N N 55  
ASP N   H    sing N N 56  
ASP N   H2   sing N N 57  
ASP CA  C    sing N N 58  
ASP CA  CB   sing N N 59  
ASP CA  HA   sing N N 60  
ASP C   O    doub N N 61  
ASP C   OXT  sing N N 62  
ASP CB  CG   sing N N 63  
ASP CB  HB2  sing N N 64  
ASP CB  HB3  sing N N 65  
ASP CG  OD1  doub N N 66  
ASP CG  OD2  sing N N 67  
ASP OD2 HD2  sing N N 68  
ASP OXT HXT  sing N N 69  
CYS N   CA   sing N N 70  
CYS N   H    sing N N 71  
CYS N   H2   sing N N 72  
CYS CA  C    sing N N 73  
CYS CA  CB   sing N N 74  
CYS CA  HA   sing N N 75  
CYS C   O    doub N N 76  
CYS C   OXT  sing N N 77  
CYS CB  SG   sing N N 78  
CYS CB  HB2  sing N N 79  
CYS CB  HB3  sing N N 80  
CYS SG  HG   sing N N 81  
CYS OXT HXT  sing N N 82  
E0A OAU SAQ  doub N N 83  
E0A OAT SAQ  doub N N 84  
E0A CAV CAS  sing N N 85  
E0A CAV CAW  sing N N 86  
E0A CAR SAQ  sing N N 87  
E0A CAR CAS  sing N N 88  
E0A SAQ NAP  sing N N 89  
E0A NAP CAC  sing N N 90  
E0A CAB CAC  doub Y N 91  
E0A CAB CAA  sing Y N 92  
E0A CAC CAD  sing Y N 93  
E0A CAA CAF  doub Y N 94  
E0A CAD CAG  doub Y N 95  
E0A CAD CAE  sing Y N 96  
E0A CAG CAH  sing Y N 97  
E0A CAF CAE  sing Y N 98  
E0A CAF NAK  sing N N 99  
E0A CAE CAJ  doub Y N 100 
E0A CAH CAI  doub Y N 101 
E0A CAO CAN  sing N N 102 
E0A NAK CAN  sing N N 103 
E0A NAK CAL  sing N N 104 
E0A CAJ CAI  sing Y N 105 
E0A CAJ CAL  sing N N 106 
E0A CAL OAM  doub N N 107 
E0A CAW H1   sing N N 108 
E0A CAW H2   sing N N 109 
E0A CAW H3   sing N N 110 
E0A CAV H4   sing N N 111 
E0A CAV H5   sing N N 112 
E0A CAS H6   sing N N 113 
E0A CAS H7   sing N N 114 
E0A CAR H8   sing N N 115 
E0A CAR H9   sing N N 116 
E0A NAP H10  sing N N 117 
E0A CAB H11  sing N N 118 
E0A CAA H12  sing N N 119 
E0A CAG H13  sing N N 120 
E0A CAH H14  sing N N 121 
E0A CAI H15  sing N N 122 
E0A CAN H16  sing N N 123 
E0A CAN H17  sing N N 124 
E0A CAO H18  sing N N 125 
E0A CAO H19  sing N N 126 
E0A CAO H20  sing N N 127 
EDO C1  O1   sing N N 128 
EDO C1  C2   sing N N 129 
EDO C1  H11  sing N N 130 
EDO C1  H12  sing N N 131 
EDO O1  HO1  sing N N 132 
EDO C2  O2   sing N N 133 
EDO C2  H21  sing N N 134 
EDO C2  H22  sing N N 135 
EDO O2  HO2  sing N N 136 
GLN N   CA   sing N N 137 
GLN N   H    sing N N 138 
GLN N   H2   sing N N 139 
GLN CA  C    sing N N 140 
GLN CA  CB   sing N N 141 
GLN CA  HA   sing N N 142 
GLN C   O    doub N N 143 
GLN C   OXT  sing N N 144 
GLN CB  CG   sing N N 145 
GLN CB  HB2  sing N N 146 
GLN CB  HB3  sing N N 147 
GLN CG  CD   sing N N 148 
GLN CG  HG2  sing N N 149 
GLN CG  HG3  sing N N 150 
GLN CD  OE1  doub N N 151 
GLN CD  NE2  sing N N 152 
GLN NE2 HE21 sing N N 153 
GLN NE2 HE22 sing N N 154 
GLN OXT HXT  sing N N 155 
GLU N   CA   sing N N 156 
GLU N   H    sing N N 157 
GLU N   H2   sing N N 158 
GLU CA  C    sing N N 159 
GLU CA  CB   sing N N 160 
GLU CA  HA   sing N N 161 
GLU C   O    doub N N 162 
GLU C   OXT  sing N N 163 
GLU CB  CG   sing N N 164 
GLU CB  HB2  sing N N 165 
GLU CB  HB3  sing N N 166 
GLU CG  CD   sing N N 167 
GLU CG  HG2  sing N N 168 
GLU CG  HG3  sing N N 169 
GLU CD  OE1  doub N N 170 
GLU CD  OE2  sing N N 171 
GLU OE2 HE2  sing N N 172 
GLU OXT HXT  sing N N 173 
GLY N   CA   sing N N 174 
GLY N   H    sing N N 175 
GLY N   H2   sing N N 176 
GLY CA  C    sing N N 177 
GLY CA  HA2  sing N N 178 
GLY CA  HA3  sing N N 179 
GLY C   O    doub N N 180 
GLY C   OXT  sing N N 181 
GLY OXT HXT  sing N N 182 
GOL C1  O1   sing N N 183 
GOL C1  C2   sing N N 184 
GOL C1  H11  sing N N 185 
GOL C1  H12  sing N N 186 
GOL O1  HO1  sing N N 187 
GOL C2  O2   sing N N 188 
GOL C2  C3   sing N N 189 
GOL C2  H2   sing N N 190 
GOL O2  HO2  sing N N 191 
GOL C3  O3   sing N N 192 
GOL C3  H31  sing N N 193 
GOL C3  H32  sing N N 194 
GOL O3  HO3  sing N N 195 
HIS N   CA   sing N N 196 
HIS N   H    sing N N 197 
HIS N   H2   sing N N 198 
HIS CA  C    sing N N 199 
HIS CA  CB   sing N N 200 
HIS CA  HA   sing N N 201 
HIS C   O    doub N N 202 
HIS C   OXT  sing N N 203 
HIS CB  CG   sing N N 204 
HIS CB  HB2  sing N N 205 
HIS CB  HB3  sing N N 206 
HIS CG  ND1  sing Y N 207 
HIS CG  CD2  doub Y N 208 
HIS ND1 CE1  doub Y N 209 
HIS ND1 HD1  sing N N 210 
HIS CD2 NE2  sing Y N 211 
HIS CD2 HD2  sing N N 212 
HIS CE1 NE2  sing Y N 213 
HIS CE1 HE1  sing N N 214 
HIS NE2 HE2  sing N N 215 
HIS OXT HXT  sing N N 216 
HOH O   H1   sing N N 217 
HOH O   H2   sing N N 218 
ILE N   CA   sing N N 219 
ILE N   H    sing N N 220 
ILE N   H2   sing N N 221 
ILE CA  C    sing N N 222 
ILE CA  CB   sing N N 223 
ILE CA  HA   sing N N 224 
ILE C   O    doub N N 225 
ILE C   OXT  sing N N 226 
ILE CB  CG1  sing N N 227 
ILE CB  CG2  sing N N 228 
ILE CB  HB   sing N N 229 
ILE CG1 CD1  sing N N 230 
ILE CG1 HG12 sing N N 231 
ILE CG1 HG13 sing N N 232 
ILE CG2 HG21 sing N N 233 
ILE CG2 HG22 sing N N 234 
ILE CG2 HG23 sing N N 235 
ILE CD1 HD11 sing N N 236 
ILE CD1 HD12 sing N N 237 
ILE CD1 HD13 sing N N 238 
ILE OXT HXT  sing N N 239 
LEU N   CA   sing N N 240 
LEU N   H    sing N N 241 
LEU N   H2   sing N N 242 
LEU CA  C    sing N N 243 
LEU CA  CB   sing N N 244 
LEU CA  HA   sing N N 245 
LEU C   O    doub N N 246 
LEU C   OXT  sing N N 247 
LEU CB  CG   sing N N 248 
LEU CB  HB2  sing N N 249 
LEU CB  HB3  sing N N 250 
LEU CG  CD1  sing N N 251 
LEU CG  CD2  sing N N 252 
LEU CG  HG   sing N N 253 
LEU CD1 HD11 sing N N 254 
LEU CD1 HD12 sing N N 255 
LEU CD1 HD13 sing N N 256 
LEU CD2 HD21 sing N N 257 
LEU CD2 HD22 sing N N 258 
LEU CD2 HD23 sing N N 259 
LEU OXT HXT  sing N N 260 
LYS N   CA   sing N N 261 
LYS N   H    sing N N 262 
LYS N   H2   sing N N 263 
LYS CA  C    sing N N 264 
LYS CA  CB   sing N N 265 
LYS CA  HA   sing N N 266 
LYS C   O    doub N N 267 
LYS C   OXT  sing N N 268 
LYS CB  CG   sing N N 269 
LYS CB  HB2  sing N N 270 
LYS CB  HB3  sing N N 271 
LYS CG  CD   sing N N 272 
LYS CG  HG2  sing N N 273 
LYS CG  HG3  sing N N 274 
LYS CD  CE   sing N N 275 
LYS CD  HD2  sing N N 276 
LYS CD  HD3  sing N N 277 
LYS CE  NZ   sing N N 278 
LYS CE  HE2  sing N N 279 
LYS CE  HE3  sing N N 280 
LYS NZ  HZ1  sing N N 281 
LYS NZ  HZ2  sing N N 282 
LYS NZ  HZ3  sing N N 283 
LYS OXT HXT  sing N N 284 
MET N   CA   sing N N 285 
MET N   H    sing N N 286 
MET N   H2   sing N N 287 
MET CA  C    sing N N 288 
MET CA  CB   sing N N 289 
MET CA  HA   sing N N 290 
MET C   O    doub N N 291 
MET C   OXT  sing N N 292 
MET CB  CG   sing N N 293 
MET CB  HB2  sing N N 294 
MET CB  HB3  sing N N 295 
MET CG  SD   sing N N 296 
MET CG  HG2  sing N N 297 
MET CG  HG3  sing N N 298 
MET SD  CE   sing N N 299 
MET CE  HE1  sing N N 300 
MET CE  HE2  sing N N 301 
MET CE  HE3  sing N N 302 
MET OXT HXT  sing N N 303 
PHE N   CA   sing N N 304 
PHE N   H    sing N N 305 
PHE N   H2   sing N N 306 
PHE CA  C    sing N N 307 
PHE CA  CB   sing N N 308 
PHE CA  HA   sing N N 309 
PHE C   O    doub N N 310 
PHE C   OXT  sing N N 311 
PHE CB  CG   sing N N 312 
PHE CB  HB2  sing N N 313 
PHE CB  HB3  sing N N 314 
PHE CG  CD1  doub Y N 315 
PHE CG  CD2  sing Y N 316 
PHE CD1 CE1  sing Y N 317 
PHE CD1 HD1  sing N N 318 
PHE CD2 CE2  doub Y N 319 
PHE CD2 HD2  sing N N 320 
PHE CE1 CZ   doub Y N 321 
PHE CE1 HE1  sing N N 322 
PHE CE2 CZ   sing Y N 323 
PHE CE2 HE2  sing N N 324 
PHE CZ  HZ   sing N N 325 
PHE OXT HXT  sing N N 326 
PRO N   CA   sing N N 327 
PRO N   CD   sing N N 328 
PRO N   H    sing N N 329 
PRO CA  C    sing N N 330 
PRO CA  CB   sing N N 331 
PRO CA  HA   sing N N 332 
PRO C   O    doub N N 333 
PRO C   OXT  sing N N 334 
PRO CB  CG   sing N N 335 
PRO CB  HB2  sing N N 336 
PRO CB  HB3  sing N N 337 
PRO CG  CD   sing N N 338 
PRO CG  HG2  sing N N 339 
PRO CG  HG3  sing N N 340 
PRO CD  HD2  sing N N 341 
PRO CD  HD3  sing N N 342 
PRO OXT HXT  sing N N 343 
SER N   CA   sing N N 344 
SER N   H    sing N N 345 
SER N   H2   sing N N 346 
SER CA  C    sing N N 347 
SER CA  CB   sing N N 348 
SER CA  HA   sing N N 349 
SER C   O    doub N N 350 
SER C   OXT  sing N N 351 
SER CB  OG   sing N N 352 
SER CB  HB2  sing N N 353 
SER CB  HB3  sing N N 354 
SER OG  HG   sing N N 355 
SER OXT HXT  sing N N 356 
THR N   CA   sing N N 357 
THR N   H    sing N N 358 
THR N   H2   sing N N 359 
THR CA  C    sing N N 360 
THR CA  CB   sing N N 361 
THR CA  HA   sing N N 362 
THR C   O    doub N N 363 
THR C   OXT  sing N N 364 
THR CB  OG1  sing N N 365 
THR CB  CG2  sing N N 366 
THR CB  HB   sing N N 367 
THR OG1 HG1  sing N N 368 
THR CG2 HG21 sing N N 369 
THR CG2 HG22 sing N N 370 
THR CG2 HG23 sing N N 371 
THR OXT HXT  sing N N 372 
TRP N   CA   sing N N 373 
TRP N   H    sing N N 374 
TRP N   H2   sing N N 375 
TRP CA  C    sing N N 376 
TRP CA  CB   sing N N 377 
TRP CA  HA   sing N N 378 
TRP C   O    doub N N 379 
TRP C   OXT  sing N N 380 
TRP CB  CG   sing N N 381 
TRP CB  HB2  sing N N 382 
TRP CB  HB3  sing N N 383 
TRP CG  CD1  doub Y N 384 
TRP CG  CD2  sing Y N 385 
TRP CD1 NE1  sing Y N 386 
TRP CD1 HD1  sing N N 387 
TRP CD2 CE2  doub Y N 388 
TRP CD2 CE3  sing Y N 389 
TRP NE1 CE2  sing Y N 390 
TRP NE1 HE1  sing N N 391 
TRP CE2 CZ2  sing Y N 392 
TRP CE3 CZ3  doub Y N 393 
TRP CE3 HE3  sing N N 394 
TRP CZ2 CH2  doub Y N 395 
TRP CZ2 HZ2  sing N N 396 
TRP CZ3 CH2  sing Y N 397 
TRP CZ3 HZ3  sing N N 398 
TRP CH2 HH2  sing N N 399 
TRP OXT HXT  sing N N 400 
TYR N   CA   sing N N 401 
TYR N   H    sing N N 402 
TYR N   H2   sing N N 403 
TYR CA  C    sing N N 404 
TYR CA  CB   sing N N 405 
TYR CA  HA   sing N N 406 
TYR C   O    doub N N 407 
TYR C   OXT  sing N N 408 
TYR CB  CG   sing N N 409 
TYR CB  HB2  sing N N 410 
TYR CB  HB3  sing N N 411 
TYR CG  CD1  doub Y N 412 
TYR CG  CD2  sing Y N 413 
TYR CD1 CE1  sing Y N 414 
TYR CD1 HD1  sing N N 415 
TYR CD2 CE2  doub Y N 416 
TYR CD2 HD2  sing N N 417 
TYR CE1 CZ   doub Y N 418 
TYR CE1 HE1  sing N N 419 
TYR CE2 CZ   sing Y N 420 
TYR CE2 HE2  sing N N 421 
TYR CZ  OH   sing N N 422 
TYR OH  HH   sing N N 423 
TYR OXT HXT  sing N N 424 
VAL N   CA   sing N N 425 
VAL N   H    sing N N 426 
VAL N   H2   sing N N 427 
VAL CA  C    sing N N 428 
VAL CA  CB   sing N N 429 
VAL CA  HA   sing N N 430 
VAL C   O    doub N N 431 
VAL C   OXT  sing N N 432 
VAL CB  CG1  sing N N 433 
VAL CB  CG2  sing N N 434 
VAL CB  HB   sing N N 435 
VAL CG1 HG11 sing N N 436 
VAL CG1 HG12 sing N N 437 
VAL CG1 HG13 sing N N 438 
VAL CG2 HG21 sing N N 439 
VAL CG2 HG22 sing N N 440 
VAL CG2 HG23 sing N N 441 
VAL OXT HXT  sing N N 442 
# 
loop_
_pdbx_entity_nonpoly.entity_id 
_pdbx_entity_nonpoly.name 
_pdbx_entity_nonpoly.comp_id 
2 GLYCEROL                                                               GOL 
3 'N-(1-ethyl-2-oxo-1,2-dihydrobenzo[cd]indol-6-yl)butane-1-sulfonamide' E0A 
4 1,2-ETHANEDIOL                                                         EDO 
5 water                                                                  HOH 
# 
_pdbx_initial_refinement_model.id               1 
_pdbx_initial_refinement_model.entity_id_list   ? 
_pdbx_initial_refinement_model.type             'experimental model' 
_pdbx_initial_refinement_model.source_name      PDB 
_pdbx_initial_refinement_model.accession_code   3MXF 
_pdbx_initial_refinement_model.details          ? 
# 
